data_4UP0
# 
_entry.id   4UP0 
# 
_audit_conform.dict_name       mmcif_pdbx.dic 
_audit_conform.dict_version    5.383 
_audit_conform.dict_location   http://mmcif.pdb.org/dictionaries/ascii/mmcif_pdbx.dic 
# 
loop_
_database_2.database_id 
_database_2.database_code 
_database_2.pdbx_database_accession 
_database_2.pdbx_DOI 
PDB   4UP0         pdb_00004up0 10.2210/pdb4up0/pdb 
PDBE  EBI-60877    ?            ?                   
WWPDB D_1290060877 ?            ?                   
# 
loop_
_pdbx_audit_revision_history.ordinal 
_pdbx_audit_revision_history.data_content_type 
_pdbx_audit_revision_history.major_revision 
_pdbx_audit_revision_history.minor_revision 
_pdbx_audit_revision_history.revision_date 
1 'Structure model' 1 0 2014-11-05 
2 'Structure model' 1 1 2015-01-14 
3 'Structure model' 1 2 2024-01-10 
# 
_pdbx_audit_revision_details.ordinal             1 
_pdbx_audit_revision_details.revision_ordinal    1 
_pdbx_audit_revision_details.data_content_type   'Structure model' 
_pdbx_audit_revision_details.provider            repository 
_pdbx_audit_revision_details.type                'Initial release' 
_pdbx_audit_revision_details.description         ? 
_pdbx_audit_revision_details.details             ? 
# 
loop_
_pdbx_audit_revision_group.ordinal 
_pdbx_audit_revision_group.revision_ordinal 
_pdbx_audit_revision_group.data_content_type 
_pdbx_audit_revision_group.group 
1 2 'Structure model' 'Database references'    
2 3 'Structure model' 'Data collection'        
3 3 'Structure model' 'Database references'    
4 3 'Structure model' 'Derived calculations'   
5 3 'Structure model' Other                    
6 3 'Structure model' 'Refinement description' 
# 
loop_
_pdbx_audit_revision_category.ordinal 
_pdbx_audit_revision_category.revision_ordinal 
_pdbx_audit_revision_category.data_content_type 
_pdbx_audit_revision_category.category 
1 3 'Structure model' chem_comp_atom                
2 3 'Structure model' chem_comp_bond                
3 3 'Structure model' database_2                    
4 3 'Structure model' pdbx_database_status          
5 3 'Structure model' pdbx_initial_refinement_model 
6 3 'Structure model' pdbx_struct_conn_angle        
7 3 'Structure model' struct_conn                   
8 3 'Structure model' struct_conn_type              
9 3 'Structure model' struct_site                   
# 
loop_
_pdbx_audit_revision_item.ordinal 
_pdbx_audit_revision_item.revision_ordinal 
_pdbx_audit_revision_item.data_content_type 
_pdbx_audit_revision_item.item 
1  3 'Structure model' '_database_2.pdbx_DOI'                       
2  3 'Structure model' '_database_2.pdbx_database_accession'        
3  3 'Structure model' '_pdbx_database_status.status_code_sf'       
4  3 'Structure model' '_pdbx_struct_conn_angle.ptnr1_auth_seq_id'  
5  3 'Structure model' '_pdbx_struct_conn_angle.ptnr1_label_seq_id' 
6  3 'Structure model' '_pdbx_struct_conn_angle.ptnr3_auth_seq_id'  
7  3 'Structure model' '_pdbx_struct_conn_angle.ptnr3_label_seq_id' 
8  3 'Structure model' '_pdbx_struct_conn_angle.value'              
9  3 'Structure model' '_struct_conn.conn_type_id'                  
10 3 'Structure model' '_struct_conn.id'                            
11 3 'Structure model' '_struct_conn.pdbx_dist_value'               
12 3 'Structure model' '_struct_conn.pdbx_leaving_atom_flag'        
13 3 'Structure model' '_struct_conn.ptnr1_auth_asym_id'            
14 3 'Structure model' '_struct_conn.ptnr1_auth_comp_id'            
15 3 'Structure model' '_struct_conn.ptnr1_auth_seq_id'             
16 3 'Structure model' '_struct_conn.ptnr1_label_asym_id'           
17 3 'Structure model' '_struct_conn.ptnr1_label_atom_id'           
18 3 'Structure model' '_struct_conn.ptnr1_label_comp_id'           
19 3 'Structure model' '_struct_conn.ptnr1_label_seq_id'            
20 3 'Structure model' '_struct_conn.ptnr2_auth_asym_id'            
21 3 'Structure model' '_struct_conn.ptnr2_auth_comp_id'            
22 3 'Structure model' '_struct_conn.ptnr2_auth_seq_id'             
23 3 'Structure model' '_struct_conn.ptnr2_label_asym_id'           
24 3 'Structure model' '_struct_conn.ptnr2_label_atom_id'           
25 3 'Structure model' '_struct_conn.ptnr2_label_comp_id'           
26 3 'Structure model' '_struct_conn.ptnr2_label_seq_id'            
27 3 'Structure model' '_struct_conn_type.id'                       
28 3 'Structure model' '_struct_site.pdbx_auth_asym_id'             
29 3 'Structure model' '_struct_site.pdbx_auth_comp_id'             
30 3 'Structure model' '_struct_site.pdbx_auth_seq_id'              
# 
_pdbx_database_status.status_code                     REL 
_pdbx_database_status.entry_id                        4UP0 
_pdbx_database_status.deposit_site                    PDBE 
_pdbx_database_status.process_site                    PDBE 
_pdbx_database_status.SG_entry                        . 
_pdbx_database_status.recvd_initial_deposition_date   2014-06-11 
_pdbx_database_status.pdb_format_compatible           Y 
_pdbx_database_status.status_code_sf                  REL 
_pdbx_database_status.status_code_mr                  ? 
_pdbx_database_status.status_code_cs                  ? 
_pdbx_database_status.methods_development_category    ? 
_pdbx_database_status.status_code_nmr_data            ? 
# 
loop_
_audit_author.name 
_audit_author.pdbx_ordinal 
'Miller, T.C.R.'   1 
'Fiedler, M.'      2 
'Rutherford, T.J.' 3 
'Birchall, K.'     4 
'Chugh, J.'        5 
'Bienz, M.'        6 
# 
_citation.id                        primary 
_citation.title                     'Competitive Binding of a Benzimidazole to the Histone-Binding Pocket of the Pygo Phd Finger.' 
_citation.journal_abbrev            'Acs Chem.Biol.' 
_citation.journal_volume            9 
_citation.page_first                2864 
_citation.page_last                 ? 
_citation.year                      2014 
_citation.journal_id_ASTM           ? 
_citation.country                   US 
_citation.journal_id_ISSN           1554-8929 
_citation.journal_id_CSD            ? 
_citation.book_publisher            ? 
_citation.pdbx_database_id_PubMed   25323450 
_citation.pdbx_database_id_DOI      10.1021/CB500585S 
# 
loop_
_citation_author.citation_id 
_citation_author.name 
_citation_author.ordinal 
_citation_author.identifier_ORCID 
primary 'Miller, T.C.R.'   1 ? 
primary 'Rutherford, T.J.' 2 ? 
primary 'Birchall, K.'     3 ? 
primary 'Chugh, J.'        4 ? 
primary 'Fiedler, M.'      5 ? 
primary 'Bienz, M.'        6 ? 
# 
loop_
_entity.id 
_entity.type 
_entity.src_method 
_entity.pdbx_description 
_entity.formula_weight 
_entity.pdbx_number_of_molecules 
_entity.pdbx_ec 
_entity.pdbx_mutation 
_entity.pdbx_fragment 
_entity.details 
1 polymer     man 'PYGOPUS HOMOLOG 2, B-CELL CLL/LYMPHOMA 9-LIKE PROTEIN' 10537.676 1  ? ? 
'PHD FINGER, HD1,RESIDUES 327-387,235-263' ?                               
2 polymer     syn 'HISTONE H3.1'                                          1633.872  1  ? ? 'RESIDUES 2-16' 
'DIMETHYLATED LYSINE 4 - K4ME2' 
3 non-polymer syn 'ZINC ION'                                              65.409    2  ? ? ? ?                               
4 water       nat water                                                   18.015    94 ? ? ? ?                               
# 
_entity_name_com.entity_id   1 
_entity_name_com.name        'PYGO2, B9L, B-CELL LYMPHOMA 9-LIKE PROTEIN, BCL9-LIKE PROTEIN, PROTEIN BCL9-2' 
# 
loop_
_entity_poly.entity_id 
_entity_poly.type 
_entity_poly.nstd_linkage 
_entity_poly.nstd_monomer 
_entity_poly.pdbx_seq_one_letter_code 
_entity_poly.pdbx_seq_one_letter_code_can 
_entity_poly.pdbx_strand_id 
_entity_poly.pdbx_target_identifier 
1 'polypeptide(L)' no no  
;GVYPCGACRSEVNDDQDAILCEASCQKWFHRECTGMTESAYGLLTTEASAVWACDLCLKTKEGSGSGSGSVYVFTTHLAN
TAAEAVLQGRADSILAYHQ
;
;GVYPCGACRSEVNDDQDAILCEASCQKWFHRECTGMTESAYGLLTTEASAVWACDLCLKTKEGSGSGSGSVYVFTTHLAN
TAAEAVLQGRADSILAYHQ
;
A ? 
2 'polypeptide(L)' no yes 'ART(MLY)QTAR(ALY)STGGKA'                                                                              
ARTKQTARKSTGGKA                                                                                        F ? 
# 
loop_
_pdbx_entity_nonpoly.entity_id 
_pdbx_entity_nonpoly.name 
_pdbx_entity_nonpoly.comp_id 
3 'ZINC ION' ZN  
4 water      HOH 
# 
loop_
_entity_poly_seq.entity_id 
_entity_poly_seq.num 
_entity_poly_seq.mon_id 
_entity_poly_seq.hetero 
1 1  GLY n 
1 2  VAL n 
1 3  TYR n 
1 4  PRO n 
1 5  CYS n 
1 6  GLY n 
1 7  ALA n 
1 8  CYS n 
1 9  ARG n 
1 10 SER n 
1 11 GLU n 
1 12 VAL n 
1 13 ASN n 
1 14 ASP n 
1 15 ASP n 
1 16 GLN n 
1 17 ASP n 
1 18 ALA n 
1 19 ILE n 
1 20 LEU n 
1 21 CYS n 
1 22 GLU n 
1 23 ALA n 
1 24 SER n 
1 25 CYS n 
1 26 GLN n 
1 27 LYS n 
1 28 TRP n 
1 29 PHE n 
1 30 HIS n 
1 31 ARG n 
1 32 GLU n 
1 33 CYS n 
1 34 THR n 
1 35 GLY n 
1 36 MET n 
1 37 THR n 
1 38 GLU n 
1 39 SER n 
1 40 ALA n 
1 41 TYR n 
1 42 GLY n 
1 43 LEU n 
1 44 LEU n 
1 45 THR n 
1 46 THR n 
1 47 GLU n 
1 48 ALA n 
1 49 SER n 
1 50 ALA n 
1 51 VAL n 
1 52 TRP n 
1 53 ALA n 
1 54 CYS n 
1 55 ASP n 
1 56 LEU n 
1 57 CYS n 
1 58 LEU n 
1 59 LYS n 
1 60 THR n 
1 61 LYS n 
1 62 GLU n 
1 63 GLY n 
1 64 SER n 
1 65 GLY n 
1 66 SER n 
1 67 GLY n 
1 68 SER n 
1 69 GLY n 
1 70 SER n 
1 71 VAL n 
1 72 TYR n 
1 73 VAL n 
1 74 PHE n 
1 75 THR n 
1 76 THR n 
1 77 HIS n 
1 78 LEU n 
1 79 ALA n 
1 80 ASN n 
1 81 THR n 
1 82 ALA n 
1 83 ALA n 
1 84 GLU n 
1 85 ALA n 
1 86 VAL n 
1 87 LEU n 
1 88 GLN n 
1 89 GLY n 
1 90 ARG n 
1 91 ALA n 
1 92 ASP n 
1 93 SER n 
1 94 ILE n 
1 95 LEU n 
1 96 ALA n 
1 97 TYR n 
1 98 HIS n 
1 99 GLN n 
2 1  ALA n 
2 2  ARG n 
2 3  THR n 
2 4  MLY n 
2 5  GLN n 
2 6  THR n 
2 7  ALA n 
2 8  ARG n 
2 9  ALY n 
2 10 SER n 
2 11 THR n 
2 12 GLY n 
2 13 GLY n 
2 14 LYS n 
2 15 ALA n 
# 
_entity_src_gen.entity_id                          1 
_entity_src_gen.pdbx_src_id                        1 
_entity_src_gen.pdbx_alt_source_flag               sample 
_entity_src_gen.pdbx_seq_type                      ? 
_entity_src_gen.pdbx_beg_seq_num                   ? 
_entity_src_gen.pdbx_end_seq_num                   ? 
_entity_src_gen.gene_src_common_name               HUMAN 
_entity_src_gen.gene_src_genus                     ? 
_entity_src_gen.pdbx_gene_src_gene                 ? 
_entity_src_gen.gene_src_species                   ? 
_entity_src_gen.gene_src_strain                    ? 
_entity_src_gen.gene_src_tissue                    ? 
_entity_src_gen.gene_src_tissue_fraction           ? 
_entity_src_gen.gene_src_details                   ? 
_entity_src_gen.pdbx_gene_src_fragment             ? 
_entity_src_gen.pdbx_gene_src_scientific_name      'HOMO SAPIENS' 
_entity_src_gen.pdbx_gene_src_ncbi_taxonomy_id     9606 
_entity_src_gen.pdbx_gene_src_variant              ? 
_entity_src_gen.pdbx_gene_src_cell_line            ? 
_entity_src_gen.pdbx_gene_src_atcc                 ? 
_entity_src_gen.pdbx_gene_src_organ                ? 
_entity_src_gen.pdbx_gene_src_organelle            ? 
_entity_src_gen.pdbx_gene_src_cell                 ? 
_entity_src_gen.pdbx_gene_src_cellular_location    ? 
_entity_src_gen.host_org_common_name               ? 
_entity_src_gen.pdbx_host_org_scientific_name      'ESCHERICHIA COLI' 
_entity_src_gen.pdbx_host_org_ncbi_taxonomy_id     469008 
_entity_src_gen.host_org_genus                     ? 
_entity_src_gen.pdbx_host_org_gene                 ? 
_entity_src_gen.pdbx_host_org_organ                ? 
_entity_src_gen.host_org_species                   ? 
_entity_src_gen.pdbx_host_org_tissue               ? 
_entity_src_gen.pdbx_host_org_tissue_fraction      ? 
_entity_src_gen.pdbx_host_org_strain               'BL21(DE3)' 
_entity_src_gen.pdbx_host_org_variant              'CODONPLUS RIL' 
_entity_src_gen.pdbx_host_org_cell_line            ? 
_entity_src_gen.pdbx_host_org_atcc                 ? 
_entity_src_gen.pdbx_host_org_culture_collection   ? 
_entity_src_gen.pdbx_host_org_cell                 ? 
_entity_src_gen.pdbx_host_org_organelle            ? 
_entity_src_gen.pdbx_host_org_cellular_location    ? 
_entity_src_gen.pdbx_host_org_vector_type          PLASMID 
_entity_src_gen.pdbx_host_org_vector               ? 
_entity_src_gen.host_org_details                   ? 
_entity_src_gen.expression_system_id               ? 
_entity_src_gen.plasmid_name                       PETM11 
_entity_src_gen.plasmid_details                    ? 
_entity_src_gen.pdbx_description                   ? 
# 
_pdbx_entity_src_syn.entity_id              2 
_pdbx_entity_src_syn.pdbx_src_id            1 
_pdbx_entity_src_syn.pdbx_alt_source_flag   sample 
_pdbx_entity_src_syn.pdbx_beg_seq_num       ? 
_pdbx_entity_src_syn.pdbx_end_seq_num       ? 
_pdbx_entity_src_syn.organism_scientific    'HOMO SAPIENS' 
_pdbx_entity_src_syn.organism_common_name   HUMAN 
_pdbx_entity_src_syn.ncbi_taxonomy_id       9606 
_pdbx_entity_src_syn.details                ? 
# 
loop_
_chem_comp.id 
_chem_comp.type 
_chem_comp.mon_nstd_flag 
_chem_comp.name 
_chem_comp.pdbx_synonyms 
_chem_comp.formula 
_chem_comp.formula_weight 
ALA 'L-peptide linking' y ALANINE             ? 'C3 H7 N O2'     89.093  
ALY 'L-peptide linking' n 'N(6)-ACETYLLYSINE' ? 'C8 H16 N2 O3'   188.224 
ARG 'L-peptide linking' y ARGININE            ? 'C6 H15 N4 O2 1' 175.209 
ASN 'L-peptide linking' y ASPARAGINE          ? 'C4 H8 N2 O3'    132.118 
ASP 'L-peptide linking' y 'ASPARTIC ACID'     ? 'C4 H7 N O4'     133.103 
CYS 'L-peptide linking' y CYSTEINE            ? 'C3 H7 N O2 S'   121.158 
GLN 'L-peptide linking' y GLUTAMINE           ? 'C5 H10 N2 O3'   146.144 
GLU 'L-peptide linking' y 'GLUTAMIC ACID'     ? 'C5 H9 N O4'     147.129 
GLY 'peptide linking'   y GLYCINE             ? 'C2 H5 N O2'     75.067  
HIS 'L-peptide linking' y HISTIDINE           ? 'C6 H10 N3 O2 1' 156.162 
HOH non-polymer         . WATER               ? 'H2 O'           18.015  
ILE 'L-peptide linking' y ISOLEUCINE          ? 'C6 H13 N O2'    131.173 
LEU 'L-peptide linking' y LEUCINE             ? 'C6 H13 N O2'    131.173 
LYS 'L-peptide linking' y LYSINE              ? 'C6 H15 N2 O2 1' 147.195 
MET 'L-peptide linking' y METHIONINE          ? 'C5 H11 N O2 S'  149.211 
MLY 'L-peptide linking' n N-DIMETHYL-LYSINE   ? 'C8 H18 N2 O2'   174.241 
PHE 'L-peptide linking' y PHENYLALANINE       ? 'C9 H11 N O2'    165.189 
PRO 'L-peptide linking' y PROLINE             ? 'C5 H9 N O2'     115.130 
SER 'L-peptide linking' y SERINE              ? 'C3 H7 N O3'     105.093 
THR 'L-peptide linking' y THREONINE           ? 'C4 H9 N O3'     119.119 
TRP 'L-peptide linking' y TRYPTOPHAN          ? 'C11 H12 N2 O2'  204.225 
TYR 'L-peptide linking' y TYROSINE            ? 'C9 H11 N O3'    181.189 
VAL 'L-peptide linking' y VALINE              ? 'C5 H11 N O2'    117.146 
ZN  non-polymer         . 'ZINC ION'          ? 'Zn 2'           65.409  
# 
loop_
_pdbx_poly_seq_scheme.asym_id 
_pdbx_poly_seq_scheme.entity_id 
_pdbx_poly_seq_scheme.seq_id 
_pdbx_poly_seq_scheme.mon_id 
_pdbx_poly_seq_scheme.ndb_seq_num 
_pdbx_poly_seq_scheme.pdb_seq_num 
_pdbx_poly_seq_scheme.auth_seq_num 
_pdbx_poly_seq_scheme.pdb_mon_id 
_pdbx_poly_seq_scheme.auth_mon_id 
_pdbx_poly_seq_scheme.pdb_strand_id 
_pdbx_poly_seq_scheme.pdb_ins_code 
_pdbx_poly_seq_scheme.hetero 
A 1 1  GLY 1  326  326  GLY GLY A . n 
A 1 2  VAL 2  327  327  VAL VAL A . n 
A 1 3  TYR 3  328  328  TYR TYR A . n 
A 1 4  PRO 4  329  329  PRO PRO A . n 
A 1 5  CYS 5  330  330  CYS CYS A . n 
A 1 6  GLY 6  331  331  GLY GLY A . n 
A 1 7  ALA 7  332  332  ALA ALA A . n 
A 1 8  CYS 8  333  333  CYS CYS A . n 
A 1 9  ARG 9  334  334  ARG ARG A . n 
A 1 10 SER 10 335  335  SER SER A . n 
A 1 11 GLU 11 336  336  GLU GLU A . n 
A 1 12 VAL 12 337  337  VAL VAL A . n 
A 1 13 ASN 13 338  338  ASN ASN A . n 
A 1 14 ASP 14 339  339  ASP ASP A . n 
A 1 15 ASP 15 340  340  ASP ASP A . n 
A 1 16 GLN 16 341  341  GLN GLN A . n 
A 1 17 ASP 17 342  342  ASP ASP A . n 
A 1 18 ALA 18 343  343  ALA ALA A . n 
A 1 19 ILE 19 344  344  ILE ILE A . n 
A 1 20 LEU 20 345  345  LEU LEU A . n 
A 1 21 CYS 21 346  346  CYS CYS A . n 
A 1 22 GLU 22 347  347  GLU GLU A . n 
A 1 23 ALA 23 348  348  ALA ALA A . n 
A 1 24 SER 24 349  349  SER SER A . n 
A 1 25 CYS 25 350  350  CYS CYS A . n 
A 1 26 GLN 26 351  351  GLN GLN A . n 
A 1 27 LYS 27 352  352  LYS LYS A . n 
A 1 28 TRP 28 353  353  TRP TRP A . n 
A 1 29 PHE 29 354  354  PHE PHE A . n 
A 1 30 HIS 30 355  355  HIS HIS A . n 
A 1 31 ARG 31 356  356  ARG ARG A . n 
A 1 32 GLU 32 357  357  GLU GLU A . n 
A 1 33 CYS 33 358  358  CYS CYS A . n 
A 1 34 THR 34 359  359  THR THR A . n 
A 1 35 GLY 35 360  360  GLY GLY A . n 
A 1 36 MET 36 361  361  MET MET A . n 
A 1 37 THR 37 362  362  THR THR A . n 
A 1 38 GLU 38 363  363  GLU GLU A . n 
A 1 39 SER 39 364  364  SER SER A . n 
A 1 40 ALA 40 365  365  ALA ALA A . n 
A 1 41 TYR 41 366  366  TYR TYR A . n 
A 1 42 GLY 42 367  367  GLY GLY A . n 
A 1 43 LEU 43 368  368  LEU LEU A . n 
A 1 44 LEU 44 369  369  LEU LEU A . n 
A 1 45 THR 45 370  370  THR THR A . n 
A 1 46 THR 46 371  371  THR THR A . n 
A 1 47 GLU 47 372  372  GLU GLU A . n 
A 1 48 ALA 48 373  373  ALA ALA A . n 
A 1 49 SER 49 374  374  SER SER A . n 
A 1 50 ALA 50 375  375  ALA ALA A . n 
A 1 51 VAL 51 376  376  VAL VAL A . n 
A 1 52 TRP 52 377  377  TRP TRP A . n 
A 1 53 ALA 53 378  378  ALA ALA A . n 
A 1 54 CYS 54 379  379  CYS CYS A . n 
A 1 55 ASP 55 380  380  ASP ASP A . n 
A 1 56 LEU 56 381  381  LEU LEU A . n 
A 1 57 CYS 57 382  382  CYS CYS A . n 
A 1 58 LEU 58 383  ?    ?   ?   A . n 
A 1 59 LYS 59 384  ?    ?   ?   A . n 
A 1 60 THR 60 385  ?    ?   ?   A . n 
A 1 61 LYS 61 386  ?    ?   ?   A . n 
A 1 62 GLU 62 387  ?    ?   ?   A . n 
A 1 63 GLY 63 388  ?    ?   ?   A . n 
A 1 64 SER 64 389  ?    ?   ?   A . n 
A 1 65 GLY 65 390  ?    ?   ?   A . n 
A 1 66 SER 66 391  ?    ?   ?   A . n 
A 1 67 GLY 67 392  ?    ?   ?   A . n 
A 1 68 SER 68 393  ?    ?   ?   A . n 
A 1 69 GLY 69 394  ?    ?   ?   A . n 
A 1 70 SER 70 395  ?    ?   ?   A . n 
A 1 71 VAL 71 1235 1235 VAL VAL A . n 
A 1 72 TYR 72 1236 1236 TYR TYR A . n 
A 1 73 VAL 73 1237 1237 VAL VAL A . n 
A 1 74 PHE 74 1238 1238 PHE PHE A . n 
A 1 75 THR 75 1239 1239 THR THR A . n 
A 1 76 THR 76 1240 1240 THR THR A . n 
A 1 77 HIS 77 1241 1241 HIS HIS A . n 
A 1 78 LEU 78 1242 1242 LEU LEU A . n 
A 1 79 ALA 79 1243 1243 ALA ALA A . n 
A 1 80 ASN 80 1244 1244 ASN ASN A . n 
A 1 81 THR 81 1245 1245 THR THR A . n 
A 1 82 ALA 82 1246 1246 ALA ALA A . n 
A 1 83 ALA 83 1247 1247 ALA ALA A . n 
A 1 84 GLU 84 1248 1248 GLU GLU A . n 
A 1 85 ALA 85 1249 1249 ALA ALA A . n 
A 1 86 VAL 86 1250 1250 VAL VAL A . n 
A 1 87 LEU 87 1251 1251 LEU LEU A . n 
A 1 88 GLN 88 1252 1252 GLN GLN A . n 
A 1 89 GLY 89 1253 1253 GLY GLY A . n 
A 1 90 ARG 90 1254 1254 ARG ARG A . n 
A 1 91 ALA 91 1255 1255 ALA ALA A . n 
A 1 92 ASP 92 1256 1256 ASP ASP A . n 
A 1 93 SER 93 1257 1257 SER SER A . n 
A 1 94 ILE 94 1258 1258 ILE ILE A . n 
A 1 95 LEU 95 1259 1259 LEU LEU A . n 
A 1 96 ALA 96 1260 1260 ALA ALA A . n 
A 1 97 TYR 97 1261 1261 TYR TYR A . n 
A 1 98 HIS 98 1262 1262 HIS HIS A . n 
A 1 99 GLN 99 1263 ?    ?   ?   A . n 
B 2 1  ALA 1  1    1    ALA ALA F . n 
B 2 2  ARG 2  2    2    ARG ARG F . n 
B 2 3  THR 3  3    3    THR THR F . n 
B 2 4  MLY 4  4    4    MLY MLY F . n 
B 2 5  GLN 5  5    5    GLN GLN F . n 
B 2 6  THR 6  6    6    THR THR F . n 
B 2 7  ALA 7  7    ?    ?   ?   F . n 
B 2 8  ARG 8  8    ?    ?   ?   F . n 
B 2 9  ALY 9  9    ?    ?   ?   F . n 
B 2 10 SER 10 10   ?    ?   ?   F . n 
B 2 11 THR 11 11   ?    ?   ?   F . n 
B 2 12 GLY 12 12   ?    ?   ?   F . n 
B 2 13 GLY 13 13   ?    ?   ?   F . n 
B 2 14 LYS 14 14   ?    ?   ?   F . n 
B 2 15 ALA 15 15   ?    ?   ?   F . n 
# 
loop_
_pdbx_nonpoly_scheme.asym_id 
_pdbx_nonpoly_scheme.entity_id 
_pdbx_nonpoly_scheme.mon_id 
_pdbx_nonpoly_scheme.ndb_seq_num 
_pdbx_nonpoly_scheme.pdb_seq_num 
_pdbx_nonpoly_scheme.auth_seq_num 
_pdbx_nonpoly_scheme.pdb_mon_id 
_pdbx_nonpoly_scheme.auth_mon_id 
_pdbx_nonpoly_scheme.pdb_strand_id 
_pdbx_nonpoly_scheme.pdb_ins_code 
C 3 ZN  1  1383 1383 ZN  ZN  A . 
D 3 ZN  1  1384 1384 ZN  ZN  A . 
E 4 HOH 1  2001 2001 HOH HOH A . 
E 4 HOH 2  2002 2002 HOH HOH A . 
E 4 HOH 3  2003 2003 HOH HOH A . 
E 4 HOH 4  2004 2004 HOH HOH A . 
E 4 HOH 5  2005 2005 HOH HOH A . 
E 4 HOH 6  2006 2006 HOH HOH A . 
E 4 HOH 7  2007 2007 HOH HOH A . 
E 4 HOH 8  2008 2008 HOH HOH A . 
E 4 HOH 9  2009 2009 HOH HOH A . 
E 4 HOH 10 2010 2010 HOH HOH A . 
E 4 HOH 11 2011 2011 HOH HOH A . 
E 4 HOH 12 2012 2012 HOH HOH A . 
E 4 HOH 13 2013 2013 HOH HOH A . 
E 4 HOH 14 2014 2014 HOH HOH A . 
E 4 HOH 15 2015 2015 HOH HOH A . 
E 4 HOH 16 2016 2016 HOH HOH A . 
E 4 HOH 17 2017 2017 HOH HOH A . 
E 4 HOH 18 2018 2018 HOH HOH A . 
E 4 HOH 19 2019 2019 HOH HOH A . 
E 4 HOH 20 2020 2020 HOH HOH A . 
E 4 HOH 21 2021 2021 HOH HOH A . 
E 4 HOH 22 2022 2022 HOH HOH A . 
E 4 HOH 23 2023 2023 HOH HOH A . 
E 4 HOH 24 2024 2024 HOH HOH A . 
E 4 HOH 25 2025 2025 HOH HOH A . 
E 4 HOH 26 2026 2026 HOH HOH A . 
E 4 HOH 27 2027 2027 HOH HOH A . 
E 4 HOH 28 2028 2028 HOH HOH A . 
E 4 HOH 29 2029 2029 HOH HOH A . 
E 4 HOH 30 2030 2030 HOH HOH A . 
E 4 HOH 31 2031 2031 HOH HOH A . 
E 4 HOH 32 2032 2032 HOH HOH A . 
E 4 HOH 33 2033 2033 HOH HOH A . 
E 4 HOH 34 2034 2034 HOH HOH A . 
E 4 HOH 35 2035 2035 HOH HOH A . 
E 4 HOH 36 2036 2036 HOH HOH A . 
E 4 HOH 37 2037 2037 HOH HOH A . 
E 4 HOH 38 2038 2038 HOH HOH A . 
E 4 HOH 39 2039 2039 HOH HOH A . 
E 4 HOH 40 2040 2040 HOH HOH A . 
E 4 HOH 41 2041 2041 HOH HOH A . 
E 4 HOH 42 2042 2042 HOH HOH A . 
E 4 HOH 43 2043 2043 HOH HOH A . 
E 4 HOH 44 2044 2044 HOH HOH A . 
E 4 HOH 45 2045 2045 HOH HOH A . 
E 4 HOH 46 2046 2046 HOH HOH A . 
E 4 HOH 47 2047 2047 HOH HOH A . 
E 4 HOH 48 2048 2048 HOH HOH A . 
E 4 HOH 49 2049 2049 HOH HOH A . 
E 4 HOH 50 2050 2050 HOH HOH A . 
E 4 HOH 51 2051 2051 HOH HOH A . 
E 4 HOH 52 2052 2052 HOH HOH A . 
E 4 HOH 53 2053 2053 HOH HOH A . 
E 4 HOH 54 2054 2054 HOH HOH A . 
E 4 HOH 55 2056 2056 HOH HOH A . 
E 4 HOH 56 2057 2057 HOH HOH A . 
E 4 HOH 57 2058 2058 HOH HOH A . 
E 4 HOH 58 2059 2059 HOH HOH A . 
E 4 HOH 59 2060 2060 HOH HOH A . 
E 4 HOH 60 2061 2061 HOH HOH A . 
E 4 HOH 61 2062 2062 HOH HOH A . 
E 4 HOH 62 2063 2063 HOH HOH A . 
E 4 HOH 63 2064 2064 HOH HOH A . 
E 4 HOH 64 2065 2065 HOH HOH A . 
E 4 HOH 65 2066 2066 HOH HOH A . 
E 4 HOH 66 2067 2067 HOH HOH A . 
E 4 HOH 67 2068 2068 HOH HOH A . 
E 4 HOH 68 2069 2069 HOH HOH A . 
E 4 HOH 69 2070 2070 HOH HOH A . 
E 4 HOH 70 2071 2071 HOH HOH A . 
E 4 HOH 71 2072 2072 HOH HOH A . 
E 4 HOH 72 2073 2073 HOH HOH A . 
E 4 HOH 73 2074 2074 HOH HOH A . 
E 4 HOH 74 2075 2075 HOH HOH A . 
E 4 HOH 75 2076 2076 HOH HOH A . 
E 4 HOH 76 2077 2077 HOH HOH A . 
E 4 HOH 77 2078 2078 HOH HOH A . 
E 4 HOH 78 2079 2079 HOH HOH A . 
E 4 HOH 79 2080 2080 HOH HOH A . 
E 4 HOH 80 2081 2081 HOH HOH A . 
E 4 HOH 81 2082 2082 HOH HOH A . 
E 4 HOH 82 2083 2083 HOH HOH A . 
E 4 HOH 83 2084 2084 HOH HOH A . 
E 4 HOH 84 2085 2085 HOH HOH A . 
E 4 HOH 85 2086 2086 HOH HOH A . 
F 4 HOH 1  2001 2001 HOH HOH F . 
F 4 HOH 2  2002 2002 HOH HOH F . 
F 4 HOH 3  2003 2003 HOH HOH F . 
F 4 HOH 4  2004 2004 HOH HOH F . 
F 4 HOH 5  2005 2005 HOH HOH F . 
F 4 HOH 6  2006 2006 HOH HOH F . 
F 4 HOH 7  2007 2007 HOH HOH F . 
F 4 HOH 8  2008 2008 HOH HOH F . 
F 4 HOH 9  2009 2009 HOH HOH F . 
# 
loop_
_software.name 
_software.classification 
_software.version 
_software.citation_id 
_software.pdbx_ordinal 
REFMAC  refinement       5.7.0002 ? 1 
MOSFLM  'data reduction' .        ? 2 
Aimless 'data scaling'   .        ? 3 
PHASER  phasing          .        ? 4 
# 
_cell.entry_id           4UP0 
_cell.length_a           53.910 
_cell.length_b           53.910 
_cell.length_c           57.940 
_cell.angle_alpha        90.00 
_cell.angle_beta         90.00 
_cell.angle_gamma        90.00 
_cell.Z_PDB              8 
_cell.pdbx_unique_axis   ? 
# 
_symmetry.entry_id                         4UP0 
_symmetry.space_group_name_H-M             'P 41 21 2' 
_symmetry.pdbx_full_space_group_name_H-M   ? 
_symmetry.cell_setting                     ? 
_symmetry.Int_Tables_number                92 
# 
_exptl.entry_id          4UP0 
_exptl.method            'X-RAY DIFFRACTION' 
_exptl.crystals_number   1 
# 
_exptl_crystal.id                    1 
_exptl_crystal.density_meas          ? 
_exptl_crystal.density_Matthews      2.16 
_exptl_crystal.density_percent_sol   43.1 
_exptl_crystal.description           NONE 
# 
_exptl_crystal_grow.crystal_id      1 
_exptl_crystal_grow.method          ? 
_exptl_crystal_grow.temp            ? 
_exptl_crystal_grow.temp_details    ? 
_exptl_crystal_grow.pH              ? 
_exptl_crystal_grow.pdbx_pH_range   ? 
_exptl_crystal_grow.pdbx_details    '1 M SODIUM CITRATE, 0.1 M TRIS PH 7, 0.2 M NACL' 
# 
_diffrn.id                     1 
_diffrn.ambient_temp           100 
_diffrn.ambient_temp_details   ? 
_diffrn.crystal_id             1 
# 
_diffrn_detector.diffrn_id              1 
_diffrn_detector.detector               PIXEL 
_diffrn_detector.type                   'DECTRIS PILATUS 6M' 
_diffrn_detector.pdbx_collection_date   2011-01-29 
_diffrn_detector.details                MIRRORS 
# 
_diffrn_radiation.diffrn_id                        1 
_diffrn_radiation.wavelength_id                    1 
_diffrn_radiation.pdbx_monochromatic_or_laue_m_l   M 
_diffrn_radiation.monochromator                    ? 
_diffrn_radiation.pdbx_diffrn_protocol             'SINGLE WAVELENGTH' 
_diffrn_radiation.pdbx_scattering_type             x-ray 
# 
_diffrn_radiation_wavelength.id           1 
_diffrn_radiation_wavelength.wavelength   0.976219 
_diffrn_radiation_wavelength.wt           1.0 
# 
_diffrn_source.diffrn_id                   1 
_diffrn_source.source                      SYNCHROTRON 
_diffrn_source.type                        'ESRF BEAMLINE ID29' 
_diffrn_source.pdbx_synchrotron_site       ESRF 
_diffrn_source.pdbx_synchrotron_beamline   ID29 
_diffrn_source.pdbx_wavelength             0.976219 
_diffrn_source.pdbx_wavelength_list        ? 
# 
_reflns.pdbx_diffrn_id               1 
_reflns.pdbx_ordinal                 1 
_reflns.entry_id                     4UP0 
_reflns.observed_criterion_sigma_I   2.4 
_reflns.observed_criterion_sigma_F   ? 
_reflns.d_resolution_low             39.47 
_reflns.d_resolution_high            1.28 
_reflns.number_obs                   22695 
_reflns.number_all                   ? 
_reflns.percent_possible_obs         99.9 
_reflns.pdbx_Rmerge_I_obs            0.09 
_reflns.pdbx_Rsym_value              ? 
_reflns.pdbx_netI_over_sigmaI        13.00 
_reflns.B_iso_Wilson_estimate        ? 
_reflns.pdbx_redundancy              11.6 
# 
_reflns_shell.pdbx_diffrn_id         1 
_reflns_shell.pdbx_ordinal           1 
_reflns_shell.d_res_high             1.28 
_reflns_shell.d_res_low              1.30 
_reflns_shell.percent_possible_all   99.6 
_reflns_shell.Rmerge_I_obs           ? 
_reflns_shell.pdbx_Rsym_value        ? 
_reflns_shell.meanI_over_sigI_obs    2.40 
_reflns_shell.pdbx_redundancy        12.3 
# 
_refine.pdbx_refine_id                           'X-RAY DIFFRACTION' 
_refine.entry_id                                 4UP0 
_refine.pdbx_diffrn_id                           1 
_refine.pdbx_TLS_residual_ADP_flag               ? 
_refine.ls_number_reflns_obs                     21476 
_refine.ls_number_reflns_all                     ? 
_refine.pdbx_ls_sigma_I                          ? 
_refine.pdbx_ls_sigma_F                          . 
_refine.pdbx_data_cutoff_high_absF               ? 
_refine.pdbx_data_cutoff_low_absF                ? 
_refine.pdbx_data_cutoff_high_rms_absF           ? 
_refine.ls_d_res_low                             39.47 
_refine.ls_d_res_high                            1.28 
_refine.ls_percent_reflns_obs                    99.79 
_refine.ls_R_factor_obs                          0.13946 
_refine.ls_R_factor_all                          ? 
_refine.ls_R_factor_R_work                       0.13797 
_refine.ls_R_factor_R_free                       0.16611 
_refine.ls_R_factor_R_free_error                 ? 
_refine.ls_R_factor_R_free_error_details         ? 
_refine.ls_percent_reflns_R_free                 5.1 
_refine.ls_number_reflns_R_free                  1157 
_refine.ls_number_parameters                     ? 
_refine.ls_number_restraints                     ? 
_refine.occupancy_min                            ? 
_refine.occupancy_max                            ? 
_refine.correlation_coeff_Fo_to_Fc               0.977 
_refine.correlation_coeff_Fo_to_Fc_free          0.971 
_refine.B_iso_mean                               21.159 
_refine.aniso_B[1][1]                            0.07 
_refine.aniso_B[2][2]                            0.07 
_refine.aniso_B[3][3]                            -0.14 
_refine.aniso_B[1][2]                            0.00 
_refine.aniso_B[1][3]                            0.00 
_refine.aniso_B[2][3]                            0.00 
_refine.solvent_model_details                    MASK 
_refine.solvent_model_param_ksol                 ? 
_refine.solvent_model_param_bsol                 ? 
_refine.pdbx_solvent_vdw_probe_radii             1.20 
_refine.pdbx_solvent_ion_probe_radii             0.80 
_refine.pdbx_solvent_shrinkage_radii             0.80 
_refine.pdbx_ls_cross_valid_method               THROUGHOUT 
_refine.details                                  
;HYDROGENS HAVE BEEN ADDED IN THE RIDING POSITIONS.CHAIN A RESIDUES 383-387 AND 8AA GSGSGSGS LINKER ARE DISORDERED CHAIN A RESIDUE 1263 IS DISORDERED. CHAIN F RESIDUES 7-15 ARE DISORDERED
;
_refine.pdbx_starting_model                      'PDB ENTRY 2XB1' 
_refine.pdbx_method_to_determine_struct          'MOLECULAR REPLACEMENT' 
_refine.pdbx_isotropic_thermal_model             ? 
_refine.pdbx_stereochemistry_target_values       'MAXIMUM LIKELIHOOD' 
_refine.pdbx_stereochem_target_val_spec_case     ? 
_refine.pdbx_R_Free_selection_details            RANDOM 
_refine.pdbx_overall_ESU_R                       0.042 
_refine.pdbx_overall_ESU_R_Free                  0.041 
_refine.overall_SU_ML                            0.024 
_refine.pdbx_overall_phase_error                 ? 
_refine.overall_SU_B                             1.222 
_refine.overall_SU_R_Cruickshank_DPI             ? 
_refine.pdbx_overall_SU_R_free_Cruickshank_DPI   ? 
_refine.pdbx_overall_SU_R_Blow_DPI               ? 
_refine.pdbx_overall_SU_R_free_Blow_DPI          ? 
# 
_refine_hist.pdbx_refine_id                   'X-RAY DIFFRACTION' 
_refine_hist.cycle_id                         LAST 
_refine_hist.pdbx_number_atoms_protein        692 
_refine_hist.pdbx_number_atoms_nucleic_acid   0 
_refine_hist.pdbx_number_atoms_ligand         2 
_refine_hist.number_atoms_solvent             94 
_refine_hist.number_atoms_total               788 
_refine_hist.d_res_high                       1.28 
_refine_hist.d_res_low                        39.47 
# 
loop_
_refine_ls_restr.type 
_refine_ls_restr.dev_ideal 
_refine_ls_restr.dev_ideal_target 
_refine_ls_restr.weight 
_refine_ls_restr.number 
_refine_ls_restr.pdbx_refine_id 
_refine_ls_restr.pdbx_restraint_function 
r_bond_refined_d             0.020  0.019  ? 703 'X-RAY DIFFRACTION' ? 
r_bond_other_d               ?      ?      ? ?   'X-RAY DIFFRACTION' ? 
r_angle_refined_deg          1.955  1.927  ? 954 'X-RAY DIFFRACTION' ? 
r_angle_other_deg            ?      ?      ? ?   'X-RAY DIFFRACTION' ? 
r_dihedral_angle_1_deg       5.655  5.000  ? 88  'X-RAY DIFFRACTION' ? 
r_dihedral_angle_2_deg       36.505 24.063 ? 32  'X-RAY DIFFRACTION' ? 
r_dihedral_angle_3_deg       11.258 15.000 ? 102 'X-RAY DIFFRACTION' ? 
r_dihedral_angle_4_deg       21.112 15.000 ? 4   'X-RAY DIFFRACTION' ? 
r_chiral_restr               0.133  0.200  ? 111 'X-RAY DIFFRACTION' ? 
r_gen_planes_refined         0.013  0.020  ? 528 'X-RAY DIFFRACTION' ? 
r_gen_planes_other           ?      ?      ? ?   'X-RAY DIFFRACTION' ? 
r_nbd_refined                ?      ?      ? ?   'X-RAY DIFFRACTION' ? 
r_nbd_other                  ?      ?      ? ?   'X-RAY DIFFRACTION' ? 
r_nbtor_refined              ?      ?      ? ?   'X-RAY DIFFRACTION' ? 
r_nbtor_other                ?      ?      ? ?   'X-RAY DIFFRACTION' ? 
r_xyhbond_nbd_refined        ?      ?      ? ?   'X-RAY DIFFRACTION' ? 
r_xyhbond_nbd_other          ?      ?      ? ?   'X-RAY DIFFRACTION' ? 
r_metal_ion_refined          ?      ?      ? ?   'X-RAY DIFFRACTION' ? 
r_metal_ion_other            ?      ?      ? ?   'X-RAY DIFFRACTION' ? 
r_symmetry_vdw_refined       ?      ?      ? ?   'X-RAY DIFFRACTION' ? 
r_symmetry_vdw_other         ?      ?      ? ?   'X-RAY DIFFRACTION' ? 
r_symmetry_hbond_refined     ?      ?      ? ?   'X-RAY DIFFRACTION' ? 
r_symmetry_hbond_other       ?      ?      ? ?   'X-RAY DIFFRACTION' ? 
r_symmetry_metal_ion_refined ?      ?      ? ?   'X-RAY DIFFRACTION' ? 
r_symmetry_metal_ion_other   ?      ?      ? ?   'X-RAY DIFFRACTION' ? 
r_mcbond_it                  ?      ?      ? ?   'X-RAY DIFFRACTION' ? 
r_mcbond_other               ?      ?      ? ?   'X-RAY DIFFRACTION' ? 
r_mcangle_it                 ?      ?      ? ?   'X-RAY DIFFRACTION' ? 
r_mcangle_other              ?      ?      ? ?   'X-RAY DIFFRACTION' ? 
r_scbond_it                  ?      ?      ? ?   'X-RAY DIFFRACTION' ? 
r_scbond_other               ?      ?      ? ?   'X-RAY DIFFRACTION' ? 
r_scangle_it                 ?      ?      ? ?   'X-RAY DIFFRACTION' ? 
r_scangle_other              ?      ?      ? ?   'X-RAY DIFFRACTION' ? 
r_long_range_B_refined       ?      ?      ? ?   'X-RAY DIFFRACTION' ? 
r_long_range_B_other         ?      ?      ? ?   'X-RAY DIFFRACTION' ? 
r_rigid_bond_restr           8.079  3.000  ? 702 'X-RAY DIFFRACTION' ? 
r_sphericity_free            32.703 5.000  ? 33  'X-RAY DIFFRACTION' ? 
r_sphericity_bonded          19.139 5.000  ? 756 'X-RAY DIFFRACTION' ? 
# 
_refine_ls_shell.pdbx_refine_id                   'X-RAY DIFFRACTION' 
_refine_ls_shell.pdbx_total_number_of_bins_used   20 
_refine_ls_shell.d_res_high                       1.279 
_refine_ls_shell.d_res_low                        1.312 
_refine_ls_shell.number_reflns_R_work             1403 
_refine_ls_shell.R_factor_R_work                  0.255 
_refine_ls_shell.percent_reflns_obs               99.40 
_refine_ls_shell.R_factor_R_free                  0.299 
_refine_ls_shell.R_factor_R_free_error            ? 
_refine_ls_shell.percent_reflns_R_free            ? 
_refine_ls_shell.number_reflns_R_free             83 
_refine_ls_shell.number_reflns_all                ? 
_refine_ls_shell.R_factor_all                     ? 
# 
_struct.entry_id                  4UP0 
_struct.title                     
'Ternary crystal structure of the Pygo2 PHD finger in complex with the B9L HD1 domain and a H3K4me2 peptide' 
_struct.pdbx_model_details        ? 
_struct.pdbx_CASP_flag            ? 
_struct.pdbx_model_type_details   ? 
# 
_struct_keywords.entry_id        4UP0 
_struct_keywords.pdbx_keywords   TRANSCRIPTION 
_struct_keywords.text            'TRANSCRIPTION, WNT SIGNALLING, PHD FINGER, BCL9L, HD1 DOMAIN' 
# 
loop_
_struct_asym.id 
_struct_asym.pdbx_blank_PDB_chainid_flag 
_struct_asym.pdbx_modified 
_struct_asym.entity_id 
_struct_asym.details 
A N N 1 ? 
B N N 2 ? 
C N N 3 ? 
D N N 3 ? 
E N N 4 ? 
F N N 4 ? 
# 
loop_
_struct_ref.id 
_struct_ref.db_name 
_struct_ref.db_code 
_struct_ref.entity_id 
_struct_ref.pdbx_seq_one_letter_code 
_struct_ref.pdbx_align_begin 
_struct_ref.pdbx_db_accession 
_struct_ref.pdbx_db_isoform 
1 UNP PYGO2_HUMAN 1 ? ? Q9BRQ0 ? 
2 UNP BCL9L_HUMAN 1 ? ? Q86UU0 ? 
3 UNP H31_HUMAN   2 ? ? P68431 ? 
# 
loop_
_struct_ref_seq.align_id 
_struct_ref_seq.ref_id 
_struct_ref_seq.pdbx_PDB_id_code 
_struct_ref_seq.pdbx_strand_id 
_struct_ref_seq.seq_align_beg 
_struct_ref_seq.pdbx_seq_align_beg_ins_code 
_struct_ref_seq.seq_align_end 
_struct_ref_seq.pdbx_seq_align_end_ins_code 
_struct_ref_seq.pdbx_db_accession 
_struct_ref_seq.db_align_beg 
_struct_ref_seq.pdbx_db_align_beg_ins_code 
_struct_ref_seq.db_align_end 
_struct_ref_seq.pdbx_db_align_end_ins_code 
_struct_ref_seq.pdbx_auth_seq_align_beg 
_struct_ref_seq.pdbx_auth_seq_align_end 
1 1 4UP0 A 2  ? 62 ? Q9BRQ0 327 ? 387 ? 327  387  
2 2 4UP0 A 71 ? 99 ? Q86UU0 235 ? 263 ? 1235 1263 
3 3 4UP0 F 1  ? 15 ? P68431 2   ? 16  ? 1    15   
# 
loop_
_struct_ref_seq_dif.align_id 
_struct_ref_seq_dif.pdbx_pdb_id_code 
_struct_ref_seq_dif.mon_id 
_struct_ref_seq_dif.pdbx_pdb_strand_id 
_struct_ref_seq_dif.seq_num 
_struct_ref_seq_dif.pdbx_pdb_ins_code 
_struct_ref_seq_dif.pdbx_seq_db_name 
_struct_ref_seq_dif.pdbx_seq_db_accession_code 
_struct_ref_seq_dif.db_mon_id 
_struct_ref_seq_dif.pdbx_seq_db_seq_num 
_struct_ref_seq_dif.details 
_struct_ref_seq_dif.pdbx_auth_seq_num 
_struct_ref_seq_dif.pdbx_ordinal 
1 4UP0 GLY A 63 ? UNP Q9BRQ0 ? ? linker 388 1 
1 4UP0 SER A 64 ? UNP Q9BRQ0 ? ? linker 389 2 
1 4UP0 GLY A 65 ? UNP Q9BRQ0 ? ? linker 390 3 
1 4UP0 SER A 66 ? UNP Q9BRQ0 ? ? linker 391 4 
1 4UP0 GLY A 67 ? UNP Q9BRQ0 ? ? linker 392 5 
1 4UP0 SER A 68 ? UNP Q9BRQ0 ? ? linker 393 6 
1 4UP0 GLY A 69 ? UNP Q9BRQ0 ? ? linker 394 7 
1 4UP0 SER A 70 ? UNP Q9BRQ0 ? ? linker 395 8 
# 
_pdbx_struct_assembly.id                   1 
_pdbx_struct_assembly.details              author_and_software_defined_assembly 
_pdbx_struct_assembly.method_details       PISA 
_pdbx_struct_assembly.oligomeric_details   dimeric 
_pdbx_struct_assembly.oligomeric_count     2 
# 
loop_
_pdbx_struct_assembly_prop.biol_id 
_pdbx_struct_assembly_prop.type 
_pdbx_struct_assembly_prop.value 
_pdbx_struct_assembly_prop.details 
1 'ABSA (A^2)' 2070  ? 
1 MORE         -16.5 ? 
1 'SSA (A^2)'  5210  ? 
# 
_pdbx_struct_assembly_gen.assembly_id       1 
_pdbx_struct_assembly_gen.oper_expression   1 
_pdbx_struct_assembly_gen.asym_id_list      A,B,C,D,E,F 
# 
_pdbx_struct_oper_list.id                   1 
_pdbx_struct_oper_list.type                 'identity operation' 
_pdbx_struct_oper_list.name                 1_555 
_pdbx_struct_oper_list.symmetry_operation   x,y,z 
_pdbx_struct_oper_list.matrix[1][1]         1.0000000000 
_pdbx_struct_oper_list.matrix[1][2]         0.0000000000 
_pdbx_struct_oper_list.matrix[1][3]         0.0000000000 
_pdbx_struct_oper_list.vector[1]            0.0000000000 
_pdbx_struct_oper_list.matrix[2][1]         0.0000000000 
_pdbx_struct_oper_list.matrix[2][2]         1.0000000000 
_pdbx_struct_oper_list.matrix[2][3]         0.0000000000 
_pdbx_struct_oper_list.vector[2]            0.0000000000 
_pdbx_struct_oper_list.matrix[3][1]         0.0000000000 
_pdbx_struct_oper_list.matrix[3][2]         0.0000000000 
_pdbx_struct_oper_list.matrix[3][3]         1.0000000000 
_pdbx_struct_oper_list.vector[3]            0.0000000000 
# 
_struct_biol.id   1 
# 
loop_
_struct_conf.conf_type_id 
_struct_conf.id 
_struct_conf.pdbx_PDB_helix_id 
_struct_conf.beg_label_comp_id 
_struct_conf.beg_label_asym_id 
_struct_conf.beg_label_seq_id 
_struct_conf.pdbx_beg_PDB_ins_code 
_struct_conf.end_label_comp_id 
_struct_conf.end_label_asym_id 
_struct_conf.end_label_seq_id 
_struct_conf.pdbx_end_PDB_ins_code 
_struct_conf.beg_auth_comp_id 
_struct_conf.beg_auth_asym_id 
_struct_conf.beg_auth_seq_id 
_struct_conf.end_auth_comp_id 
_struct_conf.end_auth_asym_id 
_struct_conf.end_auth_seq_id 
_struct_conf.pdbx_PDB_helix_class 
_struct_conf.details 
_struct_conf.pdbx_PDB_helix_length 
HELX_P HELX_P1 1 GLU A 32 ? THR A 34 ? GLU A 357  THR A 359  5 ? 3  
HELX_P HELX_P2 2 THR A 37 ? GLU A 47 ? THR A 362  GLU A 372  1 ? 11 
HELX_P HELX_P3 3 THR A 75 ? GLN A 88 ? THR A 1239 GLN A 1252 1 ? 14 
HELX_P HELX_P4 4 SER A 93 ? HIS A 98 ? SER A 1257 HIS A 1262 5 ? 6  
# 
_struct_conf_type.id          HELX_P 
_struct_conf_type.criteria    ? 
_struct_conf_type.reference   ? 
# 
loop_
_struct_conn.id 
_struct_conn.conn_type_id 
_struct_conn.pdbx_leaving_atom_flag 
_struct_conn.pdbx_PDB_id 
_struct_conn.ptnr1_label_asym_id 
_struct_conn.ptnr1_label_comp_id 
_struct_conn.ptnr1_label_seq_id 
_struct_conn.ptnr1_label_atom_id 
_struct_conn.pdbx_ptnr1_label_alt_id 
_struct_conn.pdbx_ptnr1_PDB_ins_code 
_struct_conn.pdbx_ptnr1_standard_comp_id 
_struct_conn.ptnr1_symmetry 
_struct_conn.ptnr2_label_asym_id 
_struct_conn.ptnr2_label_comp_id 
_struct_conn.ptnr2_label_seq_id 
_struct_conn.ptnr2_label_atom_id 
_struct_conn.pdbx_ptnr2_label_alt_id 
_struct_conn.pdbx_ptnr2_PDB_ins_code 
_struct_conn.ptnr1_auth_asym_id 
_struct_conn.ptnr1_auth_comp_id 
_struct_conn.ptnr1_auth_seq_id 
_struct_conn.ptnr2_auth_asym_id 
_struct_conn.ptnr2_auth_comp_id 
_struct_conn.ptnr2_auth_seq_id 
_struct_conn.ptnr2_symmetry 
_struct_conn.pdbx_ptnr3_label_atom_id 
_struct_conn.pdbx_ptnr3_label_seq_id 
_struct_conn.pdbx_ptnr3_label_comp_id 
_struct_conn.pdbx_ptnr3_label_asym_id 
_struct_conn.pdbx_ptnr3_label_alt_id 
_struct_conn.pdbx_ptnr3_PDB_ins_code 
_struct_conn.details 
_struct_conn.pdbx_dist_value 
_struct_conn.pdbx_value_order 
_struct_conn.pdbx_role 
covale1 covale both ? B THR 3  C   ? ? ? 1_555 B MLY 4 N  ? ? F THR 3   F MLY 4    1_555 ? ? ? ? ? ? ? 1.320 ? ? 
covale2 covale both ? B MLY 4  C   ? ? ? 1_555 B GLN 5 N  ? ? F MLY 4   F GLN 5    1_555 ? ? ? ? ? ? ? 1.323 ? ? 
metalc1 metalc ?    ? A CYS 5  SG  ? ? ? 1_555 C ZN  . ZN ? ? A CYS 330 A ZN  1383 1_555 ? ? ? ? ? ? ? 2.344 ? ? 
metalc2 metalc ?    ? A CYS 8  SG  ? ? ? 1_555 C ZN  . ZN ? ? A CYS 333 A ZN  1383 1_555 ? ? ? ? ? ? ? 2.310 ? ? 
metalc3 metalc ?    ? A CYS 21 SG  ? ? ? 1_555 D ZN  . ZN ? ? A CYS 346 A ZN  1384 1_555 ? ? ? ? ? ? ? 2.354 ? ? 
metalc4 metalc ?    ? A CYS 25 SG  ? ? ? 1_555 D ZN  . ZN ? ? A CYS 350 A ZN  1384 1_555 ? ? ? ? ? ? ? 2.318 ? ? 
metalc5 metalc ?    ? A HIS 30 ND1 ? ? ? 1_555 C ZN  . ZN ? ? A HIS 355 A ZN  1383 1_555 ? ? ? ? ? ? ? 2.096 ? ? 
metalc6 metalc ?    ? A CYS 33 SG  ? ? ? 1_555 C ZN  . ZN ? ? A CYS 358 A ZN  1383 1_555 ? ? ? ? ? ? ? 2.295 ? ? 
metalc7 metalc ?    ? A CYS 54 SG  ? ? ? 1_555 D ZN  . ZN ? ? A CYS 379 A ZN  1384 1_555 ? ? ? ? ? ? ? 2.325 ? ? 
metalc8 metalc ?    ? A CYS 57 SG  ? ? ? 1_555 D ZN  . ZN ? ? A CYS 382 A ZN  1384 1_555 ? ? ? ? ? ? ? 2.332 ? ? 
# 
loop_
_struct_conn_type.id 
_struct_conn_type.criteria 
_struct_conn_type.reference 
covale ? ? 
metalc ? ? 
# 
loop_
_pdbx_struct_conn_angle.id 
_pdbx_struct_conn_angle.ptnr1_label_atom_id 
_pdbx_struct_conn_angle.ptnr1_label_alt_id 
_pdbx_struct_conn_angle.ptnr1_label_asym_id 
_pdbx_struct_conn_angle.ptnr1_label_comp_id 
_pdbx_struct_conn_angle.ptnr1_label_seq_id 
_pdbx_struct_conn_angle.ptnr1_auth_atom_id 
_pdbx_struct_conn_angle.ptnr1_auth_asym_id 
_pdbx_struct_conn_angle.ptnr1_auth_comp_id 
_pdbx_struct_conn_angle.ptnr1_auth_seq_id 
_pdbx_struct_conn_angle.ptnr1_PDB_ins_code 
_pdbx_struct_conn_angle.ptnr1_symmetry 
_pdbx_struct_conn_angle.ptnr2_label_atom_id 
_pdbx_struct_conn_angle.ptnr2_label_alt_id 
_pdbx_struct_conn_angle.ptnr2_label_asym_id 
_pdbx_struct_conn_angle.ptnr2_label_comp_id 
_pdbx_struct_conn_angle.ptnr2_label_seq_id 
_pdbx_struct_conn_angle.ptnr2_auth_atom_id 
_pdbx_struct_conn_angle.ptnr2_auth_asym_id 
_pdbx_struct_conn_angle.ptnr2_auth_comp_id 
_pdbx_struct_conn_angle.ptnr2_auth_seq_id 
_pdbx_struct_conn_angle.ptnr2_PDB_ins_code 
_pdbx_struct_conn_angle.ptnr2_symmetry 
_pdbx_struct_conn_angle.ptnr3_label_atom_id 
_pdbx_struct_conn_angle.ptnr3_label_alt_id 
_pdbx_struct_conn_angle.ptnr3_label_asym_id 
_pdbx_struct_conn_angle.ptnr3_label_comp_id 
_pdbx_struct_conn_angle.ptnr3_label_seq_id 
_pdbx_struct_conn_angle.ptnr3_auth_atom_id 
_pdbx_struct_conn_angle.ptnr3_auth_asym_id 
_pdbx_struct_conn_angle.ptnr3_auth_comp_id 
_pdbx_struct_conn_angle.ptnr3_auth_seq_id 
_pdbx_struct_conn_angle.ptnr3_PDB_ins_code 
_pdbx_struct_conn_angle.ptnr3_symmetry 
_pdbx_struct_conn_angle.value 
_pdbx_struct_conn_angle.value_esd 
1  SG  ? A CYS 5  ? A CYS 330 ? 1_555 ZN ? C ZN . ? A ZN 1383 ? 1_555 SG  ? A CYS 8  ? A CYS 333 ? 1_555 109.1 ? 
2  SG  ? A CYS 5  ? A CYS 330 ? 1_555 ZN ? C ZN . ? A ZN 1383 ? 1_555 ND1 ? A HIS 30 ? A HIS 355 ? 1_555 100.6 ? 
3  SG  ? A CYS 8  ? A CYS 333 ? 1_555 ZN ? C ZN . ? A ZN 1383 ? 1_555 ND1 ? A HIS 30 ? A HIS 355 ? 1_555 103.6 ? 
4  SG  ? A CYS 5  ? A CYS 330 ? 1_555 ZN ? C ZN . ? A ZN 1383 ? 1_555 SG  ? A CYS 33 ? A CYS 358 ? 1_555 118.6 ? 
5  SG  ? A CYS 8  ? A CYS 333 ? 1_555 ZN ? C ZN . ? A ZN 1383 ? 1_555 SG  ? A CYS 33 ? A CYS 358 ? 1_555 110.8 ? 
6  ND1 ? A HIS 30 ? A HIS 355 ? 1_555 ZN ? C ZN . ? A ZN 1383 ? 1_555 SG  ? A CYS 33 ? A CYS 358 ? 1_555 112.7 ? 
7  SG  ? A CYS 21 ? A CYS 346 ? 1_555 ZN ? D ZN . ? A ZN 1384 ? 1_555 SG  ? A CYS 25 ? A CYS 350 ? 1_555 106.0 ? 
8  SG  ? A CYS 21 ? A CYS 346 ? 1_555 ZN ? D ZN . ? A ZN 1384 ? 1_555 SG  ? A CYS 54 ? A CYS 379 ? 1_555 114.0 ? 
9  SG  ? A CYS 25 ? A CYS 350 ? 1_555 ZN ? D ZN . ? A ZN 1384 ? 1_555 SG  ? A CYS 54 ? A CYS 379 ? 1_555 115.3 ? 
10 SG  ? A CYS 21 ? A CYS 346 ? 1_555 ZN ? D ZN . ? A ZN 1384 ? 1_555 SG  ? A CYS 57 ? A CYS 382 ? 1_555 114.4 ? 
11 SG  ? A CYS 25 ? A CYS 350 ? 1_555 ZN ? D ZN . ? A ZN 1384 ? 1_555 SG  ? A CYS 57 ? A CYS 382 ? 1_555 105.1 ? 
12 SG  ? A CYS 54 ? A CYS 379 ? 1_555 ZN ? D ZN . ? A ZN 1384 ? 1_555 SG  ? A CYS 57 ? A CYS 382 ? 1_555 102.0 ? 
# 
loop_
_struct_sheet.id 
_struct_sheet.type 
_struct_sheet.number_strands 
_struct_sheet.details 
AA ? 2 ? 
AB ? 2 ? 
# 
loop_
_struct_sheet_order.sheet_id 
_struct_sheet_order.range_id_1 
_struct_sheet_order.range_id_2 
_struct_sheet_order.offset 
_struct_sheet_order.sense 
AA 1 2 ? anti-parallel 
AB 1 2 ? parallel      
# 
loop_
_struct_sheet_range.sheet_id 
_struct_sheet_range.id 
_struct_sheet_range.beg_label_comp_id 
_struct_sheet_range.beg_label_asym_id 
_struct_sheet_range.beg_label_seq_id 
_struct_sheet_range.pdbx_beg_PDB_ins_code 
_struct_sheet_range.end_label_comp_id 
_struct_sheet_range.end_label_asym_id 
_struct_sheet_range.end_label_seq_id 
_struct_sheet_range.pdbx_end_PDB_ins_code 
_struct_sheet_range.beg_auth_comp_id 
_struct_sheet_range.beg_auth_asym_id 
_struct_sheet_range.beg_auth_seq_id 
_struct_sheet_range.end_auth_comp_id 
_struct_sheet_range.end_auth_asym_id 
_struct_sheet_range.end_auth_seq_id 
AA 1 ALA A 18 ? LEU A 20 ? ALA A 343  LEU A 345  
AA 2 TRP A 28 ? HIS A 30 ? TRP A 353  HIS A 355  
AB 1 ALA A 50 ? TRP A 52 ? ALA A 375  TRP A 377  
AB 2 TYR A 72 ? PHE A 74 ? TYR A 1236 PHE A 1238 
# 
loop_
_pdbx_struct_sheet_hbond.sheet_id 
_pdbx_struct_sheet_hbond.range_id_1 
_pdbx_struct_sheet_hbond.range_id_2 
_pdbx_struct_sheet_hbond.range_1_label_atom_id 
_pdbx_struct_sheet_hbond.range_1_label_comp_id 
_pdbx_struct_sheet_hbond.range_1_label_asym_id 
_pdbx_struct_sheet_hbond.range_1_label_seq_id 
_pdbx_struct_sheet_hbond.range_1_PDB_ins_code 
_pdbx_struct_sheet_hbond.range_1_auth_atom_id 
_pdbx_struct_sheet_hbond.range_1_auth_comp_id 
_pdbx_struct_sheet_hbond.range_1_auth_asym_id 
_pdbx_struct_sheet_hbond.range_1_auth_seq_id 
_pdbx_struct_sheet_hbond.range_2_label_atom_id 
_pdbx_struct_sheet_hbond.range_2_label_comp_id 
_pdbx_struct_sheet_hbond.range_2_label_asym_id 
_pdbx_struct_sheet_hbond.range_2_label_seq_id 
_pdbx_struct_sheet_hbond.range_2_PDB_ins_code 
_pdbx_struct_sheet_hbond.range_2_auth_atom_id 
_pdbx_struct_sheet_hbond.range_2_auth_comp_id 
_pdbx_struct_sheet_hbond.range_2_auth_asym_id 
_pdbx_struct_sheet_hbond.range_2_auth_seq_id 
AA 1 2 N ILE A 19 ? N ILE A 344 O PHE A 29 ? O PHE A 354  
AB 1 2 N VAL A 51 ? N VAL A 376 O TYR A 72 ? O TYR A 1236 
# 
loop_
_struct_site.id 
_struct_site.pdbx_evidence_code 
_struct_site.pdbx_auth_asym_id 
_struct_site.pdbx_auth_comp_id 
_struct_site.pdbx_auth_seq_id 
_struct_site.pdbx_auth_ins_code 
_struct_site.pdbx_num_residues 
_struct_site.details 
AC1 Software A ZN 1383 ? 4 'BINDING SITE FOR RESIDUE ZN A 1383' 
AC2 Software A ZN 1384 ? 4 'BINDING SITE FOR RESIDUE ZN A 1384' 
# 
loop_
_struct_site_gen.id 
_struct_site_gen.site_id 
_struct_site_gen.pdbx_num_res 
_struct_site_gen.label_comp_id 
_struct_site_gen.label_asym_id 
_struct_site_gen.label_seq_id 
_struct_site_gen.pdbx_auth_ins_code 
_struct_site_gen.auth_comp_id 
_struct_site_gen.auth_asym_id 
_struct_site_gen.auth_seq_id 
_struct_site_gen.label_atom_id 
_struct_site_gen.label_alt_id 
_struct_site_gen.symmetry 
_struct_site_gen.details 
1 AC1 4 CYS A 5  ? CYS A 330 . ? 1_555 ? 
2 AC1 4 CYS A 8  ? CYS A 333 . ? 1_555 ? 
3 AC1 4 HIS A 30 ? HIS A 355 . ? 1_555 ? 
4 AC1 4 CYS A 33 ? CYS A 358 . ? 1_555 ? 
5 AC2 4 CYS A 21 ? CYS A 346 . ? 1_555 ? 
6 AC2 4 CYS A 25 ? CYS A 350 . ? 1_555 ? 
7 AC2 4 CYS A 54 ? CYS A 379 . ? 1_555 ? 
8 AC2 4 CYS A 57 ? CYS A 382 . ? 1_555 ? 
# 
_pdbx_validate_rmsd_angle.id                         1 
_pdbx_validate_rmsd_angle.PDB_model_num              1 
_pdbx_validate_rmsd_angle.auth_atom_id_1             NE 
_pdbx_validate_rmsd_angle.auth_asym_id_1             A 
_pdbx_validate_rmsd_angle.auth_comp_id_1             ARG 
_pdbx_validate_rmsd_angle.auth_seq_id_1              334 
_pdbx_validate_rmsd_angle.PDB_ins_code_1             ? 
_pdbx_validate_rmsd_angle.label_alt_id_1             ? 
_pdbx_validate_rmsd_angle.auth_atom_id_2             CZ 
_pdbx_validate_rmsd_angle.auth_asym_id_2             A 
_pdbx_validate_rmsd_angle.auth_comp_id_2             ARG 
_pdbx_validate_rmsd_angle.auth_seq_id_2              334 
_pdbx_validate_rmsd_angle.PDB_ins_code_2             ? 
_pdbx_validate_rmsd_angle.label_alt_id_2             ? 
_pdbx_validate_rmsd_angle.auth_atom_id_3             NH2 
_pdbx_validate_rmsd_angle.auth_asym_id_3             A 
_pdbx_validate_rmsd_angle.auth_comp_id_3             ARG 
_pdbx_validate_rmsd_angle.auth_seq_id_3              334 
_pdbx_validate_rmsd_angle.PDB_ins_code_3             ? 
_pdbx_validate_rmsd_angle.label_alt_id_3             ? 
_pdbx_validate_rmsd_angle.angle_value                116.66 
_pdbx_validate_rmsd_angle.angle_target_value         120.30 
_pdbx_validate_rmsd_angle.angle_deviation            -3.64 
_pdbx_validate_rmsd_angle.angle_standard_deviation   0.50 
_pdbx_validate_rmsd_angle.linker_flag                N 
# 
_pdbx_validate_torsion.id              1 
_pdbx_validate_torsion.PDB_model_num   1 
_pdbx_validate_torsion.auth_comp_id    SER 
_pdbx_validate_torsion.auth_asym_id    A 
_pdbx_validate_torsion.auth_seq_id     349 
_pdbx_validate_torsion.PDB_ins_code    ? 
_pdbx_validate_torsion.label_alt_id    ? 
_pdbx_validate_torsion.phi             -156.36 
_pdbx_validate_torsion.psi             -75.29 
# 
_pdbx_struct_mod_residue.id               1 
_pdbx_struct_mod_residue.label_asym_id    B 
_pdbx_struct_mod_residue.label_comp_id    MLY 
_pdbx_struct_mod_residue.label_seq_id     4 
_pdbx_struct_mod_residue.auth_asym_id     F 
_pdbx_struct_mod_residue.auth_comp_id     MLY 
_pdbx_struct_mod_residue.auth_seq_id      4 
_pdbx_struct_mod_residue.PDB_ins_code     ? 
_pdbx_struct_mod_residue.parent_comp_id   LYS 
_pdbx_struct_mod_residue.details          N-DIMETHYL-LYSINE 
# 
_pdbx_entry_details.entry_id                 4UP0 
_pdbx_entry_details.compound_details         ? 
_pdbx_entry_details.source_details           ? 
_pdbx_entry_details.nonpolymer_details       ? 
_pdbx_entry_details.sequence_details         
;GLYCINE (REMNANT OF TEV CLEAVAGE SITE), PYGO2 PHD FINGER (
AAS 327-387), ARTIFICIAL LINKER (8AA LINKER-GSGSGSGS), B9L
HD1 DOMAIN (AAS 235-263) OF ISOFORM 2 OF Q86UU0
;
_pdbx_entry_details.has_ligand_of_interest   ? 
# 
_pdbx_distant_solvent_atoms.id                                1 
_pdbx_distant_solvent_atoms.PDB_model_num                     1 
_pdbx_distant_solvent_atoms.auth_atom_id                      O 
_pdbx_distant_solvent_atoms.label_alt_id                      ? 
_pdbx_distant_solvent_atoms.auth_asym_id                      A 
_pdbx_distant_solvent_atoms.auth_comp_id                      HOH 
_pdbx_distant_solvent_atoms.auth_seq_id                       2012 
_pdbx_distant_solvent_atoms.PDB_ins_code                      ? 
_pdbx_distant_solvent_atoms.neighbor_macromolecule_distance   6.00 
_pdbx_distant_solvent_atoms.neighbor_ligand_distance          . 
# 
loop_
_pdbx_unobs_or_zero_occ_residues.id 
_pdbx_unobs_or_zero_occ_residues.PDB_model_num 
_pdbx_unobs_or_zero_occ_residues.polymer_flag 
_pdbx_unobs_or_zero_occ_residues.occupancy_flag 
_pdbx_unobs_or_zero_occ_residues.auth_asym_id 
_pdbx_unobs_or_zero_occ_residues.auth_comp_id 
_pdbx_unobs_or_zero_occ_residues.auth_seq_id 
_pdbx_unobs_or_zero_occ_residues.PDB_ins_code 
_pdbx_unobs_or_zero_occ_residues.label_asym_id 
_pdbx_unobs_or_zero_occ_residues.label_comp_id 
_pdbx_unobs_or_zero_occ_residues.label_seq_id 
1  1 Y 1 A LEU 383  ? A LEU 58 
2  1 Y 1 A LYS 384  ? A LYS 59 
3  1 Y 1 A THR 385  ? A THR 60 
4  1 Y 1 A LYS 386  ? A LYS 61 
5  1 Y 1 A GLU 387  ? A GLU 62 
6  1 Y 1 A GLY 388  ? A GLY 63 
7  1 Y 1 A SER 389  ? A SER 64 
8  1 Y 1 A GLY 390  ? A GLY 65 
9  1 Y 1 A SER 391  ? A SER 66 
10 1 Y 1 A GLY 392  ? A GLY 67 
11 1 Y 1 A SER 393  ? A SER 68 
12 1 Y 1 A GLY 394  ? A GLY 69 
13 1 Y 1 A SER 395  ? A SER 70 
14 1 Y 1 A GLN 1263 ? A GLN 99 
15 1 Y 1 F ALA 7    ? B ALA 7  
16 1 Y 1 F ARG 8    ? B ARG 8  
17 1 Y 1 F ALY 9    ? B ALY 9  
18 1 Y 1 F SER 10   ? B SER 10 
19 1 Y 1 F THR 11   ? B THR 11 
20 1 Y 1 F GLY 12   ? B GLY 12 
21 1 Y 1 F GLY 13   ? B GLY 13 
22 1 Y 1 F LYS 14   ? B LYS 14 
23 1 Y 1 F ALA 15   ? B ALA 15 
# 
loop_
_chem_comp_atom.comp_id 
_chem_comp_atom.atom_id 
_chem_comp_atom.type_symbol 
_chem_comp_atom.pdbx_aromatic_flag 
_chem_comp_atom.pdbx_stereo_config 
_chem_comp_atom.pdbx_ordinal 
ALA N    N  N N 1   
ALA CA   C  N S 2   
ALA C    C  N N 3   
ALA O    O  N N 4   
ALA CB   C  N N 5   
ALA OXT  O  N N 6   
ALA H    H  N N 7   
ALA H2   H  N N 8   
ALA HA   H  N N 9   
ALA HB1  H  N N 10  
ALA HB2  H  N N 11  
ALA HB3  H  N N 12  
ALA HXT  H  N N 13  
ALY OH   O  N N 14  
ALY CH   C  N N 15  
ALY CH3  C  N N 16  
ALY NZ   N  N N 17  
ALY CE   C  N N 18  
ALY CD   C  N N 19  
ALY CG   C  N N 20  
ALY CB   C  N N 21  
ALY CA   C  N S 22  
ALY N    N  N N 23  
ALY C    C  N N 24  
ALY O    O  N N 25  
ALY OXT  O  N N 26  
ALY HH31 H  N N 27  
ALY HH32 H  N N 28  
ALY HH33 H  N N 29  
ALY HZ   H  N N 30  
ALY HE3  H  N N 31  
ALY HE2  H  N N 32  
ALY HD3  H  N N 33  
ALY HD2  H  N N 34  
ALY HG3  H  N N 35  
ALY HG2  H  N N 36  
ALY HB3  H  N N 37  
ALY HB2  H  N N 38  
ALY HA   H  N N 39  
ALY H    H  N N 40  
ALY H2   H  N N 41  
ALY HXT  H  N N 42  
ARG N    N  N N 43  
ARG CA   C  N S 44  
ARG C    C  N N 45  
ARG O    O  N N 46  
ARG CB   C  N N 47  
ARG CG   C  N N 48  
ARG CD   C  N N 49  
ARG NE   N  N N 50  
ARG CZ   C  N N 51  
ARG NH1  N  N N 52  
ARG NH2  N  N N 53  
ARG OXT  O  N N 54  
ARG H    H  N N 55  
ARG H2   H  N N 56  
ARG HA   H  N N 57  
ARG HB2  H  N N 58  
ARG HB3  H  N N 59  
ARG HG2  H  N N 60  
ARG HG3  H  N N 61  
ARG HD2  H  N N 62  
ARG HD3  H  N N 63  
ARG HE   H  N N 64  
ARG HH11 H  N N 65  
ARG HH12 H  N N 66  
ARG HH21 H  N N 67  
ARG HH22 H  N N 68  
ARG HXT  H  N N 69  
ASN N    N  N N 70  
ASN CA   C  N S 71  
ASN C    C  N N 72  
ASN O    O  N N 73  
ASN CB   C  N N 74  
ASN CG   C  N N 75  
ASN OD1  O  N N 76  
ASN ND2  N  N N 77  
ASN OXT  O  N N 78  
ASN H    H  N N 79  
ASN H2   H  N N 80  
ASN HA   H  N N 81  
ASN HB2  H  N N 82  
ASN HB3  H  N N 83  
ASN HD21 H  N N 84  
ASN HD22 H  N N 85  
ASN HXT  H  N N 86  
ASP N    N  N N 87  
ASP CA   C  N S 88  
ASP C    C  N N 89  
ASP O    O  N N 90  
ASP CB   C  N N 91  
ASP CG   C  N N 92  
ASP OD1  O  N N 93  
ASP OD2  O  N N 94  
ASP OXT  O  N N 95  
ASP H    H  N N 96  
ASP H2   H  N N 97  
ASP HA   H  N N 98  
ASP HB2  H  N N 99  
ASP HB3  H  N N 100 
ASP HD2  H  N N 101 
ASP HXT  H  N N 102 
CYS N    N  N N 103 
CYS CA   C  N R 104 
CYS C    C  N N 105 
CYS O    O  N N 106 
CYS CB   C  N N 107 
CYS SG   S  N N 108 
CYS OXT  O  N N 109 
CYS H    H  N N 110 
CYS H2   H  N N 111 
CYS HA   H  N N 112 
CYS HB2  H  N N 113 
CYS HB3  H  N N 114 
CYS HG   H  N N 115 
CYS HXT  H  N N 116 
GLN N    N  N N 117 
GLN CA   C  N S 118 
GLN C    C  N N 119 
GLN O    O  N N 120 
GLN CB   C  N N 121 
GLN CG   C  N N 122 
GLN CD   C  N N 123 
GLN OE1  O  N N 124 
GLN NE2  N  N N 125 
GLN OXT  O  N N 126 
GLN H    H  N N 127 
GLN H2   H  N N 128 
GLN HA   H  N N 129 
GLN HB2  H  N N 130 
GLN HB3  H  N N 131 
GLN HG2  H  N N 132 
GLN HG3  H  N N 133 
GLN HE21 H  N N 134 
GLN HE22 H  N N 135 
GLN HXT  H  N N 136 
GLU N    N  N N 137 
GLU CA   C  N S 138 
GLU C    C  N N 139 
GLU O    O  N N 140 
GLU CB   C  N N 141 
GLU CG   C  N N 142 
GLU CD   C  N N 143 
GLU OE1  O  N N 144 
GLU OE2  O  N N 145 
GLU OXT  O  N N 146 
GLU H    H  N N 147 
GLU H2   H  N N 148 
GLU HA   H  N N 149 
GLU HB2  H  N N 150 
GLU HB3  H  N N 151 
GLU HG2  H  N N 152 
GLU HG3  H  N N 153 
GLU HE2  H  N N 154 
GLU HXT  H  N N 155 
GLY N    N  N N 156 
GLY CA   C  N N 157 
GLY C    C  N N 158 
GLY O    O  N N 159 
GLY OXT  O  N N 160 
GLY H    H  N N 161 
GLY H2   H  N N 162 
GLY HA2  H  N N 163 
GLY HA3  H  N N 164 
GLY HXT  H  N N 165 
HIS N    N  N N 166 
HIS CA   C  N S 167 
HIS C    C  N N 168 
HIS O    O  N N 169 
HIS CB   C  N N 170 
HIS CG   C  Y N 171 
HIS ND1  N  Y N 172 
HIS CD2  C  Y N 173 
HIS CE1  C  Y N 174 
HIS NE2  N  Y N 175 
HIS OXT  O  N N 176 
HIS H    H  N N 177 
HIS H2   H  N N 178 
HIS HA   H  N N 179 
HIS HB2  H  N N 180 
HIS HB3  H  N N 181 
HIS HD1  H  N N 182 
HIS HD2  H  N N 183 
HIS HE1  H  N N 184 
HIS HE2  H  N N 185 
HIS HXT  H  N N 186 
HOH O    O  N N 187 
HOH H1   H  N N 188 
HOH H2   H  N N 189 
ILE N    N  N N 190 
ILE CA   C  N S 191 
ILE C    C  N N 192 
ILE O    O  N N 193 
ILE CB   C  N S 194 
ILE CG1  C  N N 195 
ILE CG2  C  N N 196 
ILE CD1  C  N N 197 
ILE OXT  O  N N 198 
ILE H    H  N N 199 
ILE H2   H  N N 200 
ILE HA   H  N N 201 
ILE HB   H  N N 202 
ILE HG12 H  N N 203 
ILE HG13 H  N N 204 
ILE HG21 H  N N 205 
ILE HG22 H  N N 206 
ILE HG23 H  N N 207 
ILE HD11 H  N N 208 
ILE HD12 H  N N 209 
ILE HD13 H  N N 210 
ILE HXT  H  N N 211 
LEU N    N  N N 212 
LEU CA   C  N S 213 
LEU C    C  N N 214 
LEU O    O  N N 215 
LEU CB   C  N N 216 
LEU CG   C  N N 217 
LEU CD1  C  N N 218 
LEU CD2  C  N N 219 
LEU OXT  O  N N 220 
LEU H    H  N N 221 
LEU H2   H  N N 222 
LEU HA   H  N N 223 
LEU HB2  H  N N 224 
LEU HB3  H  N N 225 
LEU HG   H  N N 226 
LEU HD11 H  N N 227 
LEU HD12 H  N N 228 
LEU HD13 H  N N 229 
LEU HD21 H  N N 230 
LEU HD22 H  N N 231 
LEU HD23 H  N N 232 
LEU HXT  H  N N 233 
LYS N    N  N N 234 
LYS CA   C  N S 235 
LYS C    C  N N 236 
LYS O    O  N N 237 
LYS CB   C  N N 238 
LYS CG   C  N N 239 
LYS CD   C  N N 240 
LYS CE   C  N N 241 
LYS NZ   N  N N 242 
LYS OXT  O  N N 243 
LYS H    H  N N 244 
LYS H2   H  N N 245 
LYS HA   H  N N 246 
LYS HB2  H  N N 247 
LYS HB3  H  N N 248 
LYS HG2  H  N N 249 
LYS HG3  H  N N 250 
LYS HD2  H  N N 251 
LYS HD3  H  N N 252 
LYS HE2  H  N N 253 
LYS HE3  H  N N 254 
LYS HZ1  H  N N 255 
LYS HZ2  H  N N 256 
LYS HZ3  H  N N 257 
LYS HXT  H  N N 258 
MET N    N  N N 259 
MET CA   C  N S 260 
MET C    C  N N 261 
MET O    O  N N 262 
MET CB   C  N N 263 
MET CG   C  N N 264 
MET SD   S  N N 265 
MET CE   C  N N 266 
MET OXT  O  N N 267 
MET H    H  N N 268 
MET H2   H  N N 269 
MET HA   H  N N 270 
MET HB2  H  N N 271 
MET HB3  H  N N 272 
MET HG2  H  N N 273 
MET HG3  H  N N 274 
MET HE1  H  N N 275 
MET HE2  H  N N 276 
MET HE3  H  N N 277 
MET HXT  H  N N 278 
MLY N    N  N N 279 
MLY CA   C  N S 280 
MLY CB   C  N N 281 
MLY CG   C  N N 282 
MLY CD   C  N N 283 
MLY CE   C  N N 284 
MLY NZ   N  N N 285 
MLY CH1  C  N N 286 
MLY CH2  C  N N 287 
MLY C    C  N N 288 
MLY O    O  N N 289 
MLY OXT  O  N N 290 
MLY H    H  N N 291 
MLY H2   H  N N 292 
MLY HA   H  N N 293 
MLY HB2  H  N N 294 
MLY HB3  H  N N 295 
MLY HG2  H  N N 296 
MLY HG3  H  N N 297 
MLY HD2  H  N N 298 
MLY HD3  H  N N 299 
MLY HE2  H  N N 300 
MLY HE3  H  N N 301 
MLY HH11 H  N N 302 
MLY HH12 H  N N 303 
MLY HH13 H  N N 304 
MLY HH21 H  N N 305 
MLY HH22 H  N N 306 
MLY HH23 H  N N 307 
MLY HXT  H  N N 308 
PHE N    N  N N 309 
PHE CA   C  N S 310 
PHE C    C  N N 311 
PHE O    O  N N 312 
PHE CB   C  N N 313 
PHE CG   C  Y N 314 
PHE CD1  C  Y N 315 
PHE CD2  C  Y N 316 
PHE CE1  C  Y N 317 
PHE CE2  C  Y N 318 
PHE CZ   C  Y N 319 
PHE OXT  O  N N 320 
PHE H    H  N N 321 
PHE H2   H  N N 322 
PHE HA   H  N N 323 
PHE HB2  H  N N 324 
PHE HB3  H  N N 325 
PHE HD1  H  N N 326 
PHE HD2  H  N N 327 
PHE HE1  H  N N 328 
PHE HE2  H  N N 329 
PHE HZ   H  N N 330 
PHE HXT  H  N N 331 
PRO N    N  N N 332 
PRO CA   C  N S 333 
PRO C    C  N N 334 
PRO O    O  N N 335 
PRO CB   C  N N 336 
PRO CG   C  N N 337 
PRO CD   C  N N 338 
PRO OXT  O  N N 339 
PRO H    H  N N 340 
PRO HA   H  N N 341 
PRO HB2  H  N N 342 
PRO HB3  H  N N 343 
PRO HG2  H  N N 344 
PRO HG3  H  N N 345 
PRO HD2  H  N N 346 
PRO HD3  H  N N 347 
PRO HXT  H  N N 348 
SER N    N  N N 349 
SER CA   C  N S 350 
SER C    C  N N 351 
SER O    O  N N 352 
SER CB   C  N N 353 
SER OG   O  N N 354 
SER OXT  O  N N 355 
SER H    H  N N 356 
SER H2   H  N N 357 
SER HA   H  N N 358 
SER HB2  H  N N 359 
SER HB3  H  N N 360 
SER HG   H  N N 361 
SER HXT  H  N N 362 
THR N    N  N N 363 
THR CA   C  N S 364 
THR C    C  N N 365 
THR O    O  N N 366 
THR CB   C  N R 367 
THR OG1  O  N N 368 
THR CG2  C  N N 369 
THR OXT  O  N N 370 
THR H    H  N N 371 
THR H2   H  N N 372 
THR HA   H  N N 373 
THR HB   H  N N 374 
THR HG1  H  N N 375 
THR HG21 H  N N 376 
THR HG22 H  N N 377 
THR HG23 H  N N 378 
THR HXT  H  N N 379 
TRP N    N  N N 380 
TRP CA   C  N S 381 
TRP C    C  N N 382 
TRP O    O  N N 383 
TRP CB   C  N N 384 
TRP CG   C  Y N 385 
TRP CD1  C  Y N 386 
TRP CD2  C  Y N 387 
TRP NE1  N  Y N 388 
TRP CE2  C  Y N 389 
TRP CE3  C  Y N 390 
TRP CZ2  C  Y N 391 
TRP CZ3  C  Y N 392 
TRP CH2  C  Y N 393 
TRP OXT  O  N N 394 
TRP H    H  N N 395 
TRP H2   H  N N 396 
TRP HA   H  N N 397 
TRP HB2  H  N N 398 
TRP HB3  H  N N 399 
TRP HD1  H  N N 400 
TRP HE1  H  N N 401 
TRP HE3  H  N N 402 
TRP HZ2  H  N N 403 
TRP HZ3  H  N N 404 
TRP HH2  H  N N 405 
TRP HXT  H  N N 406 
TYR N    N  N N 407 
TYR CA   C  N S 408 
TYR C    C  N N 409 
TYR O    O  N N 410 
TYR CB   C  N N 411 
TYR CG   C  Y N 412 
TYR CD1  C  Y N 413 
TYR CD2  C  Y N 414 
TYR CE1  C  Y N 415 
TYR CE2  C  Y N 416 
TYR CZ   C  Y N 417 
TYR OH   O  N N 418 
TYR OXT  O  N N 419 
TYR H    H  N N 420 
TYR H2   H  N N 421 
TYR HA   H  N N 422 
TYR HB2  H  N N 423 
TYR HB3  H  N N 424 
TYR HD1  H  N N 425 
TYR HD2  H  N N 426 
TYR HE1  H  N N 427 
TYR HE2  H  N N 428 
TYR HH   H  N N 429 
TYR HXT  H  N N 430 
VAL N    N  N N 431 
VAL CA   C  N S 432 
VAL C    C  N N 433 
VAL O    O  N N 434 
VAL CB   C  N N 435 
VAL CG1  C  N N 436 
VAL CG2  C  N N 437 
VAL OXT  O  N N 438 
VAL H    H  N N 439 
VAL H2   H  N N 440 
VAL HA   H  N N 441 
VAL HB   H  N N 442 
VAL HG11 H  N N 443 
VAL HG12 H  N N 444 
VAL HG13 H  N N 445 
VAL HG21 H  N N 446 
VAL HG22 H  N N 447 
VAL HG23 H  N N 448 
VAL HXT  H  N N 449 
ZN  ZN   ZN N N 450 
# 
loop_
_chem_comp_bond.comp_id 
_chem_comp_bond.atom_id_1 
_chem_comp_bond.atom_id_2 
_chem_comp_bond.value_order 
_chem_comp_bond.pdbx_aromatic_flag 
_chem_comp_bond.pdbx_stereo_config 
_chem_comp_bond.pdbx_ordinal 
ALA N   CA   sing N N 1   
ALA N   H    sing N N 2   
ALA N   H2   sing N N 3   
ALA CA  C    sing N N 4   
ALA CA  CB   sing N N 5   
ALA CA  HA   sing N N 6   
ALA C   O    doub N N 7   
ALA C   OXT  sing N N 8   
ALA CB  HB1  sing N N 9   
ALA CB  HB2  sing N N 10  
ALA CB  HB3  sing N N 11  
ALA OXT HXT  sing N N 12  
ALY OH  CH   doub N N 13  
ALY CH  CH3  sing N N 14  
ALY CH  NZ   sing N N 15  
ALY CH3 HH31 sing N N 16  
ALY CH3 HH32 sing N N 17  
ALY CH3 HH33 sing N N 18  
ALY NZ  CE   sing N N 19  
ALY NZ  HZ   sing N N 20  
ALY CE  CD   sing N N 21  
ALY CE  HE3  sing N N 22  
ALY CE  HE2  sing N N 23  
ALY CD  CG   sing N N 24  
ALY CD  HD3  sing N N 25  
ALY CD  HD2  sing N N 26  
ALY CG  CB   sing N N 27  
ALY CG  HG3  sing N N 28  
ALY CG  HG2  sing N N 29  
ALY CB  CA   sing N N 30  
ALY CB  HB3  sing N N 31  
ALY CB  HB2  sing N N 32  
ALY CA  N    sing N N 33  
ALY CA  C    sing N N 34  
ALY CA  HA   sing N N 35  
ALY N   H    sing N N 36  
ALY N   H2   sing N N 37  
ALY C   O    doub N N 38  
ALY C   OXT  sing N N 39  
ALY OXT HXT  sing N N 40  
ARG N   CA   sing N N 41  
ARG N   H    sing N N 42  
ARG N   H2   sing N N 43  
ARG CA  C    sing N N 44  
ARG CA  CB   sing N N 45  
ARG CA  HA   sing N N 46  
ARG C   O    doub N N 47  
ARG C   OXT  sing N N 48  
ARG CB  CG   sing N N 49  
ARG CB  HB2  sing N N 50  
ARG CB  HB3  sing N N 51  
ARG CG  CD   sing N N 52  
ARG CG  HG2  sing N N 53  
ARG CG  HG3  sing N N 54  
ARG CD  NE   sing N N 55  
ARG CD  HD2  sing N N 56  
ARG CD  HD3  sing N N 57  
ARG NE  CZ   sing N N 58  
ARG NE  HE   sing N N 59  
ARG CZ  NH1  sing N N 60  
ARG CZ  NH2  doub N N 61  
ARG NH1 HH11 sing N N 62  
ARG NH1 HH12 sing N N 63  
ARG NH2 HH21 sing N N 64  
ARG NH2 HH22 sing N N 65  
ARG OXT HXT  sing N N 66  
ASN N   CA   sing N N 67  
ASN N   H    sing N N 68  
ASN N   H2   sing N N 69  
ASN CA  C    sing N N 70  
ASN CA  CB   sing N N 71  
ASN CA  HA   sing N N 72  
ASN C   O    doub N N 73  
ASN C   OXT  sing N N 74  
ASN CB  CG   sing N N 75  
ASN CB  HB2  sing N N 76  
ASN CB  HB3  sing N N 77  
ASN CG  OD1  doub N N 78  
ASN CG  ND2  sing N N 79  
ASN ND2 HD21 sing N N 80  
ASN ND2 HD22 sing N N 81  
ASN OXT HXT  sing N N 82  
ASP N   CA   sing N N 83  
ASP N   H    sing N N 84  
ASP N   H2   sing N N 85  
ASP CA  C    sing N N 86  
ASP CA  CB   sing N N 87  
ASP CA  HA   sing N N 88  
ASP C   O    doub N N 89  
ASP C   OXT  sing N N 90  
ASP CB  CG   sing N N 91  
ASP CB  HB2  sing N N 92  
ASP CB  HB3  sing N N 93  
ASP CG  OD1  doub N N 94  
ASP CG  OD2  sing N N 95  
ASP OD2 HD2  sing N N 96  
ASP OXT HXT  sing N N 97  
CYS N   CA   sing N N 98  
CYS N   H    sing N N 99  
CYS N   H2   sing N N 100 
CYS CA  C    sing N N 101 
CYS CA  CB   sing N N 102 
CYS CA  HA   sing N N 103 
CYS C   O    doub N N 104 
CYS C   OXT  sing N N 105 
CYS CB  SG   sing N N 106 
CYS CB  HB2  sing N N 107 
CYS CB  HB3  sing N N 108 
CYS SG  HG   sing N N 109 
CYS OXT HXT  sing N N 110 
GLN N   CA   sing N N 111 
GLN N   H    sing N N 112 
GLN N   H2   sing N N 113 
GLN CA  C    sing N N 114 
GLN CA  CB   sing N N 115 
GLN CA  HA   sing N N 116 
GLN C   O    doub N N 117 
GLN C   OXT  sing N N 118 
GLN CB  CG   sing N N 119 
GLN CB  HB2  sing N N 120 
GLN CB  HB3  sing N N 121 
GLN CG  CD   sing N N 122 
GLN CG  HG2  sing N N 123 
GLN CG  HG3  sing N N 124 
GLN CD  OE1  doub N N 125 
GLN CD  NE2  sing N N 126 
GLN NE2 HE21 sing N N 127 
GLN NE2 HE22 sing N N 128 
GLN OXT HXT  sing N N 129 
GLU N   CA   sing N N 130 
GLU N   H    sing N N 131 
GLU N   H2   sing N N 132 
GLU CA  C    sing N N 133 
GLU CA  CB   sing N N 134 
GLU CA  HA   sing N N 135 
GLU C   O    doub N N 136 
GLU C   OXT  sing N N 137 
GLU CB  CG   sing N N 138 
GLU CB  HB2  sing N N 139 
GLU CB  HB3  sing N N 140 
GLU CG  CD   sing N N 141 
GLU CG  HG2  sing N N 142 
GLU CG  HG3  sing N N 143 
GLU CD  OE1  doub N N 144 
GLU CD  OE2  sing N N 145 
GLU OE2 HE2  sing N N 146 
GLU OXT HXT  sing N N 147 
GLY N   CA   sing N N 148 
GLY N   H    sing N N 149 
GLY N   H2   sing N N 150 
GLY CA  C    sing N N 151 
GLY CA  HA2  sing N N 152 
GLY CA  HA3  sing N N 153 
GLY C   O    doub N N 154 
GLY C   OXT  sing N N 155 
GLY OXT HXT  sing N N 156 
HIS N   CA   sing N N 157 
HIS N   H    sing N N 158 
HIS N   H2   sing N N 159 
HIS CA  C    sing N N 160 
HIS CA  CB   sing N N 161 
HIS CA  HA   sing N N 162 
HIS C   O    doub N N 163 
HIS C   OXT  sing N N 164 
HIS CB  CG   sing N N 165 
HIS CB  HB2  sing N N 166 
HIS CB  HB3  sing N N 167 
HIS CG  ND1  sing Y N 168 
HIS CG  CD2  doub Y N 169 
HIS ND1 CE1  doub Y N 170 
HIS ND1 HD1  sing N N 171 
HIS CD2 NE2  sing Y N 172 
HIS CD2 HD2  sing N N 173 
HIS CE1 NE2  sing Y N 174 
HIS CE1 HE1  sing N N 175 
HIS NE2 HE2  sing N N 176 
HIS OXT HXT  sing N N 177 
HOH O   H1   sing N N 178 
HOH O   H2   sing N N 179 
ILE N   CA   sing N N 180 
ILE N   H    sing N N 181 
ILE N   H2   sing N N 182 
ILE CA  C    sing N N 183 
ILE CA  CB   sing N N 184 
ILE CA  HA   sing N N 185 
ILE C   O    doub N N 186 
ILE C   OXT  sing N N 187 
ILE CB  CG1  sing N N 188 
ILE CB  CG2  sing N N 189 
ILE CB  HB   sing N N 190 
ILE CG1 CD1  sing N N 191 
ILE CG1 HG12 sing N N 192 
ILE CG1 HG13 sing N N 193 
ILE CG2 HG21 sing N N 194 
ILE CG2 HG22 sing N N 195 
ILE CG2 HG23 sing N N 196 
ILE CD1 HD11 sing N N 197 
ILE CD1 HD12 sing N N 198 
ILE CD1 HD13 sing N N 199 
ILE OXT HXT  sing N N 200 
LEU N   CA   sing N N 201 
LEU N   H    sing N N 202 
LEU N   H2   sing N N 203 
LEU CA  C    sing N N 204 
LEU CA  CB   sing N N 205 
LEU CA  HA   sing N N 206 
LEU C   O    doub N N 207 
LEU C   OXT  sing N N 208 
LEU CB  CG   sing N N 209 
LEU CB  HB2  sing N N 210 
LEU CB  HB3  sing N N 211 
LEU CG  CD1  sing N N 212 
LEU CG  CD2  sing N N 213 
LEU CG  HG   sing N N 214 
LEU CD1 HD11 sing N N 215 
LEU CD1 HD12 sing N N 216 
LEU CD1 HD13 sing N N 217 
LEU CD2 HD21 sing N N 218 
LEU CD2 HD22 sing N N 219 
LEU CD2 HD23 sing N N 220 
LEU OXT HXT  sing N N 221 
LYS N   CA   sing N N 222 
LYS N   H    sing N N 223 
LYS N   H2   sing N N 224 
LYS CA  C    sing N N 225 
LYS CA  CB   sing N N 226 
LYS CA  HA   sing N N 227 
LYS C   O    doub N N 228 
LYS C   OXT  sing N N 229 
LYS CB  CG   sing N N 230 
LYS CB  HB2  sing N N 231 
LYS CB  HB3  sing N N 232 
LYS CG  CD   sing N N 233 
LYS CG  HG2  sing N N 234 
LYS CG  HG3  sing N N 235 
LYS CD  CE   sing N N 236 
LYS CD  HD2  sing N N 237 
LYS CD  HD3  sing N N 238 
LYS CE  NZ   sing N N 239 
LYS CE  HE2  sing N N 240 
LYS CE  HE3  sing N N 241 
LYS NZ  HZ1  sing N N 242 
LYS NZ  HZ2  sing N N 243 
LYS NZ  HZ3  sing N N 244 
LYS OXT HXT  sing N N 245 
MET N   CA   sing N N 246 
MET N   H    sing N N 247 
MET N   H2   sing N N 248 
MET CA  C    sing N N 249 
MET CA  CB   sing N N 250 
MET CA  HA   sing N N 251 
MET C   O    doub N N 252 
MET C   OXT  sing N N 253 
MET CB  CG   sing N N 254 
MET CB  HB2  sing N N 255 
MET CB  HB3  sing N N 256 
MET CG  SD   sing N N 257 
MET CG  HG2  sing N N 258 
MET CG  HG3  sing N N 259 
MET SD  CE   sing N N 260 
MET CE  HE1  sing N N 261 
MET CE  HE2  sing N N 262 
MET CE  HE3  sing N N 263 
MET OXT HXT  sing N N 264 
MLY N   CA   sing N N 265 
MLY N   H    sing N N 266 
MLY N   H2   sing N N 267 
MLY CA  CB   sing N N 268 
MLY CA  C    sing N N 269 
MLY CA  HA   sing N N 270 
MLY CB  CG   sing N N 271 
MLY CB  HB2  sing N N 272 
MLY CB  HB3  sing N N 273 
MLY CG  CD   sing N N 274 
MLY CG  HG2  sing N N 275 
MLY CG  HG3  sing N N 276 
MLY CD  CE   sing N N 277 
MLY CD  HD2  sing N N 278 
MLY CD  HD3  sing N N 279 
MLY CE  NZ   sing N N 280 
MLY CE  HE2  sing N N 281 
MLY CE  HE3  sing N N 282 
MLY NZ  CH1  sing N N 283 
MLY NZ  CH2  sing N N 284 
MLY CH1 HH11 sing N N 285 
MLY CH1 HH12 sing N N 286 
MLY CH1 HH13 sing N N 287 
MLY CH2 HH21 sing N N 288 
MLY CH2 HH22 sing N N 289 
MLY CH2 HH23 sing N N 290 
MLY C   O    doub N N 291 
MLY C   OXT  sing N N 292 
MLY OXT HXT  sing N N 293 
PHE N   CA   sing N N 294 
PHE N   H    sing N N 295 
PHE N   H2   sing N N 296 
PHE CA  C    sing N N 297 
PHE CA  CB   sing N N 298 
PHE CA  HA   sing N N 299 
PHE C   O    doub N N 300 
PHE C   OXT  sing N N 301 
PHE CB  CG   sing N N 302 
PHE CB  HB2  sing N N 303 
PHE CB  HB3  sing N N 304 
PHE CG  CD1  doub Y N 305 
PHE CG  CD2  sing Y N 306 
PHE CD1 CE1  sing Y N 307 
PHE CD1 HD1  sing N N 308 
PHE CD2 CE2  doub Y N 309 
PHE CD2 HD2  sing N N 310 
PHE CE1 CZ   doub Y N 311 
PHE CE1 HE1  sing N N 312 
PHE CE2 CZ   sing Y N 313 
PHE CE2 HE2  sing N N 314 
PHE CZ  HZ   sing N N 315 
PHE OXT HXT  sing N N 316 
PRO N   CA   sing N N 317 
PRO N   CD   sing N N 318 
PRO N   H    sing N N 319 
PRO CA  C    sing N N 320 
PRO CA  CB   sing N N 321 
PRO CA  HA   sing N N 322 
PRO C   O    doub N N 323 
PRO C   OXT  sing N N 324 
PRO CB  CG   sing N N 325 
PRO CB  HB2  sing N N 326 
PRO CB  HB3  sing N N 327 
PRO CG  CD   sing N N 328 
PRO CG  HG2  sing N N 329 
PRO CG  HG3  sing N N 330 
PRO CD  HD2  sing N N 331 
PRO CD  HD3  sing N N 332 
PRO OXT HXT  sing N N 333 
SER N   CA   sing N N 334 
SER N   H    sing N N 335 
SER N   H2   sing N N 336 
SER CA  C    sing N N 337 
SER CA  CB   sing N N 338 
SER CA  HA   sing N N 339 
SER C   O    doub N N 340 
SER C   OXT  sing N N 341 
SER CB  OG   sing N N 342 
SER CB  HB2  sing N N 343 
SER CB  HB3  sing N N 344 
SER OG  HG   sing N N 345 
SER OXT HXT  sing N N 346 
THR N   CA   sing N N 347 
THR N   H    sing N N 348 
THR N   H2   sing N N 349 
THR CA  C    sing N N 350 
THR CA  CB   sing N N 351 
THR CA  HA   sing N N 352 
THR C   O    doub N N 353 
THR C   OXT  sing N N 354 
THR CB  OG1  sing N N 355 
THR CB  CG2  sing N N 356 
THR CB  HB   sing N N 357 
THR OG1 HG1  sing N N 358 
THR CG2 HG21 sing N N 359 
THR CG2 HG22 sing N N 360 
THR CG2 HG23 sing N N 361 
THR OXT HXT  sing N N 362 
TRP N   CA   sing N N 363 
TRP N   H    sing N N 364 
TRP N   H2   sing N N 365 
TRP CA  C    sing N N 366 
TRP CA  CB   sing N N 367 
TRP CA  HA   sing N N 368 
TRP C   O    doub N N 369 
TRP C   OXT  sing N N 370 
TRP CB  CG   sing N N 371 
TRP CB  HB2  sing N N 372 
TRP CB  HB3  sing N N 373 
TRP CG  CD1  doub Y N 374 
TRP CG  CD2  sing Y N 375 
TRP CD1 NE1  sing Y N 376 
TRP CD1 HD1  sing N N 377 
TRP CD2 CE2  doub Y N 378 
TRP CD2 CE3  sing Y N 379 
TRP NE1 CE2  sing Y N 380 
TRP NE1 HE1  sing N N 381 
TRP CE2 CZ2  sing Y N 382 
TRP CE3 CZ3  doub Y N 383 
TRP CE3 HE3  sing N N 384 
TRP CZ2 CH2  doub Y N 385 
TRP CZ2 HZ2  sing N N 386 
TRP CZ3 CH2  sing Y N 387 
TRP CZ3 HZ3  sing N N 388 
TRP CH2 HH2  sing N N 389 
TRP OXT HXT  sing N N 390 
TYR N   CA   sing N N 391 
TYR N   H    sing N N 392 
TYR N   H2   sing N N 393 
TYR CA  C    sing N N 394 
TYR CA  CB   sing N N 395 
TYR CA  HA   sing N N 396 
TYR C   O    doub N N 397 
TYR C   OXT  sing N N 398 
TYR CB  CG   sing N N 399 
TYR CB  HB2  sing N N 400 
TYR CB  HB3  sing N N 401 
TYR CG  CD1  doub Y N 402 
TYR CG  CD2  sing Y N 403 
TYR CD1 CE1  sing Y N 404 
TYR CD1 HD1  sing N N 405 
TYR CD2 CE2  doub Y N 406 
TYR CD2 HD2  sing N N 407 
TYR CE1 CZ   doub Y N 408 
TYR CE1 HE1  sing N N 409 
TYR CE2 CZ   sing Y N 410 
TYR CE2 HE2  sing N N 411 
TYR CZ  OH   sing N N 412 
TYR OH  HH   sing N N 413 
TYR OXT HXT  sing N N 414 
VAL N   CA   sing N N 415 
VAL N   H    sing N N 416 
VAL N   H2   sing N N 417 
VAL CA  C    sing N N 418 
VAL CA  CB   sing N N 419 
VAL CA  HA   sing N N 420 
VAL C   O    doub N N 421 
VAL C   OXT  sing N N 422 
VAL CB  CG1  sing N N 423 
VAL CB  CG2  sing N N 424 
VAL CB  HB   sing N N 425 
VAL CG1 HG11 sing N N 426 
VAL CG1 HG12 sing N N 427 
VAL CG1 HG13 sing N N 428 
VAL CG2 HG21 sing N N 429 
VAL CG2 HG22 sing N N 430 
VAL CG2 HG23 sing N N 431 
VAL OXT HXT  sing N N 432 
# 
_pdbx_initial_refinement_model.id               1 
_pdbx_initial_refinement_model.entity_id_list   ? 
_pdbx_initial_refinement_model.type             'experimental model' 
_pdbx_initial_refinement_model.source_name      PDB 
_pdbx_initial_refinement_model.accession_code   2XB1 
_pdbx_initial_refinement_model.details          'PDB ENTRY 2XB1' 
# 
_atom_sites.entry_id                    4UP0 
_atom_sites.fract_transf_matrix[1][1]   0.01412209 
_atom_sites.fract_transf_matrix[1][2]   -0.00614509 
_atom_sites.fract_transf_matrix[1][3]   0.01033779 
_atom_sites.fract_transf_matrix[2][1]   -0.00791865 
_atom_sites.fract_transf_matrix[2][2]   -0.01675176 
_atom_sites.fract_transf_matrix[2][3]   0.00085965 
_atom_sites.fract_transf_matrix[3][1]   0.00842187 
_atom_sites.fract_transf_matrix[3][2]   -0.00471530 
_atom_sites.fract_transf_matrix[3][3]   -0.01430773 
_atom_sites.fract_transf_vector[1]      -0.204098 
_atom_sites.fract_transf_vector[2]      0.164361 
_atom_sites.fract_transf_vector[3]      -0.004998 
# 
loop_
_atom_type.symbol 
C  
N  
O  
S  
ZN 
# 
loop_
_atom_site.group_PDB 
_atom_site.id 
_atom_site.type_symbol 
_atom_site.label_atom_id 
_atom_site.label_alt_id 
_atom_site.label_comp_id 
_atom_site.label_asym_id 
_atom_site.label_entity_id 
_atom_site.label_seq_id 
_atom_site.pdbx_PDB_ins_code 
_atom_site.Cartn_x 
_atom_site.Cartn_y 
_atom_site.Cartn_z 
_atom_site.occupancy 
_atom_site.B_iso_or_equiv 
_atom_site.pdbx_formal_charge 
_atom_site.auth_seq_id 
_atom_site.auth_comp_id 
_atom_site.auth_asym_id 
_atom_site.auth_atom_id 
_atom_site.pdbx_PDB_model_num 
ATOM   1   N  N   . GLY A 1 1  ? -2.809  -3.611  -19.345 1.00 25.10  ? 326  GLY A N   1 
ATOM   2   C  CA  . GLY A 1 1  ? -2.922  -4.413  -18.118 1.00 19.33  ? 326  GLY A CA  1 
ATOM   3   C  C   . GLY A 1 1  ? -4.219  -5.279  -18.197 1.00 16.94  ? 326  GLY A C   1 
ATOM   4   O  O   . GLY A 1 1  ? -5.162  -4.947  -18.915 1.00 20.31  ? 326  GLY A O   1 
ATOM   5   N  N   . VAL A 1 2  ? -4.280  -6.364  -17.440 1.00 20.07  ? 327  VAL A N   1 
ATOM   6   C  CA  . VAL A 1 2  ? -5.443  -7.255  -17.314 1.00 21.10  ? 327  VAL A CA  1 
ATOM   7   C  C   . VAL A 1 2  ? -6.325  -6.840  -16.169 1.00 15.87  ? 327  VAL A C   1 
ATOM   8   O  O   . VAL A 1 2  ? -7.480  -7.105  -16.250 1.00 19.91  ? 327  VAL A O   1 
ATOM   9   C  CB  . VAL A 1 2  ? -5.186  -8.763  -17.223 1.00 28.99  ? 327  VAL A CB  1 
ATOM   10  C  CG1 . VAL A 1 2  ? -4.633  -9.261  -18.529 1.00 34.52  ? 327  VAL A CG1 1 
ATOM   11  C  CG2 . VAL A 1 2  ? -4.358  -9.093  -16.063 1.00 33.55  ? 327  VAL A CG2 1 
ATOM   12  N  N   . TYR A 1 3  ? -5.809  -6.167  -15.139 1.00 16.12  ? 328  TYR A N   1 
ATOM   13  C  CA  . TYR A 1 3  ? -6.585  -5.852  -13.945 1.00 16.32  ? 328  TYR A CA  1 
ATOM   14  C  C   . TYR A 1 3  ? -7.025  -4.408  -13.912 1.00 12.51  ? 328  TYR A C   1 
ATOM   15  O  O   . TYR A 1 3  ? -6.246  -3.505  -14.185 1.00 14.12  ? 328  TYR A O   1 
ATOM   16  C  CB  . TYR A 1 3  ? -5.747  -6.087  -12.672 1.00 20.18  ? 328  TYR A CB  1 
ATOM   17  C  CG  . TYR A 1 3  ? -5.378  -7.495  -12.445 1.00 23.88  ? 328  TYR A CG  1 
ATOM   18  C  CD1 . TYR A 1 3  ? -6.362  -8.475  -12.181 1.00 36.92  ? 328  TYR A CD1 1 
ATOM   19  C  CD2 . TYR A 1 3  ? -4.097  -7.886  -12.604 1.00 26.12  ? 328  TYR A CD2 1 
ATOM   20  C  CE1 . TYR A 1 3  ? -6.018  -9.794  -11.979 1.00 57.80  ? 328  TYR A CE1 1 
ATOM   21  C  CE2 . TYR A 1 3  ? -3.725  -9.177  -12.437 1.00 50.32  ? 328  TYR A CE2 1 
ATOM   22  C  CZ  . TYR A 1 3  ? -4.691  -10.132 -12.103 1.00 69.74  ? 328  TYR A CZ  1 
ATOM   23  O  OH  . TYR A 1 3  ? -4.449  -11.437 -11.936 1.00 64.58  ? 328  TYR A OH  1 
ATOM   24  N  N   . PRO A 1 4  ? -8.282  -4.176  -13.486 1.00 11.78  ? 329  PRO A N   1 
ATOM   25  C  CA  . PRO A 1 4  ? -8.740  -2.832  -13.303 1.00 12.12  ? 329  PRO A CA  1 
ATOM   26  C  C   . PRO A 1 4  ? -8.569  -2.342  -11.841 1.00 11.71  ? 329  PRO A C   1 
ATOM   27  O  O   . PRO A 1 4  ? -8.634  -3.157  -10.929 1.00 13.84  ? 329  PRO A O   1 
ATOM   28  C  CB  . PRO A 1 4  ? -10.204 -2.912  -13.612 1.00 15.08  ? 329  PRO A CB  1 
ATOM   29  C  CG  . PRO A 1 4  ? -10.591 -4.276  -13.172 1.00 14.26  ? 329  PRO A CG  1 
ATOM   30  C  CD  . PRO A 1 4  ? -9.369  -5.170  -13.327 1.00 13.52  ? 329  PRO A CD  1 
ATOM   31  N  N   . CYS A 1 5  ? -8.368  -1.061  -11.668 1.00 10.91  ? 330  CYS A N   1 
ATOM   32  C  CA  . CYS A 1 5  ? -8.170  -0.506  -10.346 1.00 11.14  ? 330  CYS A CA  1 
ATOM   33  C  C   . CYS A 1 5  ? -9.475  -0.611  -9.571  1.00 11.14  ? 330  CYS A C   1 
ATOM   34  O  O   . CYS A 1 5  ? -10.572 -0.270  -10.027 1.00 12.86  ? 330  CYS A O   1 
ATOM   35  C  CB  . CYS A 1 5  ? -7.807  0.977   -10.543 1.00 11.76  ? 330  CYS A CB  1 
ATOM   36  S  SG  . CYS A 1 5  ? -7.663  1.910   -8.977  1.00 11.61  ? 330  CYS A SG  1 
ATOM   37  N  N   . GLY A 1 6  ? -9.328  -1.061  -8.319  1.00 11.84  ? 331  GLY A N   1 
ATOM   38  C  CA  . GLY A 1 6  ? -10.524 -1.260  -7.475  1.00 13.84  ? 331  GLY A CA  1 
ATOM   39  C  C   . GLY A 1 6  ? -11.231 0.056   -7.112  1.00 14.42  ? 331  GLY A C   1 
ATOM   40  O  O   . GLY A 1 6  ? -12.399 0.035   -6.722  1.00 19.09  ? 331  GLY A O   1 
ATOM   41  N  N   . ALA A 1 7  ? -10.560 1.205   -7.283  1.00 14.09  ? 332  ALA A N   1 
ATOM   42  C  CA  . ALA A 1 7  ? -11.156 2.507   -7.014  1.00 13.57  ? 332  ALA A CA  1 
ATOM   43  C  C   . ALA A 1 7  ? -11.663 3.188   -8.282  1.00 15.16  ? 332  ALA A C   1 
ATOM   44  O  O   . ALA A 1 7  ? -12.838 3.490   -8.355  1.00 19.96  ? 332  ALA A O   1 
ATOM   45  C  CB  . ALA A 1 7  ? -10.124 3.384   -6.300  1.00 15.06  ? 332  ALA A CB  1 
ATOM   46  N  N   . CYS A 1 8  ? -10.815 3.398   -9.300  1.00 14.40  ? 333  CYS A N   1 
ATOM   47  C  CA  . CYS A 1 8  ? -11.269 4.165   -10.456 1.00 13.32  ? 333  CYS A CA  1 
ATOM   48  C  C   . CYS A 1 8  ? -11.751 3.286   -11.581 1.00 12.94  ? 333  CYS A C   1 
ATOM   49  O  O   . CYS A 1 8  ? -12.314 3.829   -12.524 1.00 15.77  ? 333  CYS A O   1 
ATOM   50  C  CB  . CYS A 1 8  ? -10.131 5.065   -10.978 1.00 15.32  ? 333  CYS A CB  1 
ATOM   51  S  SG  . CYS A 1 8  ? -8.765  4.178   -11.809 1.00 12.88  ? 333  CYS A SG  1 
ATOM   52  N  N   . ARG A 1 9  ? -11.562 1.953   -11.453 1.00 12.71  ? 334  ARG A N   1 
ATOM   53  C  CA  . ARG A 1 9  ? -12.006 0.953   -12.418 1.00 13.45  ? 334  ARG A CA  1 
ATOM   54  C  C   . ARG A 1 9  ? -11.301 1.022   -13.759 1.00 12.53  ? 334  ARG A C   1 
ATOM   55  O  O   . ARG A 1 9  ? -11.681 0.304   -14.654 1.00 15.77  ? 334  ARG A O   1 
ATOM   56  C  CB  . ARG A 1 9  ? -13.585 1.021   -12.648 1.00 14.78  ? 334  ARG A CB  1 
ATOM   57  C  CG  . ARG A 1 9  ? -14.374 0.764   -11.321 1.00 20.63  ? 334  ARG A CG  1 
ATOM   58  C  CD  . ARG A 1 9  ? -14.057 -0.581  -10.655 1.00 27.54  ? 334  ARG A CD  1 
ATOM   59  N  NE  . ARG A 1 9  ? -15.093 -0.912  -9.671  1.00 34.39  ? 334  ARG A NE  1 
ATOM   60  C  CZ  . ARG A 1 9  ? -15.033 -1.882  -8.771  1.00 31.14  ? 334  ARG A CZ  1 
ATOM   61  N  NH1 . ARG A 1 9  ? -13.931 -2.620  -8.587  1.00 47.30  ? 334  ARG A NH1 1 
ATOM   62  N  NH2 . ARG A 1 9  ? -16.130 -2.061  -7.996  1.00 37.57  ? 334  ARG A NH2 1 
ATOM   63  N  N   . SER A 1 10 ? -10.245 1.848   -13.938 1.00 12.18  ? 335  SER A N   1 
ATOM   64  C  CA  . SER A 1 10 ? -9.428  1.844   -15.159 1.00 13.03  ? 335  SER A CA  1 
ATOM   65  C  C   . SER A 1 10 ? -8.293  0.860   -15.013 1.00 11.19  ? 335  SER A C   1 
ATOM   66  O  O   . SER A 1 10 ? -7.868  0.539   -13.917 1.00 11.46  ? 335  SER A O   1 
ATOM   67  C  CB  . SER A 1 10 ? -8.905  3.248   -15.528 1.00 17.73  ? 335  SER A CB  1 
ATOM   68  O  OG  . SER A 1 10 ? -9.999  4.048   -15.817 1.00 24.13  ? 335  SER A OG  1 
ATOM   69  N  N   . GLU A 1 11 ? -7.694  0.483   -16.175 1.00 11.48  ? 336  GLU A N   1 
ATOM   70  C  CA  . GLU A 1 11 ? -6.664  -0.501  -16.155 1.00 11.28  ? 336  GLU A CA  1 
ATOM   71  C  C   . GLU A 1 11 ? -5.467  -0.056  -15.239 1.00 10.80  ? 336  GLU A C   1 
ATOM   72  O  O   . GLU A 1 11 ? -5.020  1.065   -15.227 1.00 11.81  ? 336  GLU A O   1 
ATOM   73  C  CB  . GLU A 1 11 ? -6.152  -0.861  -17.578 1.00 16.93  ? 336  GLU A CB  1 
ATOM   74  C  CG  . GLU A 1 11 ? -5.382  0.153   -18.251 1.00 20.85  ? 336  GLU A CG  1 
ATOM   75  C  CD  . GLU A 1 11 ? -4.679  -0.407  -19.530 1.00 19.31  ? 336  GLU A CD  1 
ATOM   76  O  OE1 . GLU A 1 11 ? -4.757  -1.652  -19.921 1.00 19.47  ? 336  GLU A OE1 1 
ATOM   77  O  OE2 . GLU A 1 11 ? -4.128  0.474   -20.174 1.00 23.50  ? 336  GLU A OE2 1 
ATOM   78  N  N   . VAL A 1 12 ? -4.875  -1.071  -14.587 1.00 11.46  ? 337  VAL A N   1 
ATOM   79  C  CA  . VAL A 1 12 ? -3.623  -0.907  -13.861 1.00 12.58  ? 337  VAL A CA  1 
ATOM   80  C  C   . VAL A 1 12 ? -2.538  -1.527  -14.720 1.00 12.92  ? 337  VAL A C   1 
ATOM   81  O  O   . VAL A 1 12 ? -2.591  -2.723  -15.015 1.00 16.10  ? 337  VAL A O   1 
ATOM   82  C  CB  . VAL A 1 12 ? -3.682  -1.662  -12.495 1.00 12.60  ? 337  VAL A CB  1 
ATOM   83  C  CG1 . VAL A 1 12 ? -2.369  -1.538  -11.736 1.00 15.44  ? 337  VAL A CG1 1 
ATOM   84  C  CG2 . VAL A 1 12 ? -4.821  -1.089  -11.670 1.00 12.60  ? 337  VAL A CG2 1 
ATOM   85  N  N   . ASN A 1 13 ? -1.569  -0.757  -15.106 1.00 13.12  ? 338  ASN A N   1 
ATOM   86  C  CA  . ASN A 1 13 ? -0.411  -1.267  -15.853 1.00 14.64  ? 338  ASN A CA  1 
ATOM   87  C  C   . ASN A 1 13 ? 0.776   -1.492  -14.984 1.00 16.43  ? 338  ASN A C   1 
ATOM   88  O  O   . ASN A 1 13 ? 0.906   -0.850  -13.908 1.00 15.67  ? 338  ASN A O   1 
ATOM   89  C  CB  . ASN A 1 13 ? -0.082  -0.276  -16.924 1.00 17.39  ? 338  ASN A CB  1 
ATOM   90  C  CG  . ASN A 1 13 ? -1.188  -0.184  -17.941 1.00 23.88  ? 338  ASN A CG  1 
ATOM   91  O  OD1 . ASN A 1 13 ? -1.832  -1.193  -18.239 1.00 26.97  ? 338  ASN A OD1 1 
ATOM   92  N  ND2 . ASN A 1 13 ? -1.517  1.029   -18.372 1.00 29.47  ? 338  ASN A ND2 1 
ATOM   93  N  N   . ASP A 1 14 ? 1.717   -2.332  -15.381 1.00 15.89  ? 339  ASP A N   1 
ATOM   94  C  CA  . ASP A 1 14 ? 2.824   -2.641  -14.476 1.00 16.23  ? 339  ASP A CA  1 
ATOM   95  C  C   . ASP A 1 14 ? 3.813   -1.557  -14.282 1.00 16.81  ? 339  ASP A C   1 
ATOM   96  O  O   . ASP A 1 14 ? 4.531   -1.579  -13.282 1.00 19.95  ? 339  ASP A O   1 
ATOM   97  C  CB  . ASP A 1 14 ? 3.582   -3.899  -14.972 1.00 18.03  ? 339  ASP A CB  1 
ATOM   98  C  CG  . ASP A 1 14 ? 2.744   -5.140  -14.914 1.00 22.63  ? 339  ASP A CG  1 
ATOM   99  O  OD1 . ASP A 1 14 ? 1.655   -5.124  -14.278 1.00 22.70  ? 339  ASP A OD1 1 
ATOM   100 O  OD2 . ASP A 1 14 ? 3.084   -6.087  -15.670 1.00 36.12  ? 339  ASP A OD2 1 
ATOM   101 N  N   . ASP A 1 15 ? 3.786   -0.549  -15.122 1.00 17.44  ? 340  ASP A N   1 
ATOM   102 C  CA  . ASP A 1 15 ? 4.631   0.660   -14.942 1.00 18.29  ? 340  ASP A CA  1 
ATOM   103 C  C   . ASP A 1 15 ? 4.000   1.799   -14.110 1.00 18.68  ? 340  ASP A C   1 
ATOM   104 O  O   . ASP A 1 15 ? 4.557   2.866   -13.999 1.00 24.12  ? 340  ASP A O   1 
ATOM   105 C  CB  . ASP A 1 15 ? 5.164   1.128   -16.310 1.00 24.44  ? 340  ASP A CB  1 
ATOM   106 C  CG  . ASP A 1 15 ? 4.088   1.538   -17.262 1.00 35.65  ? 340  ASP A CG  1 
ATOM   107 O  OD1 . ASP A 1 15 ? 2.882   1.500   -16.897 1.00 33.75  ? 340  ASP A OD1 1 
ATOM   108 O  OD2 . ASP A 1 15 ? 4.472   1.822   -18.439 1.00 43.16  ? 340  ASP A OD2 1 
ATOM   109 N  N   . GLN A 1 16 ? 2.796   1.530   -13.602 1.00 15.46  ? 341  GLN A N   1 
ATOM   110 C  CA  . GLN A 1 16 ? 2.183   2.479   -12.641 1.00 14.24  ? 341  GLN A CA  1 
ATOM   111 C  C   . GLN A 1 16 ? 2.433   2.024   -11.212 1.00 13.26  ? 341  GLN A C   1 
ATOM   112 O  O   . GLN A 1 16 ? 2.535   0.831   -10.938 1.00 16.31  ? 341  GLN A O   1 
ATOM   113 C  CB  . GLN A 1 16 ? 0.667   2.470   -12.913 1.00 14.27  ? 341  GLN A CB  1 
ATOM   114 C  CG  . GLN A 1 16 ? 0.310   3.038   -14.294 1.00 16.76  ? 341  GLN A CG  1 
ATOM   115 C  CD  . GLN A 1 16 ? -1.166  2.997   -14.561 1.00 17.01  ? 341  GLN A CD  1 
ATOM   116 O  OE1 . GLN A 1 16 ? -1.843  2.007   -14.343 1.00 15.03  ? 341  GLN A OE1 1 
ATOM   117 N  NE2 . GLN A 1 16 ? -1.666  4.131   -14.981 1.00 31.68  ? 341  GLN A NE2 1 
ATOM   118 N  N   . ASP A 1 17 ? 2.514   2.948   -10.273 1.00 12.15  ? 342  ASP A N   1 
ATOM   119 C  CA  . ASP A 1 17 ? 2.499   2.553   -8.873  1.00 11.77  ? 342  ASP A CA  1 
ATOM   120 C  C   . ASP A 1 17 ? 1.142   1.970   -8.534  1.00 10.29  ? 342  ASP A C   1 
ATOM   121 O  O   . ASP A 1 17 ? 0.109   2.630   -8.754  1.00 11.54  ? 342  ASP A O   1 
ATOM   122 C  CB  . ASP A 1 17 ? 2.751   3.749   -7.960  1.00 11.93  ? 342  ASP A CB  1 
ATOM   123 C  CG  . ASP A 1 17 ? 4.145   4.350   -8.026  1.00 14.71  ? 342  ASP A CG  1 
ATOM   124 O  OD1 . ASP A 1 17 ? 5.027   3.794   -8.654  1.00 17.02  ? 342  ASP A OD1 1 
ATOM   125 O  OD2 . ASP A 1 17 ? 4.284   5.382   -7.321  1.00 16.03  ? 342  ASP A OD2 1 
ATOM   126 N  N   . ALA A 1 18 ? 1.114   0.764   -7.947  1.00 10.17  ? 343  ALA A N   1 
ATOM   127 C  CA  . ALA A 1 18 ? -0.162  0.124   -7.611  1.00 9.28   ? 343  ALA A CA  1 
ATOM   128 C  C   . ALA A 1 18 ? 0.096   -0.891  -6.554  1.00 9.18   ? 343  ALA A C   1 
ATOM   129 O  O   . ALA A 1 18 ? 1.207   -1.496  -6.476  1.00 10.47  ? 343  ALA A O   1 
ATOM   130 C  CB  . ALA A 1 18 ? -0.836  -0.460  -8.835  1.00 11.82  ? 343  ALA A CB  1 
ATOM   131 N  N   . ILE A 1 19 ? -0.921  -1.122  -5.698  1.00 9.52   ? 344  ILE A N   1 
ATOM   132 C  CA  . ILE A 1 19 ? -0.800  -2.005  -4.558  1.00 9.77   ? 344  ILE A CA  1 
ATOM   133 C  C   . ILE A 1 19 ? -1.975  -2.968  -4.576  1.00 9.86   ? 344  ILE A C   1 
ATOM   134 O  O   . ILE A 1 19 ? -3.109  -2.618  -4.927  1.00 10.63  ? 344  ILE A O   1 
ATOM   135 C  CB  . ILE A 1 19 ? -0.686  -1.218  -3.275  1.00 10.10  ? 344  ILE A CB  1 
ATOM   136 C  CG1 . ILE A 1 19 ? -0.450  -2.123  -2.038  1.00 10.97  ? 344  ILE A CG1 1 
ATOM   137 C  CG2 . ILE A 1 19 ? -1.819  -0.277  -3.026  1.00 12.66  ? 344  ILE A CG2 1 
ATOM   138 C  CD1 . ILE A 1 19 ? 0.195   -1.383  -0.861  1.00 13.63  ? 344  ILE A CD1 1 
ATOM   139 N  N   . LEU A 1 20 ? -1.725  -4.176  -4.090  1.00 10.43  ? 345  LEU A N   1 
ATOM   140 C  CA  . LEU A 1 20 ? -2.752  -5.239  -4.046  1.00 11.02  ? 345  LEU A CA  1 
ATOM   141 C  C   . LEU A 1 20 ? -3.368  -5.265  -2.646  1.00 11.91  ? 345  LEU A C   1 
ATOM   142 O  O   . LEU A 1 20 ? -2.683  -5.265  -1.594  1.00 12.19  ? 345  LEU A O   1 
ATOM   143 C  CB  . LEU A 1 20 ? -2.015  -6.558  -4.310  1.00 13.70  ? 345  LEU A CB  1 
ATOM   144 C  CG  . LEU A 1 20 ? -2.907  -7.824  -4.270  1.00 14.38  ? 345  LEU A CG  1 
ATOM   145 C  CD1 . LEU A 1 20 ? -3.934  -7.753  -5.375  1.00 15.80  ? 345  LEU A CD1 1 
ATOM   146 C  CD2 . LEU A 1 20 ? -1.999  -9.040  -4.505  1.00 16.18  ? 345  LEU A CD2 1 
ATOM   147 N  N   . CYS A 1 21 ? -4.708  -5.314  -2.584  1.00 11.54  ? 346  CYS A N   1 
ATOM   148 C  CA  . CYS A 1 21 ? -5.399  -5.487  -1.267  1.00 12.35  ? 346  CYS A CA  1 
ATOM   149 C  C   . CYS A 1 21 ? -5.308  -6.965  -0.830  1.00 14.09  ? 346  CYS A C   1 
ATOM   150 O  O   . CYS A 1 21 ? -6.156  -7.803  -1.116  1.00 17.47  ? 346  CYS A O   1 
ATOM   151 C  CB  . CYS A 1 21 ? -6.839  -4.991  -1.413  1.00 12.88  ? 346  CYS A CB  1 
ATOM   152 S  SG  . CYS A 1 21 ? -7.763  -5.221  0.158   1.00 15.24  ? 346  CYS A SG  1 
ATOM   153 N  N   . GLU A 1 22 ? -4.194  -7.298  -0.240  1.00 15.11  ? 347  GLU A N   1 
ATOM   154 C  CA  . GLU A 1 22 ? -3.976  -8.658  0.170   1.00 17.02  ? 347  GLU A CA  1 
ATOM   155 C  C   . GLU A 1 22 ? -4.778  -8.951  1.467   1.00 17.93  ? 347  GLU A C   1 
ATOM   156 O  O   . GLU A 1 22 ? -4.994  -10.105 1.867   1.00 21.00  ? 347  GLU A O   1 
ATOM   157 C  CB  . GLU A 1 22 ? -2.502  -8.950  0.443   1.00 16.81  ? 347  GLU A CB  1 
ATOM   158 C  CG  . GLU A 1 22 ? -1.694  -8.926  -0.830  1.00 18.16  ? 347  GLU A CG  1 
ATOM   159 C  CD  . GLU A 1 22 ? -0.261  -9.172  -0.551  1.00 18.72  ? 347  GLU A CD  1 
ATOM   160 O  OE1 . GLU A 1 22 ? 0.387   -8.243  -0.019  1.00 18.10  ? 347  GLU A OE1 1 
ATOM   161 O  OE2 . GLU A 1 22 ? 0.260   -10.275 -0.877  1.00 26.09  ? 347  GLU A OE2 1 
ATOM   162 N  N   . ALA A 1 23 ? -5.147  -7.912  2.188   1.00 18.57  ? 348  ALA A N   1 
ATOM   163 C  CA  . ALA A 1 23 ? -5.838  -8.167  3.436   1.00 20.58  ? 348  ALA A CA  1 
ATOM   164 C  C   . ALA A 1 23 ? -7.204  -8.819  3.121   1.00 20.11  ? 348  ALA A C   1 
ATOM   165 O  O   . ALA A 1 23 ? -7.754  -9.493  3.974   1.00 23.23  ? 348  ALA A O   1 
ATOM   166 C  CB  . ALA A 1 23 ? -5.984  -6.893  4.219   1.00 22.78  ? 348  ALA A CB  1 
ATOM   167 N  N   . SER A 1 24 ? -7.775  -8.626  1.941   1.00 20.93  ? 349  SER A N   1 
ATOM   168 C  CA  . SER A 1 24 ? -9.151  -8.968  1.749   1.00 21.35  ? 349  SER A CA  1 
ATOM   169 C  C   . SER A 1 24 ? -9.550  -9.250  0.270   1.00 19.50  ? 349  SER A C   1 
ATOM   170 O  O   . SER A 1 24 ? -9.654  -10.398 -0.162  1.00 24.09  ? 349  SER A O   1 
ATOM   171 C  CB  . SER A 1 24 ? -9.964  -7.843  2.364   1.00 24.54  ? 349  SER A CB  1 
ATOM   172 O  OG  . SER A 1 24 ? -11.332 -8.037  2.120   1.00 31.30  ? 349  SER A OG  1 
ATOM   173 N  N   . CYS A 1 25 ? -9.683  -8.207  -0.550  1.00 17.01  ? 350  CYS A N   1 
ATOM   174 C  CA  . CYS A 1 25 ? -10.403 -8.427  -1.825  1.00 18.20  ? 350  CYS A CA  1 
ATOM   175 C  C   . CYS A 1 25 ? -9.488  -8.822  -2.953  1.00 16.59  ? 350  CYS A C   1 
ATOM   176 O  O   . CYS A 1 25 ? -10.011 -9.248  -3.995  1.00 18.79  ? 350  CYS A O   1 
ATOM   177 C  CB  . CYS A 1 25 ? -11.213 -7.151  -2.159  1.00 17.42  ? 350  CYS A CB  1 
ATOM   178 S  SG  . CYS A 1 25 ? -10.223 -5.667  -2.613  1.00 17.01  ? 350  CYS A SG  1 
ATOM   179 N  N   . GLN A 1 26 ? -8.178  -8.693  -2.824  1.00 16.15  ? 351  GLN A N   1 
ATOM   180 C  CA  . GLN A 1 26 ? -7.235  -9.114  -3.870  1.00 15.56  ? 351  GLN A CA  1 
ATOM   181 C  C   . GLN A 1 26 ? -7.429  -8.361  -5.173  1.00 17.30  ? 351  GLN A C   1 
ATOM   182 O  O   . GLN A 1 26 ? -7.055  -8.849  -6.242  1.00 19.72  ? 351  GLN A O   1 
ATOM   183 C  CB  . GLN A 1 26 ? -7.262  -10.616 -4.100  1.00 19.15  ? 351  GLN A CB  1 
ATOM   184 C  CG  . GLN A 1 26 ? -7.418  -11.435 -2.838  1.00 26.73  ? 351  GLN A CG  1 
ATOM   185 C  CD  . GLN A 1 26 ? -6.242  -11.246 -1.960  1.00 27.57  ? 351  GLN A CD  1 
ATOM   186 O  OE1 . GLN A 1 26 ? -5.093  -11.142 -2.446  1.00 37.66  ? 351  GLN A OE1 1 
ATOM   187 N  NE2 . GLN A 1 26 ? -6.477  -11.339 -0.619  1.00 35.78  ? 351  GLN A NE2 1 
ATOM   188 N  N   . LYS A 1 27 ? -7.868  -7.108  -5.086  1.00 13.70  ? 352  LYS A N   1 
ATOM   189 C  CA  . LYS A 1 27 ? -7.898  -6.226  -6.232  1.00 14.20  ? 352  LYS A CA  1 
ATOM   190 C  C   . LYS A 1 27 ? -6.661  -5.301  -6.171  1.00 12.61  ? 352  LYS A C   1 
ATOM   191 O  O   . LYS A 1 27 ? -6.187  -4.960  -5.065  1.00 12.90  ? 352  LYS A O   1 
ATOM   192 C  CB  . LYS A 1 27 ? -9.168  -5.345  -6.232  1.00 15.58  ? 352  LYS A CB  1 
ATOM   193 C  CG  . LYS A 1 27 ? -10.474 -6.144  -6.370  1.00 17.89  ? 352  LYS A CG  1 
ATOM   194 C  CD  . LYS A 1 27 ? -11.645 -5.225  -6.308  1.00 24.99  ? 352  LYS A CD  1 
ATOM   195 C  CE  . LYS A 1 27 ? -12.972 -5.981  -6.498  1.00 37.52  ? 352  LYS A CE  1 
ATOM   196 N  NZ  . LYS A 1 27 ? -14.139 -5.059  -6.280  1.00 41.68  ? 352  LYS A NZ  1 
ATOM   197 N  N   . TRP A 1 28 ? -6.161  -4.899  -7.323  1.00 11.03  ? 353  TRP A N   1 
ATOM   198 C  CA  . TRP A 1 28 ? -5.128  -3.906  -7.447  1.00 11.07  ? 353  TRP A CA  1 
ATOM   199 C  C   . TRP A 1 28 ? -5.708  -2.487  -7.426  1.00 10.46  ? 353  TRP A C   1 
ATOM   200 O  O   . TRP A 1 28 ? -6.785  -2.285  -7.994  1.00 11.18  ? 353  TRP A O   1 
ATOM   201 C  CB  . TRP A 1 28 ? -4.382  -4.086  -8.784  1.00 12.76  ? 353  TRP A CB  1 
ATOM   202 C  CG  . TRP A 1 28 ? -3.465  -5.277  -8.747  1.00 12.38  ? 353  TRP A CG  1 
ATOM   203 C  CD1 . TRP A 1 28 ? -3.737  -6.601  -9.142  1.00 14.90  ? 353  TRP A CD1 1 
ATOM   204 C  CD2 . TRP A 1 28 ? -2.133  -5.297  -8.253  1.00 12.10  ? 353  TRP A CD2 1 
ATOM   205 N  NE1 . TRP A 1 28 ? -2.606  -7.368  -8.904  1.00 16.12  ? 353  TRP A NE1 1 
ATOM   206 C  CE2 . TRP A 1 28 ? -1.627  -6.616  -8.344  1.00 13.70  ? 353  TRP A CE2 1 
ATOM   207 C  CE3 . TRP A 1 28 ? -1.307  -4.286  -7.724  1.00 12.44  ? 353  TRP A CE3 1 
ATOM   208 C  CZ2 . TRP A 1 28 ? -0.339  -6.934  -7.944  1.00 14.88  ? 353  TRP A CZ2 1 
ATOM   209 C  CZ3 . TRP A 1 28 ? -0.028  -4.610  -7.331  1.00 13.57  ? 353  TRP A CZ3 1 
ATOM   210 C  CH2 . TRP A 1 28 ? 0.467   -5.938  -7.455  1.00 14.75  ? 353  TRP A CH2 1 
ATOM   211 N  N   . PHE A 1 29 ? -4.962  -1.557  -6.810  1.00 10.07  ? 354  PHE A N   1 
ATOM   212 C  CA  . PHE A 1 29 ? -5.350  -0.166  -6.778  1.00 9.95   ? 354  PHE A CA  1 
ATOM   213 C  C   . PHE A 1 29 ? -4.185  0.712   -7.187  1.00 10.04  ? 354  PHE A C   1 
ATOM   214 O  O   . PHE A 1 29 ? -3.095  0.555   -6.652  1.00 10.76  ? 354  PHE A O   1 
ATOM   215 C  CB  . PHE A 1 29 ? -5.722  0.231   -5.338  1.00 11.32  ? 354  PHE A CB  1 
ATOM   216 C  CG  . PHE A 1 29 ? -7.051  -0.327  -4.859  1.00 12.16  ? 354  PHE A CG  1 
ATOM   217 C  CD1 . PHE A 1 29 ? -7.199  -1.701  -4.551  1.00 13.55  ? 354  PHE A CD1 1 
ATOM   218 C  CD2 . PHE A 1 29 ? -8.144  0.528   -4.721  1.00 14.22  ? 354  PHE A CD2 1 
ATOM   219 C  CE1 . PHE A 1 29 ? -8.430  -2.169  -4.094  1.00 14.10  ? 354  PHE A CE1 1 
ATOM   220 C  CE2 . PHE A 1 29 ? -9.394  0.045   -4.264  1.00 16.61  ? 354  PHE A CE2 1 
ATOM   221 C  CZ  . PHE A 1 29 ? -9.517  -1.282  -4.010  1.00 17.04  ? 354  PHE A CZ  1 
ATOM   222 N  N   . HIS A 1 30 ? -4.399  1.678   -8.071  1.00 9.80   ? 355  HIS A N   1 
ATOM   223 C  CA  . HIS A 1 30 ? -3.366  2.674   -8.335  1.00 10.10  ? 355  HIS A CA  1 
ATOM   224 C  C   . HIS A 1 30 ? -3.041  3.365   -6.990  1.00 9.18   ? 355  HIS A C   1 
ATOM   225 O  O   . HIS A 1 30 ? -3.936  3.737   -6.282  1.00 10.58  ? 355  HIS A O   1 
ATOM   226 C  CB  . HIS A 1 30 ? -3.825  3.764   -9.291  1.00 10.54  ? 355  HIS A CB  1 
ATOM   227 C  CG  . HIS A 1 30 ? -4.183  3.291   -10.666 1.00 10.50  ? 355  HIS A CG  1 
ATOM   228 N  ND1 . HIS A 1 30 ? -5.464  3.351   -11.163 1.00 11.03  ? 355  HIS A ND1 1 
ATOM   229 C  CD2 . HIS A 1 30 ? -3.398  2.817   -11.665 1.00 13.00  ? 355  HIS A CD2 1 
ATOM   230 C  CE1 . HIS A 1 30 ? -5.481  2.893   -12.419 1.00 11.63  ? 355  HIS A CE1 1 
ATOM   231 N  NE2 . HIS A 1 30 ? -4.224  2.578   -12.752 1.00 12.72  ? 355  HIS A NE2 1 
ATOM   232 N  N   . ARG A 1 31 ? -1.747  3.572   -6.754  1.00 9.89   ? 356  ARG A N   1 
ATOM   233 C  CA  . ARG A 1 31 ? -1.315  4.316   -5.567  1.00 9.73   ? 356  ARG A CA  1 
ATOM   234 C  C   . ARG A 1 31 ? -2.077  5.625   -5.480  1.00 10.58  ? 356  ARG A C   1 
ATOM   235 O  O   . ARG A 1 31 ? -2.607  6.008   -4.401  1.00 11.69  ? 356  ARG A O   1 
ATOM   236 C  CB  . ARG A 1 31 ? 0.173   4.538   -5.575  1.00 10.60  ? 356  ARG A CB  1 
ATOM   237 C  CG  . ARG A 1 31 ? 0.669   5.240   -4.289  1.00 10.31  ? 356  ARG A CG  1 
ATOM   238 C  CD  . ARG A 1 31 ? 2.112   5.666   -4.445  1.00 10.20  ? 356  ARG A CD  1 
ATOM   239 N  NE  . ARG A 1 31 ? 2.387   6.629   -5.498  1.00 11.15  ? 356  ARG A NE  1 
ATOM   240 C  CZ  . ARG A 1 31 ? 2.167   7.929   -5.396  1.00 10.92  ? 356  ARG A CZ  1 
ATOM   241 N  NH1 . ARG A 1 31 ? 1.656   8.469   -4.266  1.00 12.97  ? 356  ARG A NH1 1 
ATOM   242 N  NH2 . ARG A 1 31 ? 2.552   8.739   -6.373  1.00 14.50  ? 356  ARG A NH2 1 
ATOM   243 N  N   . GLU A 1 32 ? -2.099  6.383   -6.574  1.00 11.06  ? 357  GLU A N   1 
ATOM   244 C  CA  . GLU A 1 32 ? -2.692  7.723   -6.555  1.00 13.25  ? 357  GLU A CA  1 
ATOM   245 C  C   . GLU A 1 32 ? -4.201  7.675   -6.419  1.00 14.53  ? 357  GLU A C   1 
ATOM   246 O  O   . GLU A 1 32 ? -4.783  8.682   -6.039  1.00 26.24  ? 357  GLU A O   1 
ATOM   247 C  CB  . GLU A 1 32 ? -2.261  8.459   -7.812  1.00 17.49  ? 357  GLU A CB  1 
ATOM   248 C  CG  . GLU A 1 32 ? -0.794  8.718   -7.831  1.00 22.91  ? 357  GLU A CG  1 
ATOM   249 C  CD  . GLU A 1 32 ? -0.297  9.663   -8.938  1.00 35.60  ? 357  GLU A CD  1 
ATOM   250 O  OE1 . GLU A 1 32 ? -0.763  10.827  -8.986  1.00 48.08  ? 357  GLU A OE1 1 
ATOM   251 O  OE2 . GLU A 1 32 ? 0.595   9.270   -9.725  1.00 40.17  ? 357  GLU A OE2 1 
ATOM   252 N  N   . CYS A 1 33 ? -4.870  6.565   -6.540  1.00 11.25  ? 358  CYS A N   1 
ATOM   253 C  CA  . CYS A 1 33 ? -6.294  6.459   -6.282  1.00 11.62  ? 358  CYS A CA  1 
ATOM   254 C  C   . CYS A 1 33 ? -6.635  6.174   -4.847  1.00 12.66  ? 358  CYS A C   1 
ATOM   255 O  O   . CYS A 1 33 ? -7.802  6.092   -4.446  1.00 18.08  ? 358  CYS A O   1 
ATOM   256 C  CB  . CYS A 1 33 ? -6.925  5.360   -7.170  1.00 12.44  ? 358  CYS A CB  1 
ATOM   257 S  SG  . CYS A 1 33 ? -6.945  5.834   -8.924  1.00 13.43  ? 358  CYS A SG  1 
ATOM   258 N  N   . THR A 1 34 ? -5.632  5.986   -4.033  1.00 12.04  ? 359  THR A N   1 
ATOM   259 C  CA  . THR A 1 34 ? -5.820  5.611   -2.638  1.00 11.64  ? 359  THR A CA  1 
ATOM   260 C  C   . THR A 1 34 ? -5.437  6.747   -1.654  1.00 11.62  ? 359  THR A C   1 
ATOM   261 O  O   . THR A 1 34 ? -5.734  6.619   -0.478  1.00 13.05  ? 359  THR A O   1 
ATOM   262 C  CB  . THR A 1 34 ? -4.964  4.401   -2.238  1.00 11.16  ? 359  THR A CB  1 
ATOM   263 O  OG1 . THR A 1 34 ? -3.574  4.740   -2.215  1.00 11.78  ? 359  THR A OG1 1 
ATOM   264 C  CG2 . THR A 1 34 ? -5.216  3.211   -3.159  1.00 15.08  ? 359  THR A CG2 1 
ATOM   265 N  N   . GLY A 1 35 ? -4.666  7.728   -2.110  1.00 10.76  ? 360  GLY A N   1 
ATOM   266 C  CA  . GLY A 1 35 ? -4.144  8.719   -1.185  1.00 11.62  ? 360  GLY A CA  1 
ATOM   267 C  C   . GLY A 1 35 ? -2.863  8.328   -0.510  1.00 9.63   ? 360  GLY A C   1 
ATOM   268 O  O   . GLY A 1 35 ? -2.325  9.074   0.283   1.00 10.33  ? 360  GLY A O   1 
ATOM   269 N  N   . MET A 1 36 ? -2.299  7.160   -0.871  1.00 10.33  ? 361  MET A N   1 
ATOM   270 C  CA  . MET A 1 36 ? -1.058  6.675   -0.272  1.00 8.89   ? 361  MET A CA  1 
ATOM   271 C  C   . MET A 1 36 ? 0.123   7.530   -0.709  1.00 8.99   ? 361  MET A C   1 
ATOM   272 O  O   . MET A 1 36 ? 0.272   7.858   -1.895  1.00 10.15  ? 361  MET A O   1 
ATOM   273 C  CB  . MET A 1 36 ? -0.863  5.245   -0.703  1.00 10.09  ? 361  MET A CB  1 
ATOM   274 C  CG  . MET A 1 36 ? 0.355   4.580   -0.082  1.00 10.63  ? 361  MET A CG  1 
ATOM   275 S  SD  . MET A 1 36 ? 0.511   2.848   -0.464  1.00 11.63  ? 361  MET A SD  1 
ATOM   276 C  CE  . MET A 1 36 ? -0.952  2.185   0.355   1.00 14.19  ? 361  MET A CE  1 
ATOM   277 N  N   . THR A 1 37 ? 1.013   7.898   0.202   1.00 8.83   ? 362  THR A N   1 
ATOM   278 C  CA  . THR A 1 37 ? 2.201   8.640   -0.150  1.00 9.77   ? 362  THR A CA  1 
ATOM   279 C  C   . THR A 1 37 ? 3.219   7.750   -0.875  1.00 8.98   ? 362  THR A C   1 
ATOM   280 O  O   . THR A 1 37 ? 3.136   6.511   -0.828  1.00 9.64   ? 362  THR A O   1 
ATOM   281 C  CB  . THR A 1 37 ? 2.864   9.224   1.106   1.00 9.15   ? 362  THR A CB  1 
ATOM   282 O  OG1 . THR A 1 37 ? 3.189   8.130   1.940   1.00 10.78  ? 362  THR A OG1 1 
ATOM   283 C  CG2 . THR A 1 37 ? 1.958   10.219  1.776   1.00 10.51  ? 362  THR A CG2 1 
ATOM   284 N  N   . GLU A 1 38 ? 4.157   8.410   -1.533  1.00 10.63  ? 363  GLU A N   1 
ATOM   285 C  CA  . GLU A 1 38 ? 5.253   7.660   -2.169  1.00 11.90  ? 363  GLU A CA  1 
ATOM   286 C  C   . GLU A 1 38 ? 6.060   6.889   -1.143  1.00 11.57  ? 363  GLU A C   1 
ATOM   287 O  O   . GLU A 1 38 ? 6.559   5.815   -1.405  1.00 12.29  ? 363  GLU A O   1 
ATOM   288 C  CB  . GLU A 1 38 ? 6.130   8.638   -2.973  1.00 14.27  ? 363  GLU A CB  1 
ATOM   289 C  CG  . GLU A 1 38 ? 5.279   9.237   -4.088  1.00 21.15  ? 363  GLU A CG  1 
ATOM   290 C  CD  . GLU A 1 38 ? 5.991   10.297  -4.905  1.00 28.77  ? 363  GLU A CD  1 
ATOM   291 O  OE1 . GLU A 1 38 ? 6.921   9.910   -5.608  1.00 43.83  ? 363  GLU A OE1 1 
ATOM   292 O  OE2 . GLU A 1 38 ? 5.638   11.511  -4.817  1.00 31.96  ? 363  GLU A OE2 1 
ATOM   293 N  N   . SER A 1 39 ? 6.265   7.484   0.037   1.00 12.19  ? 364  SER A N   1 
ATOM   294 C  CA  . SER A 1 39 ? 7.050   6.839   1.063   1.00 12.79  ? 364  SER A CA  1 
ATOM   295 C  C   . SER A 1 39 ? 6.344   5.649   1.682   1.00 11.43  ? 364  SER A C   1 
ATOM   296 O  O   . SER A 1 39 ? 6.953   4.602   1.928   1.00 12.29  ? 364  SER A O   1 
ATOM   297 C  CB  . SER A 1 39 ? 7.451   7.793   2.148   1.00 15.68  ? 364  SER A CB  1 
ATOM   298 O  OG  . SER A 1 39 ? 6.297   8.435   2.637   1.00 17.53  ? 364  SER A OG  1 
ATOM   299 N  N   . ALA A 1 40 ? 5.023   5.756   1.916   1.00 10.06  ? 365  ALA A N   1 
ATOM   300 C  CA  . ALA A 1 40 ? 4.282   4.608   2.406   1.00 10.17  ? 365  ALA A CA  1 
ATOM   301 C  C   . ALA A 1 40 ? 4.334   3.446   1.388   1.00 9.40   ? 365  ALA A C   1 
ATOM   302 O  O   . ALA A 1 40 ? 4.478   2.293   1.763   1.00 10.73  ? 365  ALA A O   1 
ATOM   303 C  CB  . ALA A 1 40 ? 2.857   4.961   2.723   1.00 10.22  ? 365  ALA A CB  1 
ATOM   304 N  N   . TYR A 1 41 ? 4.188   3.798   0.098   1.00 9.74   ? 366  TYR A N   1 
ATOM   305 C  CA  . TYR A 1 41 ? 4.233   2.777   -0.938  1.00 9.68   ? 366  TYR A CA  1 
ATOM   306 C  C   . TYR A 1 41 ? 5.577   2.069   -0.944  1.00 9.27   ? 366  TYR A C   1 
ATOM   307 O  O   . TYR A 1 41 ? 5.604   0.843   -1.003  1.00 10.76  ? 366  TYR A O   1 
ATOM   308 C  CB  . TYR A 1 41 ? 3.966   3.506   -2.269  1.00 9.93   ? 366  TYR A CB  1 
ATOM   309 C  CG  . TYR A 1 41 ? 3.977   2.587   -3.482  1.00 9.33   ? 366  TYR A CG  1 
ATOM   310 C  CD1 . TYR A 1 41 ? 2.859   1.843   -3.804  1.00 9.64   ? 366  TYR A CD1 1 
ATOM   311 C  CD2 . TYR A 1 41 ? 5.087   2.520   -4.303  1.00 11.59  ? 366  TYR A CD2 1 
ATOM   312 C  CE1 . TYR A 1 41 ? 2.833   1.017   -4.923  1.00 11.10  ? 366  TYR A CE1 1 
ATOM   313 C  CE2 . TYR A 1 41 ? 5.053   1.708   -5.468  1.00 11.15  ? 366  TYR A CE2 1 
ATOM   314 C  CZ  . TYR A 1 41 ? 3.947   0.981   -5.763  1.00 10.63  ? 366  TYR A CZ  1 
ATOM   315 O  OH  . TYR A 1 41 ? 3.919   0.159   -6.865  1.00 11.20  ? 366  TYR A OH  1 
ATOM   316 N  N   . GLY A 1 42 ? 6.702   2.829   -0.864  1.00 10.55  ? 367  GLY A N   1 
ATOM   317 C  CA  . GLY A 1 42 ? 8.016   2.215   -0.812  1.00 11.85  ? 367  GLY A CA  1 
ATOM   318 C  C   . GLY A 1 42 ? 8.258   1.319   0.380   1.00 11.01  ? 367  GLY A C   1 
ATOM   319 O  O   . GLY A 1 42 ? 8.800   0.231   0.278   1.00 13.09  ? 367  GLY A O   1 
ATOM   320 N  N   . LEU A 1 43 ? 7.888   1.809   1.566   1.00 11.54  ? 368  LEU A N   1 
ATOM   321 C  CA  . LEU A 1 43 ? 8.096   1.025   2.781   1.00 11.27  ? 368  LEU A CA  1 
ATOM   322 C  C   . LEU A 1 43 ? 7.184   -0.165  2.851   1.00 11.27  ? 368  LEU A C   1 
ATOM   323 O  O   . LEU A 1 43 ? 7.623   -1.225  3.306   1.00 13.82  ? 368  LEU A O   1 
ATOM   324 C  CB  . LEU A 1 43 ? 7.958   1.984   3.967   1.00 11.64  ? 368  LEU A CB  1 
ATOM   325 C  CG  . LEU A 1 43 ? 8.986   3.066   4.091   1.00 12.51  ? 368  LEU A CG  1 
ATOM   326 C  CD1 . LEU A 1 43 ? 8.739   3.889   5.350   1.00 14.25  ? 368  LEU A CD1 1 
ATOM   327 C  CD2 . LEU A 1 43 ? 10.392  2.510   4.175   1.00 17.65  ? 368  LEU A CD2 1 
ATOM   328 N  N   . LEU A 1 44 ? 5.946   -0.084  2.363   1.00 10.59  ? 369  LEU A N   1 
ATOM   329 C  CA  . LEU A 1 44 ? 5.103   -1.263  2.346   1.00 10.87  ? 369  LEU A CA  1 
ATOM   330 C  C   . LEU A 1 44 ? 5.707   -2.324  1.440   1.00 10.89  ? 369  LEU A C   1 
ATOM   331 O  O   . LEU A 1 44 ? 5.610   -3.528  1.723   1.00 13.38  ? 369  LEU A O   1 
ATOM   332 C  CB  . LEU A 1 44 ? 3.688   -0.905  1.860   1.00 11.07  ? 369  LEU A CB  1 
ATOM   333 C  CG  . LEU A 1 44 ? 2.789   -0.307  2.975   1.00 11.06  ? 369  LEU A CG  1 
ATOM   334 C  CD1 . LEU A 1 44 ? 1.535   0.241   2.314   1.00 11.58  ? 369  LEU A CD1 1 
ATOM   335 C  CD2 . LEU A 1 44 ? 2.371   -1.358  3.986   1.00 13.49  ? 369  LEU A CD2 1 
ATOM   336 N  N   . THR A 1 45 ? 6.241   -1.873  0.295   1.00 12.51  ? 370  THR A N   1 
ATOM   337 C  CA  . THR A 1 45 ? 6.772   -2.832  -0.726  1.00 14.27  ? 370  THR A CA  1 
ATOM   338 C  C   . THR A 1 45 ? 7.759   -3.796  -0.116  1.00 13.42  ? 370  THR A C   1 
ATOM   339 O  O   . THR A 1 45 ? 7.808   -4.996  -0.466  1.00 16.96  ? 370  THR A O   1 
ATOM   340 C  CB  . THR A 1 45 ? 7.494   -2.019  -1.811  1.00 13.15  ? 370  THR A CB  1 
ATOM   341 O  OG1 . THR A 1 45 ? 6.563   -1.270  -2.562  1.00 14.67  ? 370  THR A OG1 1 
ATOM   342 C  CG2 . THR A 1 45 ? 8.340   -2.861  -2.828  1.00 17.60  ? 370  THR A CG2 1 
ATOM   343 N  N   . THR A 1 46 ? 8.583   -3.298  0.771   1.00 12.36  ? 371  THR A N   1 
ATOM   344 C  CA  . THR A 1 46 ? 9.711   -4.111  1.252   1.00 14.64  ? 371  THR A CA  1 
ATOM   345 C  C   . THR A 1 46 ? 9.459   -4.735  2.607   1.00 16.52  ? 371  THR A C   1 
ATOM   346 O  O   . THR A 1 46 ? 10.316  -5.483  3.123   1.00 20.60  ? 371  THR A O   1 
ATOM   347 C  CB  . THR A 1 46 ? 11.015  -3.308  1.299   1.00 15.17  ? 371  THR A CB  1 
ATOM   348 O  OG1 . THR A 1 46 ? 10.787  -2.249  2.184   1.00 16.40  ? 371  THR A OG1 1 
ATOM   349 C  CG2 . THR A 1 46 ? 11.385  -2.800  -0.062  1.00 15.85  ? 371  THR A CG2 1 
ATOM   350 N  N   . GLU A 1 47 ? 8.267   -4.576  3.179   1.00 15.99  ? 372  GLU A N   1 
ATOM   351 C  CA  . GLU A 1 47 ? 7.957   -5.182  4.442   1.00 16.70  ? 372  GLU A CA  1 
ATOM   352 C  C   . GLU A 1 47 ? 7.119   -6.439  4.211   1.00 16.40  ? 372  GLU A C   1 
ATOM   353 O  O   . GLU A 1 47 ? 5.864   -6.364  4.049   1.00 18.11  ? 372  GLU A O   1 
ATOM   354 C  CB  . GLU A 1 47 ? 7.191   -4.143  5.324   1.00 18.00  ? 372  GLU A CB  1 
ATOM   355 C  CG  . GLU A 1 47 ? 6.902   -4.664  6.734   1.00 25.78  ? 372  GLU A CG  1 
ATOM   356 C  CD  . GLU A 1 47 ? 8.045   -5.548  7.305   1.00 34.57  ? 372  GLU A CD  1 
ATOM   357 O  OE1 . GLU A 1 47 ? 9.075   -4.947  7.688   1.00 27.70  ? 372  GLU A OE1 1 
ATOM   358 O  OE2 . GLU A 1 47 ? 7.923   -6.845  7.366   1.00 36.55  ? 372  GLU A OE2 1 
ATOM   359 N  N   . ALA A 1 48 ? 7.781   -7.620  4.193   1.00 19.87  ? 373  ALA A N   1 
ATOM   360 C  CA  . ALA A 1 48 ? 7.152   -8.918  3.875   1.00 24.40  ? 373  ALA A CA  1 
ATOM   361 C  C   . ALA A 1 48 ? 6.016   -9.284  4.785   1.00 21.94  ? 373  ALA A C   1 
ATOM   362 O  O   . ALA A 1 48 ? 5.098   -9.994  4.367   1.00 27.30  ? 373  ALA A O   1 
ATOM   363 C  CB  . ALA A 1 48 ? 8.205   -10.003 3.900   1.00 28.94  ? 373  ALA A CB  1 
ATOM   364 N  N   . SER A 1 49 ? 6.032   -8.795  6.019   1.00 19.02  ? 374  SER A N   1 
ATOM   365 C  CA  . SER A 1 49 ? 5.027   -9.229  6.957   1.00 22.27  ? 374  SER A CA  1 
ATOM   366 C  C   . SER A 1 49 ? 3.888   -8.192  7.049   1.00 19.65  ? 374  SER A C   1 
ATOM   367 O  O   . SER A 1 49 ? 2.923   -8.402  7.772   1.00 26.93  ? 374  SER A O   1 
ATOM   368 C  CB  . SER A 1 49 ? 5.651   -9.612  8.308   1.00 26.94  ? 374  SER A CB  1 
ATOM   369 O  OG  . SER A 1 49 ? 5.984   -8.431  8.854   1.00 33.47  ? 374  SER A OG  1 
ATOM   370 N  N   . ALA A 1 50 ? 3.931   -7.141  6.194   1.00 18.22  ? 375  ALA A N   1 
ATOM   371 C  CA  . ALA A 1 50 ? 2.808   -6.180  6.119   1.00 16.74  ? 375  ALA A CA  1 
ATOM   372 C  C   . ALA A 1 50 ? 1.883   -6.493  4.951   1.00 15.02  ? 375  ALA A C   1 
ATOM   373 O  O   . ALA A 1 50 ? 2.373   -6.829  3.862   1.00 18.10  ? 375  ALA A O   1 
ATOM   374 C  CB  . ALA A 1 50 ? 3.336   -4.766  5.933   1.00 18.18  ? 375  ALA A CB  1 
ATOM   375 N  N   . VAL A 1 51 ? 0.576   -6.360  5.127   1.00 14.22  ? 376  VAL A N   1 
ATOM   376 C  CA  . VAL A 1 51 ? -0.378  -6.415  4.013   1.00 14.53  ? 376  VAL A CA  1 
ATOM   377 C  C   . VAL A 1 51 ? -1.201  -5.162  4.084   1.00 14.33  ? 376  VAL A C   1 
ATOM   378 O  O   . VAL A 1 51 ? -1.354  -4.561  5.161   1.00 16.04  ? 376  VAL A O   1 
ATOM   379 C  CB  . VAL A 1 51 ? -1.271  -7.658  3.988   1.00 16.42  ? 376  VAL A CB  1 
ATOM   380 C  CG1 . VAL A 1 51 ? -0.433  -8.903  3.754   1.00 19.87  ? 376  VAL A CG1 1 
ATOM   381 C  CG2 . VAL A 1 51 ? -2.093  -7.788  5.245   1.00 20.79  ? 376  VAL A CG2 1 
ATOM   382 N  N   . TRP A 1 52 ? -1.652  -4.730  2.914   1.00 12.29  ? 377  TRP A N   1 
ATOM   383 C  CA  . TRP A 1 52 ? -2.497  -3.535  2.819   1.00 13.17  ? 377  TRP A CA  1 
ATOM   384 C  C   . TRP A 1 52 ? -3.978  -3.939  2.639   1.00 11.96  ? 377  TRP A C   1 
ATOM   385 O  O   . TRP A 1 52 ? -4.289  -4.913  1.968   1.00 13.41  ? 377  TRP A O   1 
ATOM   386 C  CB  . TRP A 1 52 ? -2.019  -2.700  1.622   1.00 13.12  ? 377  TRP A CB  1 
ATOM   387 C  CG  . TRP A 1 52 ? -2.799  -1.463  1.375   1.00 11.34  ? 377  TRP A CG  1 
ATOM   388 C  CD1 . TRP A 1 52 ? -2.822  -0.316  2.117   1.00 12.05  ? 377  TRP A CD1 1 
ATOM   389 C  CD2 . TRP A 1 52 ? -3.701  -1.283  0.275   1.00 10.84  ? 377  TRP A CD2 1 
ATOM   390 N  NE1 . TRP A 1 52 ? -3.701  0.587   1.521   1.00 11.20  ? 377  TRP A NE1 1 
ATOM   391 C  CE2 . TRP A 1 52 ? -4.214  0.023   0.379   1.00 10.85  ? 377  TRP A CE2 1 
ATOM   392 C  CE3 . TRP A 1 52 ? -4.119  -2.096  -0.771  1.00 11.26  ? 377  TRP A CE3 1 
ATOM   393 C  CZ2 . TRP A 1 52 ? -5.131  0.527   -0.532  1.00 11.17  ? 377  TRP A CZ2 1 
ATOM   394 C  CZ3 . TRP A 1 52 ? -4.999  -1.591  -1.679  1.00 12.59  ? 377  TRP A CZ3 1 
ATOM   395 C  CH2 . TRP A 1 52 ? -5.492  -0.265  -1.592  1.00 11.29  ? 377  TRP A CH2 1 
ATOM   396 N  N   . ALA A 1 53 ? -4.854  -3.130  3.244   1.00 13.58  ? 378  ALA A N   1 
ATOM   397 C  CA  . ALA A 1 53 ? -6.301  -3.277  3.117   1.00 13.67  ? 378  ALA A CA  1 
ATOM   398 C  C   . ALA A 1 53 ? -6.837  -1.972  2.491   1.00 13.19  ? 378  ALA A C   1 
ATOM   399 O  O   . ALA A 1 53 ? -6.521  -0.855  2.982   1.00 14.01  ? 378  ALA A O   1 
ATOM   400 C  CB  . ALA A 1 53 ? -6.893  -3.465  4.518   1.00 17.42  ? 378  ALA A CB  1 
ATOM   401 N  N   . CYS A 1 54 ? -7.570  -2.106  1.390   1.00 12.80  ? 379  CYS A N   1 
ATOM   402 C  CA  . CYS A 1 54 ? -8.138  -0.955  0.741   1.00 13.35  ? 379  CYS A CA  1 
ATOM   403 C  C   . CYS A 1 54 ? -9.299  -0.323  1.550   1.00 15.16  ? 379  CYS A C   1 
ATOM   404 O  O   . CYS A 1 54 ? -9.771  -0.880  2.573   1.00 17.49  ? 379  CYS A O   1 
ATOM   405 C  CB  . CYS A 1 54 ? -8.705  -1.343  -0.649  1.00 13.50  ? 379  CYS A CB  1 
ATOM   406 S  SG  . CYS A 1 54 ? -10.263 -2.295  -0.611  1.00 15.36  ? 379  CYS A SG  1 
ATOM   407 N  N   . ASP A 1 55 ? -9.786  0.807   1.093   1.00 16.93  ? 380  ASP A N   1 
ATOM   408 C  CA  . ASP A 1 55 ? -10.872 1.603   1.729   1.00 22.48  ? 380  ASP A CA  1 
ATOM   409 C  C   . ASP A 1 55 ? -12.204 0.916   1.683   1.00 23.20  ? 380  ASP A C   1 
ATOM   410 O  O   . ASP A 1 55 ? -13.064 1.203   2.509   1.00 31.31  ? 380  ASP A O   1 
ATOM   411 C  CB  . ASP A 1 55 ? -10.960 2.968   0.997   1.00 27.33  ? 380  ASP A CB  1 
ATOM   412 C  CG  . ASP A 1 55 ? -11.830 3.974   1.701   1.00 36.86  ? 380  ASP A CG  1 
ATOM   413 O  OD1 . ASP A 1 55 ? -11.453 4.352   2.820   1.00 46.41  ? 380  ASP A OD1 1 
ATOM   414 O  OD2 . ASP A 1 55 ? -12.893 4.427   1.149   1.00 47.04  ? 380  ASP A OD2 1 
ATOM   415 N  N   . LEU A 1 56 ? -12.373 0.039   0.700   1.00 20.68  ? 381  LEU A N   1 
ATOM   416 C  CA  . LEU A 1 56 ? -13.636 -0.716  0.565   1.00 25.14  ? 381  LEU A CA  1 
ATOM   417 C  C   . LEU A 1 56 ? -13.739 -1.867  1.531   1.00 26.11  ? 381  LEU A C   1 
ATOM   418 O  O   . LEU A 1 56 ? -14.825 -2.272  1.907   1.00 40.67  ? 381  LEU A O   1 
ATOM   419 C  CB  . LEU A 1 56 ? -13.858 -1.239  -0.845  1.00 27.33  ? 381  LEU A CB  1 
ATOM   420 C  CG  . LEU A 1 56 ? -13.524 -0.381  -2.068  1.00 29.77  ? 381  LEU A CG  1 
ATOM   421 C  CD1 . LEU A 1 56 ? -13.786 -1.147  -3.349  1.00 38.14  ? 381  LEU A CD1 1 
ATOM   422 C  CD2 . LEU A 1 56 ? -14.259 0.944   -2.100  1.00 34.31  ? 381  LEU A CD2 1 
ATOM   423 N  N   . CYS A 1 57 ? -12.606 -2.414  1.944   1.00 24.52  ? 382  CYS A N   1 
ATOM   424 C  CA  . CYS A 1 57 ? -12.570 -3.608  2.783   1.00 26.75  ? 382  CYS A CA  1 
ATOM   425 C  C   . CYS A 1 57 ? -12.549 -3.278  4.271   1.00 35.40  ? 382  CYS A C   1 
ATOM   426 O  O   . CYS A 1 57 ? -11.541 -2.774  4.760   1.00 43.79  ? 382  CYS A O   1 
ATOM   427 C  CB  . CYS A 1 57 ? -11.371 -4.513  2.360   1.00 23.85  ? 382  CYS A CB  1 
ATOM   428 S  SG  . CYS A 1 57 ? -11.652 -5.335  0.776   1.00 21.75  ? 382  CYS A SG  1 
ATOM   429 N  N   . VAL A 1 71 ? 1.253   -11.718 10.345  1.00 39.66  ? 1235 VAL A N   1 
ATOM   430 C  CA  . VAL A 1 71 ? 0.890   -10.613 9.378   1.00 28.09  ? 1235 VAL A CA  1 
ATOM   431 C  C   . VAL A 1 71 ? 0.271   -9.371  10.053  1.00 22.71  ? 1235 VAL A C   1 
ATOM   432 O  O   . VAL A 1 71 ? -0.512  -9.463  10.970  1.00 31.82  ? 1235 VAL A O   1 
ATOM   433 C  CB  . VAL A 1 71 ? -0.021  -11.130 8.250   1.00 37.06  ? 1235 VAL A CB  1 
ATOM   434 C  CG1 . VAL A 1 71 ? -0.592  -10.002 7.459   1.00 41.98  ? 1235 VAL A CG1 1 
ATOM   435 C  CG2 . VAL A 1 71 ? 0.767   -12.026 7.313   1.00 46.60  ? 1235 VAL A CG2 1 
ATOM   436 N  N   . TYR A 1 72 ? 0.641   -8.213  9.544   1.00 19.27  ? 1236 TYR A N   1 
ATOM   437 C  CA  . TYR A 1 72 ? 0.275   -6.936  10.089  1.00 23.52  ? 1236 TYR A CA  1 
ATOM   438 C  C   . TYR A 1 72 ? -0.498  -6.183  8.984   1.00 21.00  ? 1236 TYR A C   1 
ATOM   439 O  O   . TYR A 1 72 ? 0.009   -5.934  7.926   1.00 18.54  ? 1236 TYR A O   1 
ATOM   440 C  CB  . TYR A 1 72 ? 1.596   -6.229  10.459  1.00 26.41  ? 1236 TYR A CB  1 
ATOM   441 C  CG  . TYR A 1 72 ? 2.396   -7.056  11.499  1.00 19.73  ? 1236 TYR A CG  1 
ATOM   442 C  CD1 . TYR A 1 72 ? 1.991   -7.006  12.782  1.00 27.60  ? 1236 TYR A CD1 1 
ATOM   443 C  CD2 . TYR A 1 72 ? 3.504   -7.860  11.176  1.00 25.03  ? 1236 TYR A CD2 1 
ATOM   444 C  CE1 . TYR A 1 72 ? 2.632   -7.744  13.792  1.00 29.87  ? 1236 TYR A CE1 1 
ATOM   445 C  CE2 . TYR A 1 72 ? 4.202   -8.601  12.160  1.00 28.42  ? 1236 TYR A CE2 1 
ATOM   446 C  CZ  . TYR A 1 72 ? 3.765   -8.540  13.479  1.00 31.61  ? 1236 TYR A CZ  1 
ATOM   447 O  OH  . TYR A 1 72 ? 4.450   -9.275  14.445  1.00 33.70  ? 1236 TYR A OH  1 
ATOM   448 N  N   . VAL A 1 73 ? -1.742  -5.794  9.278   1.00 19.36  ? 1237 VAL A N   1 
ATOM   449 C  CA  . VAL A 1 73 ? -2.588  -5.098  8.334   1.00 18.86  ? 1237 VAL A CA  1 
ATOM   450 C  C   . VAL A 1 73 ? -2.471  -3.576  8.435   1.00 16.39  ? 1237 VAL A C   1 
ATOM   451 O  O   . VAL A 1 73 ? -2.516  -3.015  9.529   1.00 22.68  ? 1237 VAL A O   1 
ATOM   452 C  CB  . VAL A 1 73 ? -4.050  -5.535  8.482   1.00 23.55  ? 1237 VAL A CB  1 
ATOM   453 C  CG1 . VAL A 1 73 ? -4.923  -4.815  7.484   1.00 26.07  ? 1237 VAL A CG1 1 
ATOM   454 C  CG2 . VAL A 1 73 ? -4.225  -7.051  8.385   1.00 27.07  ? 1237 VAL A CG2 1 
ATOM   455 N  N   . PHE A 1 74 ? -2.301  -2.931  7.291   1.00 13.10  ? 1238 PHE A N   1 
ATOM   456 C  CA  . PHE A 1 74 ? -2.240  -1.488  7.209   1.00 11.59  ? 1238 PHE A CA  1 
ATOM   457 C  C   . PHE A 1 74 ? -3.333  -0.975  6.297   1.00 12.01  ? 1238 PHE A C   1 
ATOM   458 O  O   . PHE A 1 74 ? -3.440  -1.370  5.143   1.00 15.10  ? 1238 PHE A O   1 
ATOM   459 C  CB  . PHE A 1 74 ? -0.909  -0.993  6.649   1.00 13.00  ? 1238 PHE A CB  1 
ATOM   460 C  CG  . PHE A 1 74 ? 0.208   -1.199  7.574   1.00 12.21  ? 1238 PHE A CG  1 
ATOM   461 C  CD1 . PHE A 1 74 ? 0.790   -2.458  7.694   1.00 13.99  ? 1238 PHE A CD1 1 
ATOM   462 C  CD2 . PHE A 1 74 ? 0.717   -0.177  8.377   1.00 13.24  ? 1238 PHE A CD2 1 
ATOM   463 C  CE1 . PHE A 1 74 ? 1.784   -2.714  8.634   1.00 15.50  ? 1238 PHE A CE1 1 
ATOM   464 C  CE2 . PHE A 1 74 ? 1.684   -0.416  9.349   1.00 14.61  ? 1238 PHE A CE2 1 
ATOM   465 C  CZ  . PHE A 1 74 ? 2.257   -1.703  9.433   1.00 17.36  ? 1238 PHE A CZ  1 
ATOM   466 N  N   . THR A 1 75 ? -4.101  -0.008  6.765   1.00 12.61  ? 1239 THR A N   1 
ATOM   467 C  CA  . THR A 1 75 ? -4.878  0.842   5.849   1.00 13.25  ? 1239 THR A CA  1 
ATOM   468 C  C   . THR A 1 75 ? -3.944  1.913   5.241   1.00 11.25  ? 1239 THR A C   1 
ATOM   469 O  O   . THR A 1 75 ? -2.814  2.068   5.687   1.00 11.48  ? 1239 THR A O   1 
ATOM   470 C  CB  . THR A 1 75 ? -5.965  1.578   6.635   1.00 15.98  ? 1239 THR A CB  1 
ATOM   471 O  OG1 . THR A 1 75 ? -5.293  2.418   7.590   1.00 16.74  ? 1239 THR A OG1 1 
ATOM   472 C  CG2 . THR A 1 75 ? -6.919  0.583   7.321   1.00 23.19  ? 1239 THR A CG2 1 
ATOM   473 N  N   . THR A 1 76 ? -4.440  2.650   4.248   1.00 11.14  ? 1240 THR A N   1 
ATOM   474 C  CA  . THR A 1 76 ? -3.649  3.709   3.688   1.00 11.12  ? 1240 THR A CA  1 
ATOM   475 C  C   . THR A 1 76 ? -3.304  4.708   4.783   1.00 11.35  ? 1240 THR A C   1 
ATOM   476 O  O   . THR A 1 76 ? -2.170  5.211   4.832   1.00 11.85  ? 1240 THR A O   1 
ATOM   477 C  CB  . THR A 1 76 ? -4.363  4.389   2.519   1.00 11.77  ? 1240 THR A CB  1 
ATOM   478 O  OG1 . THR A 1 76 ? -4.523  3.396   1.517   1.00 13.91  ? 1240 THR A OG1 1 
ATOM   479 C  CG2 . THR A 1 76 ? -3.574  5.533   1.953   1.00 13.18  ? 1240 THR A CG2 1 
ATOM   480 N  N   . HIS A 1 77 ? -4.281  5.121   5.557   1.00 12.53  ? 1241 HIS A N   1 
ATOM   481 C  CA  . HIS A 1 77 ? -3.958  6.119   6.568   1.00 12.97  ? 1241 HIS A CA  1 
ATOM   482 C  C   . HIS A 1 77 ? -2.900  5.674   7.531   1.00 12.29  ? 1241 HIS A C   1 
ATOM   483 O  O   . HIS A 1 77 ? -2.023  6.459   7.893   1.00 13.39  ? 1241 HIS A O   1 
ATOM   484 C  CB  . HIS A 1 77 ? -5.169  6.516   7.368   1.00 19.58  ? 1241 HIS A CB  1 
ATOM   485 C  CG  . HIS A 1 77 ? -6.149  7.295   6.610   1.00 22.93  ? 1241 HIS A CG  1 
ATOM   486 N  ND1 . HIS A 1 77 ? -6.119  7.625   5.254   1.00 24.46  ? 1241 HIS A ND1 1 
ATOM   487 C  CD2 . HIS A 1 77 ? -7.293  7.821   7.098   1.00 26.25  ? 1241 HIS A CD2 1 
ATOM   488 C  CE1 . HIS A 1 77 ? -7.207  8.335   4.963   1.00 27.29  ? 1241 HIS A CE1 1 
ATOM   489 N  NE2 . HIS A 1 77 ? -7.909  8.479   6.067   1.00 31.07  ? 1241 HIS A NE2 1 
ATOM   490 N  N   . LEU A 1 78 ? -2.982  4.413   7.992   1.00 11.94  ? 1242 LEU A N   1 
ATOM   491 C  CA  . LEU A 1 78 ? -1.959  3.963   8.913   1.00 13.77  ? 1242 LEU A CA  1 
ATOM   492 C  C   . LEU A 1 78 ? -0.616  3.804   8.269   1.00 12.24  ? 1242 LEU A C   1 
ATOM   493 O  O   . LEU A 1 78 ? 0.376   4.186   8.818   1.00 13.22  ? 1242 LEU A O   1 
ATOM   494 C  CB  . LEU A 1 78 ? -2.411  2.639   9.426   1.00 16.85  ? 1242 LEU A CB  1 
ATOM   495 C  CG  . LEU A 1 78 ? -1.869  2.265   10.699  1.00 22.91  ? 1242 LEU A CG  1 
ATOM   496 C  CD1 . LEU A 1 78 ? -2.421  3.233   11.836  1.00 25.02  ? 1242 LEU A CD1 1 
ATOM   497 C  CD2 . LEU A 1 78 ? -2.266  0.806   10.989  1.00 23.27  ? 1242 LEU A CD2 1 
ATOM   498 N  N   . ALA A 1 79 ? -0.586  3.342   7.017   1.00 10.53  ? 1243 ALA A N   1 
ATOM   499 C  CA  . ALA A 1 79 ? 0.719   3.232   6.331   1.00 9.74   ? 1243 ALA A CA  1 
ATOM   500 C  C   . ALA A 1 79 ? 1.320   4.621   6.122   1.00 9.40   ? 1243 ALA A C   1 
ATOM   501 O  O   . ALA A 1 79 ? 2.552   4.826   6.271   1.00 9.96   ? 1243 ALA A O   1 
ATOM   502 C  CB  . ALA A 1 79 ? 0.516   2.556   4.996   1.00 10.81  ? 1243 ALA A CB  1 
ATOM   503 N  N   . ASN A 1 80 ? 0.470   5.615   5.775   1.00 9.02   ? 1244 ASN A N   1 
ATOM   504 C  CA  . ASN A 1 80 ? 0.993   6.974   5.572   1.00 9.10   ? 1244 ASN A CA  1 
ATOM   505 C  C   . ASN A 1 80 ? 1.563   7.576   6.872   1.00 9.33   ? 1244 ASN A C   1 
ATOM   506 O  O   . ASN A 1 80 ? 2.643   8.180   6.871   1.00 10.40  ? 1244 ASN A O   1 
ATOM   507 C  CB  . ASN A 1 80 ? -0.137  7.876   5.078   1.00 9.73   ? 1244 ASN A CB  1 
ATOM   508 C  CG  . ASN A 1 80 ? -0.390  7.752   3.593   1.00 8.76   ? 1244 ASN A CG  1 
ATOM   509 O  OD1 . ASN A 1 80 ? 0.301   7.028   2.884   1.00 9.72   ? 1244 ASN A OD1 1 
ATOM   510 N  ND2 . ASN A 1 80 ? -1.355  8.514   3.132   1.00 10.38  ? 1244 ASN A ND2 1 
ATOM   511 N  N   . THR A 1 81 ? 0.809   7.400   7.967   1.00 11.35  ? 1245 THR A N   1 
ATOM   512 C  CA  . THR A 1 81 ? 1.251   7.904   9.293   1.00 14.11  ? 1245 THR A CA  1 
ATOM   513 C  C   . THR A 1 81 ? 2.562   7.192   9.659   1.00 13.24  ? 1245 THR A C   1 
ATOM   514 O  O   . THR A 1 81 ? 3.521   7.795   10.184  1.00 14.69  ? 1245 THR A O   1 
ATOM   515 C  CB  . THR A 1 81 ? 0.078   7.590   10.328  1.00 18.93  ? 1245 THR A CB  1 
ATOM   516 O  OG1 . THR A 1 81 ? -1.048  8.412   9.884   1.00 22.90  ? 1245 THR A OG1 1 
ATOM   517 C  CG2 . THR A 1 81 ? 0.570   8.085   11.629  1.00 26.97  ? 1245 THR A CG2 1 
ATOM   518 N  N   . ALA A 1 82 ? 2.606   5.864   9.478   1.00 11.56  ? 1246 ALA A N   1 
ATOM   519 C  CA  . ALA A 1 82 ? 3.766   5.100   9.893   1.00 12.62  ? 1246 ALA A CA  1 
ATOM   520 C  C   . ALA A 1 82 ? 4.988   5.509   9.084   1.00 11.70  ? 1246 ALA A C   1 
ATOM   521 O  O   . ALA A 1 82 ? 6.130   5.620   9.601   1.00 13.16  ? 1246 ALA A O   1 
ATOM   522 C  CB  . ALA A 1 82 ? 3.501   3.634   9.698   1.00 14.62  ? 1246 ALA A CB  1 
ATOM   523 N  N   . ALA A 1 83 ? 4.834   5.704   7.760   1.00 10.80  ? 1247 ALA A N   1 
ATOM   524 C  CA  . ALA A 1 83 ? 5.999   6.071   6.939   1.00 11.05  ? 1247 ALA A CA  1 
ATOM   525 C  C   . ALA A 1 83 ? 6.560   7.425   7.345   1.00 11.30  ? 1247 ALA A C   1 
ATOM   526 O  O   . ALA A 1 83 ? 7.778   7.617   7.300   1.00 12.55  ? 1247 ALA A O   1 
ATOM   527 C  CB  . ALA A 1 83 ? 5.587   6.037   5.488   1.00 11.96  ? 1247 ALA A CB  1 
ATOM   528 N  N   . GLU A 1 84 ? 5.685   8.368   7.657   1.00 12.50  ? 1248 GLU A N   1 
ATOM   529 C  CA  . GLU A 1 84 ? 6.179   9.673   8.082   1.00 13.72  ? 1248 GLU A CA  1 
ATOM   530 C  C   . GLU A 1 84 ? 7.007   9.504   9.364   1.00 13.62  ? 1248 GLU A C   1 
ATOM   531 O  O   . GLU A 1 84 ? 8.053   10.123  9.517   1.00 15.04  ? 1248 GLU A O   1 
ATOM   532 C  CB  . GLU A 1 84 ? 4.989   10.625  8.299   1.00 17.33  ? 1248 GLU A CB  1 
ATOM   533 C  CG  . GLU A 1 84 ? 5.373   12.066  8.714   1.00 20.79  ? 1248 GLU A CG  1 
ATOM   534 C  CD  . GLU A 1 84 ? 4.172   13.040  8.762   1.00 19.15  ? 1248 GLU A CD  1 
ATOM   535 O  OE1 . GLU A 1 84 ? 3.079   12.642  9.264   1.00 24.01  ? 1248 GLU A OE1 1 
ATOM   536 O  OE2 . GLU A 1 84 ? 4.312   14.236  8.242   1.00 24.53  ? 1248 GLU A OE2 1 
ATOM   537 N  N   . ALA A 1 85 ? 6.544   8.698   10.309  1.00 12.37  ? 1249 ALA A N   1 
ATOM   538 C  CA  . ALA A 1 85 ? 7.280   8.440   11.539  1.00 13.42  ? 1249 ALA A CA  1 
ATOM   539 C  C   . ALA A 1 85 ? 8.608   7.774   11.251  1.00 12.83  ? 1249 ALA A C   1 
ATOM   540 O  O   . ALA A 1 85 ? 9.638   8.135   11.853  1.00 14.30  ? 1249 ALA A O   1 
ATOM   541 C  CB  . ALA A 1 85 ? 6.403   7.645   12.481  1.00 15.26  ? 1249 ALA A CB  1 
ATOM   542 N  N   . VAL A 1 86 ? 8.666   6.789   10.339  1.00 12.22  ? 1250 VAL A N   1 
ATOM   543 C  CA  . VAL A 1 86 ? 9.908   6.093   10.037  1.00 13.29  ? 1250 VAL A CA  1 
ATOM   544 C  C   . VAL A 1 86 ? 10.908  7.081   9.438   1.00 12.72  ? 1250 VAL A C   1 
ATOM   545 O  O   . VAL A 1 86 ? 12.110  7.099   9.779   1.00 13.97  ? 1250 VAL A O   1 
ATOM   546 C  CB  . VAL A 1 86 ? 9.658   4.894   9.092   1.00 13.60  ? 1250 VAL A CB  1 
ATOM   547 C  CG1 . VAL A 1 86 ? 10.952  4.325   8.535   1.00 16.90  ? 1250 VAL A CG1 1 
ATOM   548 C  CG2 . VAL A 1 86 ? 8.901   3.817   9.838   1.00 17.11  ? 1250 VAL A CG2 1 
ATOM   549 N  N   . LEU A 1 87 ? 10.469  7.890   8.481   1.00 13.73  ? 1251 LEU A N   1 
ATOM   550 C  CA  . LEU A 1 87 ? 11.444  8.773   7.802   1.00 15.92  ? 1251 LEU A CA  1 
ATOM   551 C  C   . LEU A 1 87 ? 11.982  9.828   8.767   1.00 16.19  ? 1251 LEU A C   1 
ATOM   552 O  O   . LEU A 1 87 ? 13.015  10.431  8.491   1.00 18.85  ? 1251 LEU A O   1 
ATOM   553 C  CB  . LEU A 1 87 ? 10.745  9.468   6.604   1.00 24.78  ? 1251 LEU A CB  1 
ATOM   554 C  CG  . LEU A 1 87 ? 10.739  8.980   5.208   1.00 33.76  ? 1251 LEU A CG  1 
ATOM   555 C  CD1 . LEU A 1 87 ? 10.459  7.497   5.213   1.00 39.44  ? 1251 LEU A CD1 1 
ATOM   556 C  CD2 . LEU A 1 87 ? 9.680   9.778   4.469   1.00 40.18  ? 1251 LEU A CD2 1 
ATOM   557 N  N   . GLN A 1 88 ? 11.242  10.141  9.870   1.00 14.57  ? 1252 GLN A N   1 
ATOM   558 C  CA  . GLN A 1 88 ? 11.681  11.115  10.852  1.00 16.72  ? 1252 GLN A CA  1 
ATOM   559 C  C   . GLN A 1 88 ? 12.425  10.446  11.970  1.00 15.08  ? 1252 GLN A C   1 
ATOM   560 O  O   . GLN A 1 88 ? 12.916  11.126  12.873  1.00 20.36  ? 1252 GLN A O   1 
ATOM   561 C  CB  . GLN A 1 88 ? 10.420  11.771  11.384  1.00 19.33  ? 1252 GLN A CB  1 
ATOM   562 C  CG  . GLN A 1 88 ? 9.856   12.658  10.284  1.00 27.30  ? 1252 GLN A CG  1 
ATOM   563 C  CD  . GLN A 1 88 ? 8.570   13.340  10.669  1.00 31.54  ? 1252 GLN A CD  1 
ATOM   564 O  OE1 . GLN A 1 88 ? 7.917   12.946  11.663  1.00 35.12  ? 1252 GLN A OE1 1 
ATOM   565 N  NE2 . GLN A 1 88 ? 8.167   14.398  9.883   1.00 43.98  ? 1252 GLN A NE2 1 
ATOM   566 N  N   . GLY A 1 89 ? 12.636  9.140   11.912  1.00 13.50  ? 1253 GLY A N   1 
ATOM   567 C  CA  . GLY A 1 89 ? 13.413  8.468   12.974  1.00 15.58  ? 1253 GLY A CA  1 
ATOM   568 C  C   . GLY A 1 89 ? 12.668  8.246   14.247  1.00 14.52  ? 1253 GLY A C   1 
ATOM   569 O  O   . GLY A 1 89 ? 13.313  8.041   15.269  1.00 17.92  ? 1253 GLY A O   1 
ATOM   570 N  N   . ARG A 1 90 ? 11.329  8.428   14.176  1.00 15.82  ? 1254 ARG A N   1 
ATOM   571 C  CA  . ARG A 1 90 ? 10.452  8.242   15.335  1.00 18.52  ? 1254 ARG A CA  1 
ATOM   572 C  C   . ARG A 1 90 ? 10.011  6.842   15.510  1.00 20.38  ? 1254 ARG A C   1 
ATOM   573 O  O   . ARG A 1 90 ? 9.473   6.524   16.560  1.00 27.93  ? 1254 ARG A O   1 
ATOM   574 C  CB  . ARG A 1 90 ? 9.266   9.208   15.304  1.00 20.67  ? 1254 ARG A CB  1 
ATOM   575 C  CG  . ARG A 1 90 ? 9.740   10.660  15.315  1.00 23.43  ? 1254 ARG A CG  1 
ATOM   576 C  CD  . ARG A 1 90 ? 8.654   11.723  15.387  1.00 29.19  ? 1254 ARG A CD  1 
ATOM   577 N  NE  . ARG A 1 90 ? 7.801   11.735  14.196  1.00 40.18  ? 1254 ARG A NE  1 
ATOM   578 C  CZ  . ARG A 1 90 ? 6.547   11.226  14.092  1.00 34.93  ? 1254 ARG A CZ  1 
ATOM   579 N  NH1 . ARG A 1 90 ? 5.926   10.631  15.130  1.00 43.57  ? 1254 ARG A NH1 1 
ATOM   580 N  NH2 . ARG A 1 90 ? 5.910   11.339  12.922  1.00 32.92  ? 1254 ARG A NH2 1 
ATOM   581 N  N   . ALA A 1 91 ? 10.111  6.044   14.480  1.00 19.10  ? 1255 ALA A N   1 
ATOM   582 C  CA  . ALA A 1 91 ? 9.695   4.652   14.531  1.00 20.22  ? 1255 ALA A CA  1 
ATOM   583 C  C   . ALA A 1 91 ? 10.830  3.874   13.824  1.00 22.82  ? 1255 ALA A C   1 
ATOM   584 O  O   . ALA A 1 91 ? 11.343  4.364   12.846  1.00 20.61  ? 1255 ALA A O   1 
ATOM   585 C  CB  . ALA A 1 91 ? 8.349   4.447   13.799  1.00 22.32  ? 1255 ALA A CB  1 
ATOM   586 N  N   . ASP A 1 92 ? 11.130  2.652   14.261  1.00 24.20  ? 1256 ASP A N   1 
ATOM   587 C  CA  . ASP A 1 92 ? 12.169  1.809   13.654  1.00 22.73  ? 1256 ASP A CA  1 
ATOM   588 C  C   . ASP A 1 92 ? 11.671  1.233   12.350  1.00 19.29  ? 1256 ASP A C   1 
ATOM   589 O  O   . ASP A 1 92 ? 12.454  0.947   11.458  1.00 25.63  ? 1256 ASP A O   1 
ATOM   590 C  CB  . ASP A 1 92 ? 12.643  0.673   14.594  1.00 34.18  ? 1256 ASP A CB  1 
ATOM   591 C  CG  . ASP A 1 92 ? 13.631  1.191   15.666  1.00 48.38  ? 1256 ASP A CG  1 
ATOM   592 O  OD1 . ASP A 1 92 ? 13.955  2.403   15.699  1.00 62.85  ? 1256 ASP A OD1 1 
ATOM   593 O  OD2 . ASP A 1 92 ? 14.089  0.385   16.491  1.00 84.03  ? 1256 ASP A OD2 1 
ATOM   594 N  N   . SER A 1 93 ? 10.368  0.988   12.252  1.00 18.97  ? 1257 SER A N   1 
ATOM   595 C  CA  . SER A 1 93 ? 9.823   0.414   10.992  1.00 16.68  ? 1257 SER A CA  1 
ATOM   596 C  C   . SER A 1 93 ? 8.370   0.713   11.030  1.00 14.75  ? 1257 SER A C   1 
ATOM   597 O  O   . SER A 1 93 ? 7.818   1.064   12.064  1.00 16.68  ? 1257 SER A O   1 
ATOM   598 C  CB  . SER A 1 93 ? 10.098  -1.080  10.899  1.00 22.19  ? 1257 SER A CB  1 
ATOM   599 O  OG  . SER A 1 93 ? 9.121   -1.779  11.590  1.00 24.27  ? 1257 SER A OG  1 
ATOM   600 N  N   . ILE A 1 94 ? 7.699   0.494   9.905   1.00 13.84  ? 1258 ILE A N   1 
ATOM   601 C  CA  . ILE A 1 94 ? 6.273   0.725   9.903   1.00 14.40  ? 1258 ILE A CA  1 
ATOM   602 C  C   . ILE A 1 94 ? 5.517   -0.235  10.800  1.00 14.04  ? 1258 ILE A C   1 
ATOM   603 O  O   . ILE A 1 94 ? 4.397   0.086   11.200  1.00 15.09  ? 1258 ILE A O   1 
ATOM   604 C  CB  . ILE A 1 94 ? 5.679   0.705   8.482   1.00 15.08  ? 1258 ILE A CB  1 
ATOM   605 C  CG1 . ILE A 1 94 ? 5.866   -0.680  7.794   1.00 15.85  ? 1258 ILE A CG1 1 
ATOM   606 C  CG2 . ILE A 1 94 ? 6.199   1.883   7.655   1.00 16.14  ? 1258 ILE A CG2 1 
ATOM   607 C  CD1 . ILE A 1 94 ? 5.090   -0.822  6.511   1.00 18.15  ? 1258 ILE A CD1 1 
ATOM   608 N  N   . LEU A 1 95 ? 6.106   -1.394  11.102  1.00 14.83  ? 1259 LEU A N   1 
ATOM   609 C  CA  . LEU A 1 95 ? 5.382   -2.369  11.939  1.00 15.13  ? 1259 LEU A CA  1 
ATOM   610 C  C   . LEU A 1 95 ? 4.996   -1.804  13.261  1.00 16.51  ? 1259 LEU A C   1 
ATOM   611 O  O   . LEU A 1 95 ? 4.091   -2.296  13.844  1.00 20.65  ? 1259 LEU A O   1 
ATOM   612 C  CB  . LEU A 1 95 ? 6.197   -3.647  12.109  1.00 17.55  ? 1259 LEU A CB  1 
ATOM   613 C  CG  . LEU A 1 95 ? 6.455   -4.435  10.830  1.00 19.02  ? 1259 LEU A CG  1 
ATOM   614 C  CD1 . LEU A 1 95 ? 7.183   -5.801  11.103  1.00 27.86  ? 1259 LEU A CD1 1 
ATOM   615 C  CD2 . LEU A 1 95 ? 5.208   -4.647  9.954   1.00 21.19  ? 1259 LEU A CD2 1 
ATOM   616 N  N   . ALA A 1 96 ? 5.769   -0.838  13.783  1.00 19.51  ? 1260 ALA A N   1 
ATOM   617 C  CA  . ALA A 1 96 ? 5.382   -0.198  15.063  1.00 22.66  ? 1260 ALA A CA  1 
ATOM   618 C  C   . ALA A 1 96 ? 3.980   0.453   15.048  1.00 27.86  ? 1260 ALA A C   1 
ATOM   619 O  O   . ALA A 1 96 ? 3.461   0.712   16.142  1.00 34.90  ? 1260 ALA A O   1 
ATOM   620 C  CB  . ALA A 1 96 ? 6.447   0.795   15.521  1.00 28.08  ? 1260 ALA A CB  1 
ATOM   621 N  N   . TYR A 1 97 ? 3.392   0.713   13.847  1.00 22.32  ? 1261 TYR A N   1 
ATOM   622 C  CA  . TYR A 1 97 ? 2.069   1.323   13.665  1.00 23.13  ? 1261 TYR A CA  1 
ATOM   623 C  C   . TYR A 1 97 ? 0.996   0.376   13.219  1.00 27.00  ? 1261 TYR A C   1 
ATOM   624 O  O   . TYR A 1 97 ? -0.086  0.829   12.825  1.00 34.70  ? 1261 TYR A O   1 
ATOM   625 C  CB  . TYR A 1 97 ? 2.180   2.448   12.630  1.00 21.61  ? 1261 TYR A CB  1 
ATOM   626 C  CG  . TYR A 1 97 ? 2.746   3.672   13.235  1.00 21.57  ? 1261 TYR A CG  1 
ATOM   627 C  CD1 . TYR A 1 97 ? 4.109   3.748   13.604  1.00 25.52  ? 1261 TYR A CD1 1 
ATOM   628 C  CD2 . TYR A 1 97 ? 1.922   4.748   13.459  1.00 29.12  ? 1261 TYR A CD2 1 
ATOM   629 C  CE1 . TYR A 1 97 ? 4.582   4.885   14.201  1.00 34.39  ? 1261 TYR A CE1 1 
ATOM   630 C  CE2 . TYR A 1 97 ? 2.382   5.898   14.049  1.00 35.79  ? 1261 TYR A CE2 1 
ATOM   631 C  CZ  . TYR A 1 97 ? 3.694   5.963   14.403  1.00 32.28  ? 1261 TYR A CZ  1 
ATOM   632 O  OH  . TYR A 1 97 ? 4.100   7.114   14.990  1.00 35.52  ? 1261 TYR A OH  1 
ATOM   633 N  N   . HIS A 1 98 ? 1.235   -0.919  13.269  1.00 24.79  ? 1262 HIS A N   1 
ATOM   634 C  CA  . HIS A 1 98 ? 0.199   -1.812  12.751  1.00 27.58  ? 1262 HIS A CA  1 
ATOM   635 C  C   . HIS A 1 98 ? -1.132  -1.764  13.507  1.00 37.96  ? 1262 HIS A C   1 
ATOM   636 O  O   . HIS A 1 98 ? -1.086  -1.436  14.659  1.00 37.46  ? 1262 HIS A O   1 
ATOM   637 C  CB  . HIS A 1 98 ? 0.788   -3.235  12.772  1.00 25.91  ? 1262 HIS A CB  1 
ATOM   638 C  CG  . HIS A 1 98 ? 0.733   -3.893  14.124  1.00 26.04  ? 1262 HIS A CG  1 
ATOM   639 N  ND1 . HIS A 1 98 ? 1.771   -3.870  15.037  1.00 27.63  ? 1262 HIS A ND1 1 
ATOM   640 C  CD2 . HIS A 1 98 ? -0.285  -4.536  14.740  1.00 28.76  ? 1262 HIS A CD2 1 
ATOM   641 C  CE1 . HIS A 1 98 ? 1.405   -4.512  16.142  1.00 24.71  ? 1262 HIS A CE1 1 
ATOM   642 N  NE2 . HIS A 1 98 ? 0.166   -4.924  15.974  1.00 31.78  ? 1262 HIS A NE2 1 
ATOM   643 N  N   . ALA B 2 1  ? 4.156   -5.989  1.747   1.00 16.14  ? 1    ALA F N   1 
ATOM   644 C  CA  . ALA B 2 1  ? 2.908   -5.904  0.937   1.00 14.35  ? 1    ALA F CA  1 
ATOM   645 C  C   . ALA B 2 1  ? 3.208   -5.919  -0.525  1.00 14.51  ? 1    ALA F C   1 
ATOM   646 O  O   . ALA B 2 1  ? 4.223   -5.343  -0.930  1.00 17.68  ? 1    ALA F O   1 
ATOM   647 C  CB  . ALA B 2 1  ? 2.178   -4.627  1.289   1.00 15.12  ? 1    ALA F CB  1 
ATOM   648 N  N   . ARG B 2 2  ? 2.408   -6.628  -1.288  1.00 13.58  ? 2    ARG F N   1 
ATOM   649 C  CA  . ARG B 2 2  ? 2.650   -6.725  -2.740  1.00 12.91  ? 2    ARG F CA  1 
ATOM   650 C  C   . ARG B 2 2  ? 2.254   -5.419  -3.479  1.00 11.29  ? 2    ARG F C   1 
ATOM   651 O  O   . ARG B 2 2  ? 1.087   -5.010  -3.478  1.00 11.83  ? 2    ARG F O   1 
ATOM   652 C  CB  . ARG B 2 2  ? 1.849   -7.892  -3.295  1.00 15.54  ? 2    ARG F CB  1 
ATOM   653 C  CG  . ARG B 2 2  ? 2.102   -8.216  -4.789  1.00 23.91  ? 2    ARG F CG  1 
ATOM   654 C  CD  . ARG B 2 2  ? 2.142   -9.728  -5.053  1.00 49.84  ? 2    ARG F CD  1 
ATOM   655 N  NE  . ARG B 2 2  ? 1.729   -10.014 -6.439  1.00 67.41  ? 2    ARG F NE  1 
ATOM   656 C  CZ  . ARG B 2 2  ? 0.765   -10.878 -6.813  1.00 70.93  ? 2    ARG F CZ  1 
ATOM   657 N  NH1 . ARG B 2 2  ? 0.085   -11.585 -5.907  1.00 85.12  ? 2    ARG F NH1 1 
ATOM   658 N  NH2 . ARG B 2 2  ? 0.458   -10.979 -8.097  1.00 81.25  ? 2    ARG F NH2 1 
ATOM   659 N  N   . THR B 2 3  ? 3.223   -4.837  -4.151  1.00 12.88  ? 3    THR F N   1 
ATOM   660 C  CA  . THR B 2 3  ? 3.047   -3.672  -4.978  1.00 13.08  ? 3    THR F CA  1 
ATOM   661 C  C   . THR B 2 3  ? 3.678   -3.955  -6.355  1.00 11.90  ? 3    THR F C   1 
ATOM   662 O  O   . THR B 2 3  ? 4.316   -5.020  -6.498  1.00 13.60  ? 3    THR F O   1 
ATOM   663 C  CB  . THR B 2 3  ? 3.712   -2.402  -4.442  1.00 11.13  ? 3    THR F CB  1 
ATOM   664 O  OG1 . THR B 2 3  ? 5.117   -2.536  -4.559  1.00 12.02  ? 3    THR F OG1 1 
ATOM   665 C  CG2 . THR B 2 3  ? 3.314   -2.117  -2.976  1.00 12.58  ? 3    THR F CG2 1 
HETATM 666 N  N   . MLY B 2 4  ? 3.567   -3.048  -7.308  1.00 12.01  ? 4    MLY F N   1 
HETATM 667 C  CA  . MLY B 2 4  ? 4.277   -3.246  -8.576  1.00 13.65  ? 4    MLY F CA  1 
HETATM 668 C  CB  . MLY B 2 4  ? 3.742   -2.245  -9.588  1.00 13.57  ? 4    MLY F CB  1 
HETATM 669 C  CG  . MLY B 2 4  ? 2.289   -2.489  -9.968  1.00 12.94  ? 4    MLY F CG  1 
HETATM 670 C  CD  . MLY B 2 4  ? 2.118   -3.849  -10.706 1.00 13.72  ? 4    MLY F CD  1 
HETATM 671 C  CE  . MLY B 2 4  ? 0.653   -4.011  -11.098 1.00 16.37  ? 4    MLY F CE  1 
HETATM 672 N  NZ  . MLY B 2 4  ? 0.390   -5.232  -11.884 1.00 17.74  ? 4    MLY F NZ  1 
HETATM 673 C  CH1 . MLY B 2 4  ? -1.068  -5.288  -12.210 1.00 25.93  ? 4    MLY F CH1 1 
HETATM 674 C  CH2 . MLY B 2 4  ? 0.787   -6.475  -11.215 1.00 19.69  ? 4    MLY F CH2 1 
HETATM 675 C  C   . MLY B 2 4  ? 5.785   -3.128  -8.397  1.00 14.08  ? 4    MLY F C   1 
HETATM 676 O  O   . MLY B 2 4  ? 6.522   -3.589  -9.254  1.00 18.07  ? 4    MLY F O   1 
ATOM   677 N  N   . GLN B 2 5  ? 6.263   -2.554  -7.305  1.00 12.53  ? 5    GLN F N   1 
ATOM   678 C  CA  . GLN B 2 5  ? 7.675   -2.472  -7.066  1.00 13.31  ? 5    GLN F CA  1 
ATOM   679 C  C   . GLN B 2 5  ? 8.258   -3.757  -6.468  1.00 13.62  ? 5    GLN F C   1 
ATOM   680 O  O   . GLN B 2 5  ? 9.462   -3.944  -6.516  1.00 16.36  ? 5    GLN F O   1 
ATOM   681 C  CB  . GLN B 2 5  ? 8.001   -1.251  -6.213  1.00 13.98  ? 5    GLN F CB  1 
ATOM   682 C  CG  . GLN B 2 5  ? 9.437   -1.044  -5.876  1.00 17.26  ? 5    GLN F CG  1 
ATOM   683 C  CD  . GLN B 2 5  ? 10.357  -0.850  -7.063  1.00 23.19  ? 5    GLN F CD  1 
ATOM   684 O  OE1 . GLN B 2 5  ? 10.029  -0.170  -7.997  1.00 26.71  ? 5    GLN F OE1 1 
ATOM   685 N  NE2 . GLN B 2 5  ? 11.561  -1.418  -6.996  1.00 33.52  ? 5    GLN F NE2 1 
ATOM   686 N  N   . THR B 2 6  ? 7.406   -4.613  -5.904  1.00 16.21  ? 6    THR F N   1 
ATOM   687 C  CA  . THR B 2 6  ? 7.789   -5.917  -5.506  1.00 24.11  ? 6    THR F CA  1 
ATOM   688 C  C   . THR B 2 6  ? 8.436   -6.763  -6.678  1.00 21.53  ? 6    THR F C   1 
ATOM   689 O  O   . THR B 2 6  ? 9.434   -7.283  -6.393  1.00 31.01  ? 6    THR F O   1 
ATOM   690 C  CB  . THR B 2 6  ? 6.595   -6.708  -4.978  1.00 29.99  ? 6    THR F CB  1 
ATOM   691 O  OG1 . THR B 2 6  ? 5.897   -5.978  -3.947  1.00 30.55  ? 6    THR F OG1 1 
ATOM   692 C  CG2 . THR B 2 6  ? 7.031   -8.185  -4.499  1.00 30.62  ? 6    THR F CG2 1 
HETATM 693 ZN ZN  . ZN  C 3 .  ? -7.204  3.899   -10.130 1.00 11.88  ? 1383 ZN  A ZN  1 
HETATM 694 ZN ZN  . ZN  D 3 .  ? -9.908  -4.592  -0.583  1.00 16.17  ? 1384 ZN  A ZN  1 
HETATM 695 O  O   . HOH E 4 .  ? -11.859 3.914   -3.279  1.00 39.18  ? 2001 HOH A O   1 
HETATM 696 O  O   . HOH E 4 .  ? 6.771   -2.457  -17.823 1.00 48.80  ? 2002 HOH A O   1 
HETATM 697 O  O   . HOH E 4 .  ? 8.533   -1.301  -11.606 1.00 35.55  ? 2003 HOH A O   1 
HETATM 698 O  O   . HOH E 4 .  ? 8.534   3.480   -10.309 1.00 38.06  ? 2004 HOH A O   1 
HETATM 699 O  O   . HOH E 4 .  ? -2.159  6.417   -11.327 1.00 44.65  ? 2005 HOH A O   1 
HETATM 700 O  O   . HOH E 4 .  ? 1.419   -12.074 3.052   1.00 40.94  ? 2006 HOH A O   1 
HETATM 701 O  O   . HOH E 4 .  ? -13.230 -11.888 -1.261  1.00 47.00  ? 2007 HOH A O   1 
HETATM 702 O  O   . HOH E 4 .  ? -10.059 6.121   -0.564  1.00 53.03  ? 2008 HOH A O   1 
HETATM 703 O  O   . HOH E 4 .  ? 10.821  -7.556  -0.055  1.00 51.22  ? 2009 HOH A O   1 
HETATM 704 O  O   . HOH E 4 .  ? -14.360 -5.937  5.443   1.00 48.90  ? 2010 HOH A O   1 
HETATM 705 O  O   . HOH E 4 .  ? -13.823 -5.727  8.387   1.00 44.91  ? 2011 HOH A O   1 
HETATM 706 O  O   . HOH E 4 .  ? 11.012  -12.306 6.074   1.00 52.15  ? 2012 HOH A O   1 
HETATM 707 O  O   . HOH E 4 .  ? -2.328  -0.992  -21.844 1.00 27.33  ? 2013 HOH A O   1 
HETATM 708 O  O   . HOH E 4 .  ? -3.204  -5.265  -14.653 1.00 24.17  ? 2014 HOH A O   1 
HETATM 709 O  O   . HOH E 4 .  ? -1.814  -7.656  -16.390 1.00 42.30  ? 2015 HOH A O   1 
HETATM 710 O  O   . HOH E 4 .  ? -9.428  -8.727  -15.847 1.00 28.21  ? 2016 HOH A O   1 
HETATM 711 O  O   . HOH E 4 .  ? -2.421  -12.036 -11.290 1.00 41.81  ? 2017 HOH A O   1 
HETATM 712 O  O   . HOH E 4 .  ? -11.204 -3.976  -9.603  1.00 23.99  ? 2018 HOH A O   1 
HETATM 713 O  O   . HOH E 4 .  ? -13.605 -2.459  -5.703  1.00 34.05  ? 2019 HOH A O   1 
HETATM 714 O  O   . HOH E 4 .  ? -11.977 6.741   -7.918  1.00 48.75  ? 2020 HOH A O   1 
HETATM 715 O  O   . HOH E 4 .  ? -13.299 4.893   -5.669  1.00 53.38  ? 2021 HOH A O   1 
HETATM 716 O  O   . HOH E 4 .  ? -12.868 6.876   -12.636 1.00 52.24  ? 2022 HOH A O   1 
HETATM 717 O  O   . HOH E 4 .  ? -7.402  6.495   -13.507 1.00 40.97  ? 2023 HOH A O   1 
HETATM 718 O  O   . HOH E 4 .  ? -8.214  5.850   -17.872 1.00 44.90  ? 2024 HOH A O   1 
HETATM 719 O  O   . HOH E 4 .  ? -11.981 4.037   -17.644 1.00 34.68  ? 2025 HOH A O   1 
HETATM 720 O  O   . HOH E 4 .  ? -4.989  3.446   -16.373 1.00 35.84  ? 2026 HOH A O   1 
HETATM 721 O  O   . HOH E 4 .  ? -0.629  -5.607  -15.882 1.00 42.16  ? 2027 HOH A O   1 
HETATM 722 O  O   . HOH E 4 .  ? 0.833   2.929   -18.077 1.00 37.80  ? 2028 HOH A O   1 
HETATM 723 O  O   . HOH E 4 .  ? 0.988   -3.780  -17.875 1.00 32.99  ? 2029 HOH A O   1 
HETATM 724 O  O   . HOH E 4 .  ? 3.335   -1.765  -17.946 1.00 44.13  ? 2030 HOH A O   1 
HETATM 725 O  O   . HOH E 4 .  ? 5.765   0.225   -11.312 1.00 25.00  ? 2031 HOH A O   1 
HETATM 726 O  O   . HOH E 4 .  ? 5.563   -4.063  -11.918 1.00 30.30  ? 2032 HOH A O   1 
HETATM 727 O  O   . HOH E 4 .  ? 5.613   3.830   -11.511 1.00 48.41  ? 2033 HOH A O   1 
HETATM 728 O  O   . HOH E 4 .  ? 6.785   -1.122  -19.969 1.00 38.66  ? 2034 HOH A O   1 
HETATM 729 O  O   . HOH E 4 .  ? -4.488  5.501   -14.600 1.00 43.33  ? 2035 HOH A O   1 
HETATM 730 O  O   . HOH E 4 .  ? 2.425   5.755   -11.078 1.00 30.30  ? 2036 HOH A O   1 
HETATM 731 O  O   . HOH E 4 .  ? -0.588  5.506   -9.005  1.00 19.94  ? 2037 HOH A O   1 
HETATM 732 O  O   . HOH E 4 .  ? 7.330   5.408   -9.062  1.00 43.22  ? 2038 HOH A O   1 
HETATM 733 O  O   . HOH E 4 .  ? 5.782   0.825   -8.637  1.00 15.69  ? 2039 HOH A O   1 
HETATM 734 O  O   . HOH E 4 .  ? 6.439   6.171   -5.979  1.00 37.81  ? 2040 HOH A O   1 
HETATM 735 O  O   . HOH E 4 .  ? -0.873  -5.875  0.444   1.00 15.00  ? 2041 HOH A O   1 
HETATM 736 O  O   . HOH E 4 .  ? 2.257   -9.430  2.507   1.00 44.39  ? 2042 HOH A O   1 
HETATM 737 O  O   . HOH E 4 .  ? 3.041   -10.130 0.036   1.00 39.36  ? 2043 HOH A O   1 
HETATM 738 O  O   . HOH E 4 .  ? -11.870 -12.699 0.739   1.00 46.71  ? 2044 HOH A O   1 
HETATM 739 O  O   . HOH E 4 .  ? -13.643 -9.249  0.262   1.00 42.64  ? 2045 HOH A O   1 
HETATM 740 O  O   . HOH E 4 .  ? -12.395 -9.217  -5.491  1.00 43.00  ? 2046 HOH A O   1 
HETATM 741 O  O   . HOH E 4 .  ? -10.063 -10.136 -6.921  1.00 51.32  ? 2047 HOH A O   1 
HETATM 742 O  O   . HOH E 4 .  ? -13.304 -4.603  -3.386  1.00 35.54  ? 2048 HOH A O   1 
HETATM 743 O  O   . HOH E 4 .  ? -16.024 -7.320  -6.505  1.00 44.65  ? 2049 HOH A O   1 
HETATM 744 O  O   . HOH E 4 .  ? -2.507  -10.297 -8.867  1.00 42.80  ? 2050 HOH A O   1 
HETATM 745 O  O   . HOH E 4 .  ? -1.844  9.063   -3.553  1.00 20.04  ? 2051 HOH A O   1 
HETATM 746 O  O   . HOH E 4 .  ? -9.328  4.081   -2.815  1.00 28.17  ? 2052 HOH A O   1 
HETATM 747 O  O   . HOH E 4 .  ? -9.591  7.749   -8.298  1.00 42.33  ? 2053 HOH A O   1 
HETATM 748 O  O   . HOH E 4 .  ? -4.318  7.237   -10.357 1.00 35.27  ? 2054 HOH A O   1 
HETATM 749 O  O   . HOH E 4 .  ? -6.960  3.772   0.628   1.00 24.28  ? 2056 HOH A O   1 
HETATM 750 O  O   . HOH E 4 .  ? 3.771   9.063   4.472   1.00 12.48  ? 2057 HOH A O   1 
HETATM 751 O  O   . HOH E 4 .  ? 7.771   5.176   -3.923  1.00 26.26  ? 2058 HOH A O   1 
HETATM 752 O  O   . HOH E 4 .  ? 9.579   -1.172  5.345   1.00 17.65  ? 2059 HOH A O   1 
HETATM 753 O  O   . HOH E 4 .  ? 6.631   -6.916  -1.787  1.00 30.24  ? 2060 HOH A O   1 
HETATM 754 O  O   . HOH E 4 .  ? 8.627   -7.845  0.824   1.00 43.66  ? 2061 HOH A O   1 
HETATM 755 O  O   . HOH E 4 .  ? 10.895  -6.067  -2.615  1.00 31.54  ? 2062 HOH A O   1 
HETATM 756 O  O   . HOH E 4 .  ? 10.673  -7.883  4.782   1.00 35.07  ? 2063 HOH A O   1 
HETATM 757 O  O   . HOH E 4 .  ? -6.974  1.803   3.107   1.00 17.67  ? 2064 HOH A O   1 
HETATM 758 O  O   . HOH E 4 .  ? -9.649  -0.992  5.614   1.00 48.04  ? 2065 HOH A O   1 
HETATM 759 O  O   . HOH E 4 .  ? -8.432  2.226   -1.082  1.00 20.43  ? 2066 HOH A O   1 
HETATM 760 O  O   . HOH E 4 .  ? -14.335 -3.514  6.747   1.00 46.80  ? 2067 HOH A O   1 
HETATM 761 O  O   . HOH E 4 .  ? -14.510 -5.155  -1.040  1.00 38.97  ? 2068 HOH A O   1 
HETATM 762 O  O   . HOH E 4 .  ? -9.550  -5.673  6.226   1.00 48.19  ? 2069 HOH A O   1 
HETATM 763 O  O   . HOH E 4 .  ? -2.497  -5.856  12.174  1.00 38.56  ? 2070 HOH A O   1 
HETATM 764 O  O   . HOH E 4 .  ? -7.120  -2.854  10.494  1.00 46.45  ? 2071 HOH A O   1 
HETATM 765 O  O   . HOH E 4 .  ? -6.675  3.694   9.732   1.00 27.32  ? 2072 HOH A O   1 
HETATM 766 O  O   . HOH E 4 .  ? -7.156  4.503   5.143   1.00 20.09  ? 2073 HOH A O   1 
HETATM 767 O  O   . HOH E 4 .  ? 3.414   10.157  11.676  1.00 33.21  ? 2074 HOH A O   1 
HETATM 768 O  O   . HOH E 4 .  ? 2.859   16.080  6.796   1.00 16.69  ? 2075 HOH A O   1 
HETATM 769 O  O   . HOH E 4 .  ? 13.347  4.842   11.022  1.00 19.79  ? 2076 HOH A O   1 
HETATM 770 O  O   . HOH E 4 .  ? 13.622  13.824  12.601  1.00 32.87  ? 2077 HOH A O   1 
HETATM 771 O  O   . HOH E 4 .  ? 8.728   8.167   18.895  1.00 69.88  ? 2078 HOH A O   1 
HETATM 772 O  O   . HOH E 4 .  ? 2.619   9.264   14.561  1.00 45.40  ? 2079 HOH A O   1 
HETATM 773 O  O   . HOH E 4 .  ? 10.655  5.102   20.071  1.00 46.95  ? 2080 HOH A O   1 
HETATM 774 O  O   . HOH E 4 .  ? 12.264  0.820   8.105   1.00 30.98  ? 2081 HOH A O   1 
HETATM 775 O  O   . HOH E 4 .  ? 14.081  2.384   9.572   1.00 23.22  ? 2082 HOH A O   1 
HETATM 776 O  O   . HOH E 4 .  ? 15.383  1.087   11.558  1.00 40.66  ? 2083 HOH A O   1 
HETATM 777 O  O   . HOH E 4 .  ? 9.556   0.516   7.643   1.00 18.65  ? 2084 HOH A O   1 
HETATM 778 O  O   . HOH E 4 .  ? -6.478  -5.875  11.644  1.00 47.51  ? 2085 HOH A O   1 
HETATM 779 O  O   . HOH E 4 .  ? -8.465  4.513   7.838   1.00 37.02  ? 2086 HOH A O   1 
HETATM 780 O  O   . HOH F 4 .  ? 5.053   -8.513  0.663   1.00 30.60  ? 2001 HOH F O   1 
HETATM 781 O  O   . HOH F 4 .  ? 4.726   -7.066  -8.217  1.00 33.23  ? 2002 HOH F O   1 
HETATM 782 O  O   . HOH F 4 .  ? 5.952   -6.142  -10.297 1.00 32.60  ? 2003 HOH F O   1 
HETATM 783 O  O   . HOH F 4 .  ? 9.159   1.262   -11.055 1.00 46.59  ? 2004 HOH F O   1 
HETATM 784 O  O   . HOH F 4 .  ? 10.228  -2.404  -10.740 1.00 134.57 ? 2005 HOH F O   1 
HETATM 785 O  O   . HOH F 4 .  ? 12.745  -0.990  -10.235 1.00 33.95  ? 2006 HOH F O   1 
HETATM 786 O  O   . HOH F 4 .  ? 12.643  -4.563  -5.576  1.00 39.99  ? 2007 HOH F O   1 
HETATM 787 O  O   . HOH F 4 .  ? 10.356  -9.582  -5.753  1.00 48.97  ? 2008 HOH F O   1 
HETATM 788 O  O   . HOH F 4 .  ? 13.160  1.369   -11.987 1.00 41.87  ? 2009 HOH F O   1 
# 
loop_
_atom_site_anisotrop.id 
_atom_site_anisotrop.type_symbol 
_atom_site_anisotrop.pdbx_label_atom_id 
_atom_site_anisotrop.pdbx_label_alt_id 
_atom_site_anisotrop.pdbx_label_comp_id 
_atom_site_anisotrop.pdbx_label_asym_id 
_atom_site_anisotrop.pdbx_label_seq_id 
_atom_site_anisotrop.pdbx_PDB_ins_code 
_atom_site_anisotrop.U[1][1] 
_atom_site_anisotrop.U[2][2] 
_atom_site_anisotrop.U[3][3] 
_atom_site_anisotrop.U[1][2] 
_atom_site_anisotrop.U[1][3] 
_atom_site_anisotrop.U[2][3] 
_atom_site_anisotrop.pdbx_auth_seq_id 
_atom_site_anisotrop.pdbx_auth_comp_id 
_atom_site_anisotrop.pdbx_auth_asym_id 
_atom_site_anisotrop.pdbx_auth_atom_id 
1   N  N   . GLY A 1  ? 0.2838 0.4235 0.2462 -0.0010 -0.0653 -0.0293 326  GLY A N   
2   C  CA  . GLY A 1  ? 0.2338 0.2893 0.2112 0.0210  -0.0111 -0.0304 326  GLY A CA  
3   C  C   . GLY A 1  ? 0.2209 0.2599 0.1627 0.0195  -0.0273 -0.0410 326  GLY A C   
4   O  O   . GLY A 1  ? 0.2346 0.3214 0.2153 0.0376  -0.0514 0.0092  326  GLY A O   
5   N  N   . VAL A 2  ? 0.2330 0.3322 0.1973 0.1272  -0.0122 -0.0197 327  VAL A N   
6   C  CA  . VAL A 2  ? 0.3759 0.2052 0.2205 0.1022  0.0080  -0.0124 327  VAL A CA  
7   C  C   . VAL A 2  ? 0.2270 0.1877 0.1882 0.0323  -0.0368 -0.0024 327  VAL A C   
8   O  O   . VAL A 2  ? 0.2616 0.1986 0.2963 0.0053  -0.0678 -0.0552 327  VAL A O   
9   C  CB  . VAL A 2  ? 0.5897 0.2413 0.2704 0.2201  -0.0844 -0.0941 327  VAL A CB  
10  C  CG1 . VAL A 2  ? 0.7328 0.3442 0.2346 0.2188  -0.1097 -0.0617 327  VAL A CG1 
11  C  CG2 . VAL A 2  ? 0.6846 0.2873 0.3028 0.2379  -0.1240 0.0104  327  VAL A CG2 
12  N  N   . TYR A 3  ? 0.2698 0.1914 0.1511 0.0389  -0.0398 -0.0265 328  TYR A N   
13  C  CA  . TYR A 3  ? 0.2682 0.1673 0.1846 0.0181  0.0003  -0.0221 328  TYR A CA  
14  C  C   . TYR A 3  ? 0.1725 0.1685 0.1342 -0.0110 -0.0217 -0.0231 328  TYR A C   
15  O  O   . TYR A 3  ? 0.1746 0.1859 0.1760 0.0088  -0.0213 -0.0017 328  TYR A O   
16  C  CB  . TYR A 3  ? 0.4006 0.1721 0.1938 0.0792  -0.0407 -0.0065 328  TYR A CB  
17  C  CG  . TYR A 3  ? 0.5241 0.2005 0.1827 0.0900  -0.0364 0.0052  328  TYR A CG  
18  C  CD1 . TYR A 3  ? 0.7458 0.1681 0.4889 0.0059  0.0080  0.0321  328  TYR A CD1 
19  C  CD2 . TYR A 3  ? 0.5397 0.1778 0.2749 0.1345  -0.1744 -0.0699 328  TYR A CD2 
20  C  CE1 . TYR A 3  ? 1.1171 0.1644 0.9144 0.0382  -0.4855 0.2876  328  TYR A CE1 
21  C  CE2 . TYR A 3  ? 1.0137 0.0768 0.8214 0.1485  -0.3772 -0.0438 328  TYR A CE2 
22  C  CZ  . TYR A 3  ? 1.1803 0.2321 1.2371 0.1537  -0.8768 -0.0715 328  TYR A CZ  
23  O  OH  . TYR A 3  ? 1.3367 0.2141 0.9029 0.2506  -0.4545 0.0186  328  TYR A OH  
24  N  N   . PRO A 4  ? 0.1931 0.1494 0.1050 -0.0321 -0.0103 -0.0139 329  PRO A N   
25  C  CA  . PRO A 4  ? 0.1729 0.1625 0.1248 -0.0077 -0.0379 -0.0140 329  PRO A CA  
26  C  C   . PRO A 4  ? 0.1881 0.1431 0.1136 0.0020  -0.0295 -0.0008 329  PRO A C   
27  O  O   . PRO A 4  ? 0.2372 0.1583 0.1300 -0.0328 -0.0130 -0.0062 329  PRO A O   
28  C  CB  . PRO A 4  ? 0.1881 0.2187 0.1659 -0.0405 -0.0347 -0.0117 329  PRO A CB  
29  C  CG  . PRO A 4  ? 0.1773 0.2140 0.1502 -0.0315 -0.0220 0.0091  329  PRO A CG  
30  C  CD  . PRO A 4  ? 0.2019 0.1924 0.1194 -0.0513 -0.0148 0.0070  329  PRO A CD  
31  N  N   . CYS A 5  ? 0.1544 0.1551 0.1048 -0.0045 -0.0029 -0.0211 330  CYS A N   
32  C  CA  . CYS A 5  ? 0.1395 0.1576 0.1258 -0.0040 -0.0131 -0.0347 330  CYS A CA  
33  C  C   . CYS A 5  ? 0.1435 0.1521 0.1276 0.0184  -0.0105 0.0016  330  CYS A C   
34  O  O   . CYS A 5  ? 0.1655 0.1720 0.1510 0.0074  -0.0158 -0.0132 330  CYS A O   
35  C  CB  . CYS A 5  ? 0.1791 0.1489 0.1187 -0.0189 -0.0061 -0.0149 330  CYS A CB  
36  S  SG  . CYS A 5  ? 0.1640 0.1532 0.1239 0.0019  -0.0103 -0.0247 330  CYS A SG  
37  N  N   . GLY A 6  ? 0.1624 0.1638 0.1233 -0.0140 -0.0110 -0.0207 331  GLY A N   
38  C  CA  . GLY A 6  ? 0.1742 0.1858 0.1657 -0.0189 0.0217  -0.0368 331  GLY A CA  
39  C  C   . GLY A 6  ? 0.1679 0.1907 0.1891 -0.0136 0.0121  -0.0200 331  GLY A C   
40  O  O   . GLY A 6  ? 0.2043 0.2625 0.2584 -0.0051 0.0652  -0.0524 331  GLY A O   
41  N  N   . ALA A 7  ? 0.2078 0.1643 0.1629 -0.0044 0.0074  -0.0537 332  ALA A N   
42  C  CA  . ALA A 7  ? 0.1507 0.1801 0.1847 0.0019  0.0040  -0.0410 332  ALA A CA  
43  C  C   . ALA A 7  ? 0.1555 0.2094 0.2109 -0.0009 0.0072  -0.0066 332  ALA A C   
44  O  O   . ALA A 7  ? 0.1931 0.3089 0.2562 0.0567  0.0268  0.0119  332  ALA A O   
45  C  CB  . ALA A 7  ? 0.1755 0.1948 0.2020 -0.0043 0.0145  -0.0668 332  ALA A CB  
46  N  N   . CYS A 8  ? 0.1715 0.2176 0.1580 0.0009  0.0002  -0.0380 333  CYS A N   
47  C  CA  . CYS A 8  ? 0.1598 0.1697 0.1765 0.0169  -0.0223 -0.0315 333  CYS A CA  
48  C  C   . CYS A 8  ? 0.1423 0.1808 0.1685 0.0102  -0.0233 -0.0163 333  CYS A C   
49  O  O   . CYS A 8  ? 0.1785 0.2164 0.2040 0.0443  -0.0384 -0.0244 333  CYS A O   
50  C  CB  . CYS A 8  ? 0.1622 0.2262 0.1936 0.0348  -0.0233 -0.0091 333  CYS A CB  
51  S  SG  . CYS A 8  ? 0.1649 0.1675 0.1569 0.0068  -0.0281 -0.0149 333  CYS A SG  
52  N  N   . ARG A 9  ? 0.1622 0.1718 0.1488 0.0004  -0.0110 -0.0515 334  ARG A N   
53  C  CA  . ARG A 9  ? 0.1767 0.1944 0.1401 0.0001  -0.0042 -0.0581 334  ARG A CA  
54  C  C   . ARG A 9  ? 0.1800 0.1860 0.1099 0.0038  -0.0268 -0.0415 334  ARG A C   
55  O  O   . ARG A 9  ? 0.2551 0.2210 0.1227 -0.0484 0.0071  -0.0706 334  ARG A O   
56  C  CB  . ARG A 9  ? 0.1585 0.2383 0.1644 -0.0263 -0.0131 -0.0404 334  ARG A CB  
57  C  CG  . ARG A 9  ? 0.1998 0.3348 0.2491 -0.0468 0.0424  -0.0029 334  ARG A CG  
58  C  CD  . ARG A 9  ? 0.2803 0.4993 0.2668 -0.0392 0.0193  0.0307  334  ARG A CD  
59  N  NE  . ARG A 9  ? 0.4406 0.6250 0.2407 -0.2767 0.0418  -0.0419 334  ARG A NE  
60  C  CZ  . ARG A 9  ? 0.2167 0.5156 0.4508 -0.0929 0.0795  0.0144  334  ARG A CZ  
61  N  NH1 . ARG A 9  ? 0.2844 0.6248 0.8878 -0.0765 0.1304  0.1513  334  ARG A NH1 
62  N  NH2 . ARG A 9  ? 0.3375 0.6358 0.4542 -0.1787 0.1665  -0.0469 334  ARG A NH2 
63  N  N   . SER A 10 ? 0.1543 0.1706 0.1379 0.0228  -0.0131 -0.0215 335  SER A N   
64  C  CA  . SER A 10 ? 0.1657 0.1671 0.1620 0.0217  -0.0008 -0.0347 335  SER A CA  
65  C  C   . SER A 10 ? 0.1624 0.1583 0.1044 0.0125  -0.0189 0.0039  335  SER A C   
66  O  O   . SER A 10 ? 0.1601 0.1674 0.1078 0.0180  -0.0164 -0.0133 335  SER A O   
67  C  CB  . SER A 10 ? 0.2508 0.1428 0.2800 0.0159  -0.0477 -0.0121 335  SER A CB  
68  O  OG  . SER A 10 ? 0.3267 0.2395 0.3503 0.0486  -0.0149 -0.0081 335  SER A OG  
69  N  N   . GLU A 11 ? 0.1478 0.1765 0.1119 -0.0037 -0.0049 0.0024  336  GLU A N   
70  C  CA  . GLU A 11 ? 0.1456 0.1775 0.1055 -0.0005 -0.0231 -0.0252 336  GLU A CA  
71  C  C   . GLU A 11 ? 0.1309 0.1444 0.1349 -0.0208 0.0037  -0.0190 336  GLU A C   
72  O  O   . GLU A 11 ? 0.1625 0.1504 0.1358 -0.0177 -0.0218 -0.0027 336  GLU A O   
73  C  CB  . GLU A 11 ? 0.2765 0.2826 0.0839 -0.0191 -0.0140 -0.0200 336  GLU A CB  
74  C  CG  . GLU A 11 ? 0.3406 0.2630 0.1885 -0.0236 -0.0208 -0.0313 336  GLU A CG  
75  C  CD  . GLU A 11 ? 0.2346 0.3257 0.1734 -0.0280 -0.0392 -0.0431 336  GLU A CD  
76  O  OE1 . GLU A 11 ? 0.2302 0.3329 0.1768 -0.0149 0.0044  0.0067  336  GLU A OE1 
77  O  OE2 . GLU A 11 ? 0.2995 0.3505 0.2426 -0.0033 0.0262  0.0060  336  GLU A OE2 
78  N  N   . VAL A 12 ? 0.1428 0.1649 0.1279 0.0050  -0.0122 -0.0236 337  VAL A N   
79  C  CA  . VAL A 12 ? 0.1314 0.2095 0.1369 0.0059  -0.0011 -0.0349 337  VAL A CA  
80  C  C   . VAL A 12 ? 0.1428 0.1960 0.1518 0.0033  -0.0005 -0.0386 337  VAL A C   
81  O  O   . VAL A 12 ? 0.2059 0.1966 0.2092 -0.0030 0.0177  -0.0471 337  VAL A O   
82  C  CB  . VAL A 12 ? 0.1497 0.1783 0.1506 0.0309  -0.0064 -0.0212 337  VAL A CB  
83  C  CG1 . VAL A 12 ? 0.1658 0.2552 0.1654 0.0302  -0.0450 -0.0414 337  VAL A CG1 
84  C  CG2 . VAL A 12 ? 0.1608 0.1894 0.1284 0.0343  0.0016  -0.0088 337  VAL A CG2 
85  N  N   . ASN A 13 ? 0.1486 0.1911 0.1585 0.0100  -0.0018 -0.0419 338  ASN A N   
86  C  CA  . ASN A 13 ? 0.1643 0.2295 0.1625 0.0002  0.0283  -0.0352 338  ASN A CA  
87  C  C   . ASN A 13 ? 0.1675 0.2387 0.2178 0.0087  -0.0046 -0.0713 338  ASN A C   
88  O  O   . ASN A 13 ? 0.1578 0.2613 0.1762 -0.0006 -0.0078 -0.0448 338  ASN A O   
89  C  CB  . ASN A 13 ? 0.2480 0.2344 0.1780 -0.0338 0.0495  -0.0487 338  ASN A CB  
90  C  CG  . ASN A 13 ? 0.3141 0.3009 0.2922 -0.0635 0.0177  -0.0510 338  ASN A CG  
91  O  OD1 . ASN A 13 ? 0.4053 0.3698 0.2496 -0.1017 -0.0602 -0.0093 338  ASN A OD1 
92  N  ND2 . ASN A 13 ? 0.3936 0.3622 0.3637 -0.0093 -0.0111 0.0346  338  ASN A ND2 
93  N  N   . ASP A 14 ? 0.1827 0.2160 0.2049 0.0240  -0.0123 -0.0453 339  ASP A N   
94  C  CA  . ASP A 14 ? 0.1586 0.2236 0.2345 0.0196  -0.0050 0.0280  339  ASP A CA  
95  C  C   . ASP A 14 ? 0.1539 0.2683 0.2164 -0.0072 0.0228  -0.0406 339  ASP A C   
96  O  O   . ASP A 14 ? 0.2324 0.2697 0.2558 0.0335  -0.0421 -0.0630 339  ASP A O   
97  C  CB  . ASP A 14 ? 0.1728 0.2313 0.2808 0.0213  0.0271  -0.0313 339  ASP A CB  
98  C  CG  . ASP A 14 ? 0.1797 0.2987 0.3814 -0.0106 0.0183  -0.0622 339  ASP A CG  
99  O  OD1 . ASP A 14 ? 0.2665 0.3591 0.2369 -0.0044 -0.0077 -0.0078 339  ASP A OD1 
100 O  OD2 . ASP A 14 ? 0.3445 0.3499 0.6779 0.0521  0.0396  -0.1943 339  ASP A OD2 
101 N  N   . ASP A 15 ? 0.1899 0.2579 0.2150 -0.0262 0.0513  -0.0588 340  ASP A N   
102 C  CA  . ASP A 15 ? 0.2194 0.2681 0.2073 -0.0651 0.0797  -0.0446 340  ASP A CA  
103 C  C   . ASP A 15 ? 0.2031 0.2938 0.2126 -0.0512 0.0301  -0.0853 340  ASP A C   
104 O  O   . ASP A 15 ? 0.2598 0.3356 0.3210 -0.0852 0.1117  -0.0813 340  ASP A O   
105 C  CB  . ASP A 15 ? 0.3431 0.3541 0.2312 -0.1399 0.0842  -0.0185 340  ASP A CB  
106 C  CG  . ASP A 15 ? 0.4856 0.6392 0.2295 -0.0135 0.0973  0.0110  340  ASP A CG  
107 O  OD1 . ASP A 15 ? 0.4494 0.4974 0.3356 -0.0064 0.0184  -0.0713 340  ASP A OD1 
108 O  OD2 . ASP A 15 ? 0.5815 0.7875 0.2707 -0.1908 0.1191  0.0522  340  ASP A OD2 
109 N  N   . GLN A 16 ? 0.1963 0.2392 0.1516 -0.0346 0.0423  -0.0463 341  GLN A N   
110 C  CA  . GLN A 16 ? 0.1893 0.2200 0.1316 -0.0102 0.0156  -0.0224 341  GLN A CA  
111 C  C   . GLN A 16 ? 0.1977 0.1648 0.1413 0.0228  0.0310  -0.0280 341  GLN A C   
112 O  O   . GLN A 16 ? 0.2817 0.1707 0.1673 -0.0104 0.0254  -0.0309 341  GLN A O   
113 C  CB  . GLN A 16 ? 0.1905 0.2062 0.1454 0.0007  0.0079  0.0158  341  GLN A CB  
114 C  CG  . GLN A 16 ? 0.2336 0.2520 0.1510 -0.0418 -0.0095 0.0275  341  GLN A CG  
115 C  CD  . GLN A 16 ? 0.2771 0.1860 0.1829 0.0044  0.0424  0.0192  341  GLN A CD  
116 O  OE1 . GLN A 16 ? 0.2137 0.1874 0.1700 -0.0012 0.0114  -0.0313 341  GLN A OE1 
117 N  NE2 . GLN A 16 ? 0.3310 0.3470 0.5257 0.0142  0.0585  0.2638  341  GLN A NE2 
118 N  N   . ASP A 17 ? 0.1653 0.1729 0.1232 0.0003  0.0095  -0.0248 342  ASP A N   
119 C  CA  . ASP A 17 ? 0.1689 0.1587 0.1194 -0.0052 0.0231  -0.0061 342  ASP A CA  
120 C  C   . ASP A 17 ? 0.1447 0.1280 0.1182 0.0033  0.0206  -0.0132 342  ASP A C   
121 O  O   . ASP A 17 ? 0.1857 0.1333 0.1192 0.0234  -0.0005 -0.0134 342  ASP A O   
122 C  CB  . ASP A 17 ? 0.1826 0.1580 0.1125 -0.0117 0.0230  -0.0223 342  ASP A CB  
123 C  CG  . ASP A 17 ? 0.1928 0.1901 0.1759 -0.0188 0.0281  -0.0331 342  ASP A CG  
124 O  OD1 . ASP A 17 ? 0.1779 0.2528 0.2160 -0.0192 0.0459  -0.0505 342  ASP A OD1 
125 O  OD2 . ASP A 17 ? 0.1854 0.2010 0.2224 -0.0218 0.0432  -0.0350 342  ASP A OD2 
126 N  N   . ALA A 18 ? 0.1471 0.1343 0.1049 0.0002  0.0053  -0.0117 343  ALA A N   
127 C  CA  . ALA A 18 ? 0.1451 0.1157 0.0917 -0.0026 -0.0046 -0.0091 343  ALA A CA  
128 C  C   . ALA A 18 ? 0.1597 0.1123 0.0765 -0.0092 -0.0016 -0.0179 343  ALA A C   
129 O  O   . ALA A 18 ? 0.1434 0.1397 0.1144 0.0127  0.0053  -0.0121 343  ALA A O   
130 C  CB  . ALA A 18 ? 0.1902 0.1456 0.1130 -0.0036 -0.0201 -0.0342 343  ALA A CB  
131 N  N   . ILE A 19 ? 0.1448 0.1180 0.0989 -0.0108 -0.0038 -0.0067 344  ILE A N   
132 C  CA  . ILE A 19 ? 0.1617 0.1343 0.0751 -0.0039 0.0005  -0.0129 344  ILE A CA  
133 C  C   . ILE A 19 ? 0.1546 0.1111 0.1088 0.0105  -0.0062 -0.0217 344  ILE A C   
134 O  O   . ILE A 19 ? 0.1505 0.1195 0.1339 -0.0087 -0.0154 -0.0025 344  ILE A O   
135 C  CB  . ILE A 19 ? 0.1504 0.1307 0.1024 -0.0128 0.0041  -0.0274 344  ILE A CB  
136 C  CG1 . ILE A 19 ? 0.1714 0.1380 0.1072 -0.0044 -0.0263 -0.0024 344  ILE A CG1 
137 C  CG2 . ILE A 19 ? 0.1659 0.1741 0.1409 0.0054  0.0054  -0.0455 344  ILE A CG2 
138 C  CD1 . ILE A 19 ? 0.1796 0.1819 0.1563 0.0025  -0.0137 -0.0416 344  ILE A CD1 
139 N  N   . LEU A 20 ? 0.1578 0.1095 0.1286 0.0007  -0.0174 -0.0148 345  LEU A N   
140 C  CA  . LEU A 20 ? 0.1781 0.1115 0.1290 -0.0171 0.0106  0.0000  345  LEU A CA  
141 C  C   . LEU A 20 ? 0.1576 0.1663 0.1286 -0.0050 -0.0049 0.0121  345  LEU A C   
142 O  O   . LEU A 20 ? 0.1791 0.1522 0.1320 -0.0012 -0.0047 0.0045  345  LEU A O   
143 C  CB  . LEU A 20 ? 0.2232 0.1028 0.1945 0.0064  -0.0191 -0.0138 345  LEU A CB  
144 C  CG  . LEU A 20 ? 0.2096 0.1280 0.2084 0.0038  0.0154  -0.0093 345  LEU A CG  
145 C  CD1 . LEU A 20 ? 0.2258 0.1730 0.2013 0.0130  -0.0209 -0.0699 345  LEU A CD1 
146 C  CD2 . LEU A 20 ? 0.2464 0.1190 0.2492 0.0229  0.0276  -0.0186 345  LEU A CD2 
147 N  N   . CYS A 21 ? 0.1734 0.1348 0.1302 0.0015  0.0000  -0.0058 346  CYS A N   
148 C  CA  . CYS A 21 ? 0.1618 0.1502 0.1571 -0.0116 0.0199  -0.0032 346  CYS A CA  
149 C  C   . CYS A 21 ? 0.1921 0.1616 0.1817 -0.0182 -0.0005 -0.0005 346  CYS A C   
150 O  O   . CYS A 21 ? 0.2468 0.1533 0.2635 -0.0112 -0.0451 -0.0136 346  CYS A O   
151 C  CB  . CYS A 21 ? 0.1510 0.2077 0.1306 -0.0066 0.0107  -0.0039 346  CYS A CB  
152 S  SG  . CYS A 21 ? 0.2098 0.2095 0.1594 -0.0361 0.0141  -0.0070 346  CYS A SG  
153 N  N   . GLU A 22 ? 0.2278 0.1577 0.1886 -0.0291 -0.0157 0.0267  347  GLU A N   
154 C  CA  . GLU A 22 ? 0.2439 0.1767 0.2261 -0.0228 -0.0038 0.0669  347  GLU A CA  
155 C  C   . GLU A 22 ? 0.2284 0.1963 0.2565 -0.0250 0.0239  0.0280  347  GLU A C   
156 O  O   . GLU A 22 ? 0.3167 0.2060 0.2750 -0.0473 0.0186  0.0710  347  GLU A O   
157 C  CB  . GLU A 22 ? 0.2597 0.1578 0.2212 -0.0076 -0.0061 0.0166  347  GLU A CB  
158 C  CG  . GLU A 22 ? 0.2692 0.1747 0.2459 -0.0080 0.0179  0.0063  347  GLU A CG  
159 C  CD  . GLU A 22 ? 0.3124 0.1719 0.2269 0.0264  0.0419  -0.0014 347  GLU A CD  
160 O  OE1 . GLU A 22 ? 0.2887 0.1774 0.2216 0.0014  0.0154  0.0023  347  GLU A OE1 
161 O  OE2 . GLU A 22 ? 0.3725 0.2091 0.4096 0.0939  0.0132  -0.0261 347  GLU A OE2 
162 N  N   . ALA A 23 ? 0.2693 0.2496 0.1866 -0.0044 0.0268  0.0203  348  ALA A N   
163 C  CA  . ALA A 23 ? 0.3454 0.2033 0.2332 -0.0918 0.0095  0.0371  348  ALA A CA  
164 C  C   . ALA A 23 ? 0.3044 0.2820 0.1775 -0.0943 0.0193  0.0407  348  ALA A C   
165 O  O   . ALA A 23 ? 0.2843 0.3669 0.2312 -0.1070 0.0323  0.0754  348  ALA A O   
166 C  CB  . ALA A 23 ? 0.3248 0.2919 0.2485 -0.0818 0.0788  -0.0273 348  ALA A CB  
167 N  N   . SER A 24 ? 0.2669 0.3019 0.2263 -0.0965 0.0102  0.0520  349  SER A N   
168 C  CA  . SER A 24 ? 0.2088 0.3533 0.2492 -0.0565 0.0328  0.0752  349  SER A CA  
169 C  C   . SER A 24 ? 0.2635 0.2189 0.2584 -0.0850 0.0302  0.0533  349  SER A C   
170 O  O   . SER A 24 ? 0.3708 0.2271 0.3172 -0.1020 -0.0172 0.0210  349  SER A O   
171 C  CB  . SER A 24 ? 0.2797 0.4124 0.2403 -0.0362 -0.0194 0.0168  349  SER A CB  
172 O  OG  . SER A 24 ? 0.3015 0.5444 0.3430 -0.0936 -0.0034 0.0479  349  SER A OG  
173 N  N   . CYS A 25 ? 0.2259 0.2278 0.1926 -0.0861 0.0032  0.0414  350  CYS A N   
174 C  CA  . CYS A 25 ? 0.1861 0.2628 0.2423 -0.0650 -0.0264 -0.0009 350  CYS A CA  
175 C  C   . CYS A 25 ? 0.2290 0.1925 0.2090 -0.0443 -0.0170 0.0218  350  CYS A C   
176 O  O   . CYS A 25 ? 0.2640 0.2148 0.2350 -0.0664 -0.0197 0.0074  350  CYS A O   
177 C  CB  . CYS A 25 ? 0.2061 0.2015 0.2542 -0.0721 -0.0036 -0.0139 350  CYS A CB  
178 S  SG  . CYS A 25 ? 0.2208 0.2089 0.2163 -0.0471 0.0053  -0.0034 350  CYS A SG  
179 N  N   . GLN A 26 ? 0.2217 0.1589 0.2327 -0.0394 0.0221  0.0105  351  GLN A N   
180 C  CA  . GLN A 26 ? 0.2293 0.1349 0.2267 -0.0189 0.0008  -0.0070 351  GLN A CA  
181 C  C   . GLN A 26 ? 0.2742 0.1614 0.2215 -0.0014 -0.0150 0.0139  351  GLN A C   
182 O  O   . GLN A 26 ? 0.3123 0.2016 0.2353 -0.0185 -0.0001 -0.0067 351  GLN A O   
183 C  CB  . GLN A 26 ? 0.2958 0.1325 0.2990 -0.0490 -0.0046 -0.0147 351  GLN A CB  
184 C  CG  . GLN A 26 ? 0.4806 0.1909 0.3442 -0.0508 -0.0192 0.0157  351  GLN A CG  
185 C  CD  . GLN A 26 ? 0.5098 0.1805 0.3571 0.0450  -0.0190 0.0222  351  GLN A CD  
186 O  OE1 . GLN A 26 ? 0.3556 0.4408 0.6342 0.0640  -0.0584 0.0030  351  GLN A OE1 
187 N  NE2 . GLN A 26 ? 0.6467 0.3876 0.3250 -0.1914 -0.1249 0.0995  351  GLN A NE2 
188 N  N   . LYS A 27 ? 0.2156 0.1428 0.1620 -0.0341 -0.0026 -0.0060 352  LYS A N   
189 C  CA  . LYS A 27 ? 0.2147 0.1527 0.1720 -0.0379 -0.0192 0.0114  352  LYS A CA  
190 C  C   . LYS A 27 ? 0.1945 0.1624 0.1220 -0.0148 -0.0101 -0.0041 352  LYS A C   
191 O  O   . LYS A 27 ? 0.1891 0.1657 0.1354 -0.0292 -0.0203 -0.0028 352  LYS A O   
192 C  CB  . LYS A 27 ? 0.1927 0.2024 0.1967 -0.0419 -0.0234 -0.0163 352  LYS A CB  
193 C  CG  . LYS A 27 ? 0.2068 0.2403 0.2325 -0.0436 0.0013  0.0197  352  LYS A CG  
194 C  CD  . LYS A 27 ? 0.1941 0.4421 0.3132 0.0521  0.0140  0.0626  352  LYS A CD  
195 C  CE  . LYS A 27 ? 0.2255 0.6646 0.5355 -0.0493 -0.0850 0.0925  352  LYS A CE  
196 N  NZ  . LYS A 27 ? 0.3599 0.7548 0.4689 -0.0338 -0.0707 -0.0588 352  LYS A NZ  
197 N  N   . TRP A 28 ? 0.1672 0.1330 0.1189 -0.0272 -0.0034 -0.0109 353  TRP A N   
198 C  CA  . TRP A 28 ? 0.1665 0.1260 0.1281 -0.0170 0.0104  -0.0130 353  TRP A CA  
199 C  C   . TRP A 28 ? 0.1486 0.1379 0.1107 -0.0220 -0.0261 -0.0138 353  TRP A C   
200 O  O   . TRP A 28 ? 0.1694 0.1437 0.1116 -0.0260 -0.0345 -0.0114 353  TRP A O   
201 C  CB  . TRP A 28 ? 0.2085 0.1486 0.1275 0.0057  0.0113  -0.0176 353  TRP A CB  
202 C  CG  . TRP A 28 ? 0.2358 0.1372 0.0973 0.0048  -0.0139 -0.0091 353  TRP A CG  
203 C  CD1 . TRP A 28 ? 0.2491 0.1487 0.1681 -0.0153 -0.0205 -0.0446 353  TRP A CD1 
204 C  CD2 . TRP A 28 ? 0.2192 0.1406 0.0999 0.0255  -0.0155 -0.0430 353  TRP A CD2 
205 N  NE1 . TRP A 28 ? 0.2541 0.1682 0.1901 0.0045  -0.0247 -0.0569 353  TRP A NE1 
206 C  CE2 . TRP A 28 ? 0.2105 0.1655 0.1445 0.0320  -0.0112 -0.0578 353  TRP A CE2 
207 C  CE3 . TRP A 28 ? 0.2094 0.1791 0.0842 0.0073  -0.0094 -0.0316 353  TRP A CE3 
208 C  CZ2 . TRP A 28 ? 0.2256 0.1679 0.1718 0.0421  -0.0033 -0.0356 353  TRP A CZ2 
209 C  CZ3 . TRP A 28 ? 0.2107 0.1770 0.1276 0.0064  0.0175  -0.0246 353  TRP A CZ3 
210 C  CH2 . TRP A 28 ? 0.2327 0.1680 0.1594 0.0116  -0.0082 -0.0224 353  TRP A CH2 
211 N  N   . PHE A 29 ? 0.1552 0.1072 0.1201 -0.0070 -0.0171 -0.0278 354  PHE A N   
212 C  CA  . PHE A 29 ? 0.1536 0.1142 0.1101 -0.0134 -0.0211 -0.0374 354  PHE A CA  
213 C  C   . PHE A 29 ? 0.1394 0.1166 0.1254 -0.0169 -0.0286 -0.0206 354  PHE A C   
214 O  O   . PHE A 29 ? 0.1425 0.1180 0.1483 0.0032  -0.0233 -0.0171 354  PHE A O   
215 C  CB  . PHE A 29 ? 0.1649 0.1407 0.1244 -0.0180 0.0110  -0.0244 354  PHE A CB  
216 C  CG  . PHE A 29 ? 0.1822 0.1678 0.1119 -0.0149 -0.0152 -0.0189 354  PHE A CG  
217 C  CD1 . PHE A 29 ? 0.1887 0.2041 0.1218 -0.0660 -0.0198 -0.0235 354  PHE A CD1 
218 C  CD2 . PHE A 29 ? 0.1864 0.2249 0.1289 -0.0120 0.0210  -0.0412 354  PHE A CD2 
219 C  CE1 . PHE A 29 ? 0.2200 0.2085 0.1073 -0.0607 0.0088  -0.0239 354  PHE A CE1 
220 C  CE2 . PHE A 29 ? 0.2163 0.2803 0.1343 -0.0214 0.0260  0.0095  354  PHE A CE2 
221 C  CZ  . PHE A 29 ? 0.2264 0.2885 0.1323 -0.0250 -0.0025 -0.0038 354  PHE A CZ  
222 N  N   . HIS A 30 ? 0.1349 0.1289 0.1085 -0.0013 -0.0111 -0.0159 355  HIS A N   
223 C  CA  . HIS A 30 ? 0.1509 0.1202 0.1127 -0.0214 -0.0086 -0.0064 355  HIS A CA  
224 C  C   . HIS A 30 ? 0.1174 0.1020 0.1293 0.0051  0.0021  -0.0209 355  HIS A C   
225 O  O   . HIS A 30 ? 0.1354 0.1240 0.1423 0.0082  -0.0055 -0.0245 355  HIS A O   
226 C  CB  . HIS A 30 ? 0.1463 0.1422 0.1119 0.0152  -0.0216 -0.0044 355  HIS A CB  
227 C  CG  . HIS A 30 ? 0.1269 0.1402 0.1318 -0.0139 -0.0058 0.0013  355  HIS A CG  
228 N  ND1 . HIS A 30 ? 0.1520 0.1407 0.1263 -0.0021 -0.0193 -0.0187 355  HIS A ND1 
229 C  CD2 . HIS A 30 ? 0.1739 0.1770 0.1428 0.0114  -0.0136 -0.0214 355  HIS A CD2 
230 C  CE1 . HIS A 30 ? 0.1949 0.1360 0.1106 0.0039  -0.0023 -0.0252 355  HIS A CE1 
231 N  NE2 . HIS A 30 ? 0.1967 0.1605 0.1259 0.0092  -0.0138 -0.0169 355  HIS A NE2 
232 N  N   . ARG A 31 ? 0.1161 0.1315 0.1281 0.0043  -0.0205 -0.0321 356  ARG A N   
233 C  CA  . ARG A 31 ? 0.1248 0.1149 0.1298 0.0020  0.0029  -0.0222 356  ARG A CA  
234 C  C   . ARG A 31 ? 0.1574 0.1059 0.1385 -0.0033 0.0039  -0.0158 356  ARG A C   
235 O  O   . ARG A 31 ? 0.1498 0.1453 0.1488 -0.0035 -0.0050 -0.0477 356  ARG A O   
236 C  CB  . ARG A 31 ? 0.1202 0.1490 0.1332 -0.0145 -0.0016 -0.0438 356  ARG A CB  
237 C  CG  . ARG A 31 ? 0.1331 0.1243 0.1343 -0.0153 -0.0136 -0.0376 356  ARG A CG  
238 C  CD  . ARG A 31 ? 0.1306 0.1512 0.1057 -0.0143 -0.0170 -0.0187 356  ARG A CD  
239 N  NE  . ARG A 31 ? 0.1557 0.1415 0.1261 -0.0136 -0.0003 -0.0103 356  ARG A NE  
240 C  CZ  . ARG A 31 ? 0.1485 0.1301 0.1363 -0.0285 0.0156  -0.0070 356  ARG A CZ  
241 N  NH1 . ARG A 31 ? 0.1821 0.1597 0.1507 0.0147  0.0210  -0.0379 356  ARG A NH1 
242 N  NH2 . ARG A 31 ? 0.2212 0.1682 0.1615 -0.0399 0.0333  0.0205  356  ARG A NH2 
243 N  N   . GLU A 32 ? 0.1411 0.1106 0.1682 -0.0091 0.0016  0.0024  357  GLU A N   
244 C  CA  . GLU A 32 ? 0.1576 0.1128 0.2330 -0.0004 0.0267  0.0091  357  GLU A CA  
245 C  C   . GLU A 32 ? 0.1789 0.1239 0.2493 0.0189  0.0347  -0.0362 357  GLU A C   
246 O  O   . GLU A 32 ? 0.2386 0.1549 0.6033 0.0124  0.0473  -0.1162 357  GLU A O   
247 C  CB  . GLU A 32 ? 0.1863 0.1863 0.2917 -0.0124 0.0093  0.0754  357  GLU A CB  
248 C  CG  . GLU A 32 ? 0.2027 0.2662 0.4016 -0.0422 0.0338  0.0857  357  GLU A CG  
249 C  CD  . GLU A 32 ? 0.5608 0.4257 0.3662 0.1436  0.1246  0.2096  357  GLU A CD  
250 O  OE1 . GLU A 32 ? 0.6587 0.4752 0.6927 0.1239  0.2800  0.2681  357  GLU A OE1 
251 O  OE2 . GLU A 32 ? 0.4444 0.6675 0.4143 0.0997  0.1183  0.0641  357  GLU A OE2 
252 N  N   . CYS A 33 ? 0.1499 0.1357 0.1417 0.0151  -0.0161 -0.0172 358  CYS A N   
253 C  CA  . CYS A 33 ? 0.1432 0.1545 0.1437 0.0226  0.0002  -0.0277 358  CYS A CA  
254 C  C   . CYS A 33 ? 0.1596 0.1768 0.1446 -0.0006 0.0039  -0.0220 358  CYS A C   
255 O  O   . CYS A 33 ? 0.1760 0.3337 0.1771 0.0253  0.0053  -0.0163 358  CYS A O   
256 C  CB  . CYS A 33 ? 0.2069 0.1397 0.1260 0.0109  -0.0269 -0.0232 358  CYS A CB  
257 S  SG  . CYS A 33 ? 0.1935 0.1496 0.1668 0.0227  -0.0300 -0.0257 358  CYS A SG  
258 N  N   . THR A 34 ? 0.1525 0.1854 0.1194 -0.0065 -0.0090 -0.0542 359  THR A N   
259 C  CA  . THR A 34 ? 0.1630 0.1528 0.1263 -0.0043 -0.0073 -0.0242 359  THR A CA  
260 C  C   . THR A 34 ? 0.1482 0.1527 0.1404 -0.0082 -0.0026 -0.0229 359  THR A C   
261 O  O   . THR A 34 ? 0.1591 0.2075 0.1291 -0.0055 -0.0037 -0.0395 359  THR A O   
262 C  CB  . THR A 34 ? 0.1356 0.1353 0.1530 -0.0120 -0.0039 -0.0326 359  THR A CB  
263 O  OG1 . THR A 34 ? 0.1519 0.1409 0.1545 0.0013  -0.0123 -0.0288 359  THR A OG1 
264 C  CG2 . THR A 34 ? 0.2508 0.1691 0.1529 -0.0243 -0.0199 -0.0493 359  THR A CG2 
265 N  N   . GLY A 35 ? 0.1172 0.1373 0.1542 0.0025  -0.0179 -0.0381 360  GLY A N   
266 C  CA  . GLY A 35 ? 0.1353 0.1511 0.1548 0.0121  -0.0320 -0.0349 360  GLY A CA  
267 C  C   . GLY A 35 ? 0.1340 0.0959 0.1359 -0.0036 -0.0172 -0.0170 360  GLY A C   
268 O  O   . GLY A 35 ? 0.1591 0.1116 0.1219 -0.0030 -0.0056 -0.0278 360  GLY A O   
269 N  N   . MET A 36 ? 0.1331 0.1182 0.1410 0.0086  -0.0030 -0.0228 361  MET A N   
270 C  CA  . MET A 36 ? 0.1134 0.1158 0.1086 -0.0087 0.0137  -0.0313 361  MET A CA  
271 C  C   . MET A 36 ? 0.1065 0.1205 0.1146 0.0064  0.0089  -0.0113 361  MET A C   
272 O  O   . MET A 36 ? 0.1460 0.1363 0.1033 -0.0088 0.0025  -0.0117 361  MET A O   
273 C  CB  . MET A 36 ? 0.1465 0.1025 0.1341 -0.0009 -0.0038 -0.0367 361  MET A CB  
274 C  CG  . MET A 36 ? 0.1343 0.1248 0.1445 0.0105  0.0233  -0.0228 361  MET A CG  
275 S  SD  . MET A 36 ? 0.1444 0.1236 0.1737 0.0063  0.0237  -0.0239 361  MET A SD  
276 C  CE  . MET A 36 ? 0.1593 0.1508 0.2289 -0.0125 0.0333  -0.0036 361  MET A CE  
277 N  N   . THR A 37 ? 0.1043 0.1093 0.1218 -0.0010 0.0076  -0.0254 362  THR A N   
278 C  CA  . THR A 37 ? 0.1124 0.1253 0.1336 -0.0104 0.0097  -0.0354 362  THR A CA  
279 C  C   . THR A 37 ? 0.1089 0.1209 0.1112 -0.0152 0.0040  -0.0147 362  THR A C   
280 O  O   . THR A 37 ? 0.1389 0.1215 0.1057 -0.0043 0.0111  -0.0309 362  THR A O   
281 C  CB  . THR A 37 ? 0.1362 0.0994 0.1120 -0.0121 0.0038  -0.0167 362  THR A CB  
282 O  OG1 . THR A 37 ? 0.1496 0.1285 0.1312 0.0000  0.0033  -0.0252 362  THR A OG1 
283 C  CG2 . THR A 37 ? 0.1435 0.1146 0.1408 -0.0028 -0.0084 -0.0380 362  THR A CG2 
284 N  N   . GLU A 38 ? 0.1092 0.1583 0.1362 -0.0097 0.0178  -0.0141 363  GLU A N   
285 C  CA  . GLU A 38 ? 0.1368 0.1657 0.1496 -0.0034 0.0251  -0.0165 363  GLU A CA  
286 C  C   . GLU A 38 ? 0.1418 0.1503 0.1473 0.0032  0.0310  -0.0068 363  GLU A C   
287 O  O   . GLU A 38 ? 0.1352 0.1765 0.1550 0.0101  0.0070  -0.0200 363  GLU A O   
288 C  CB  . GLU A 38 ? 0.1602 0.2040 0.1780 -0.0025 0.0342  0.0327  363  GLU A CB  
289 C  CG  . GLU A 38 ? 0.2375 0.3181 0.2479 0.0116  0.0166  0.0834  363  GLU A CG  
290 C  CD  . GLU A 38 ? 0.3135 0.3671 0.4125 0.0292  0.1444  0.0912  363  GLU A CD  
291 O  OE1 . GLU A 38 ? 0.3720 0.7357 0.5575 0.0979  0.2359  0.0698  363  GLU A OE1 
292 O  OE2 . GLU A 38 ? 0.4406 0.4120 0.3617 0.0313  0.0972  0.1411  363  GLU A OE2 
293 N  N   . SER A 39 ? 0.1231 0.1813 0.1587 -0.0289 0.0055  -0.0109 364  SER A N   
294 C  CA  . SER A 39 ? 0.1497 0.1768 0.1595 -0.0124 -0.0123 -0.0165 364  SER A CA  
295 C  C   . SER A 39 ? 0.1417 0.1788 0.1135 0.0040  -0.0070 -0.0171 364  SER A C   
296 O  O   . SER A 39 ? 0.1425 0.1804 0.1439 0.0208  -0.0167 -0.0228 364  SER A O   
297 C  CB  . SER A 39 ? 0.1959 0.2212 0.1786 -0.0521 -0.0211 -0.0028 364  SER A CB  
298 O  OG  . SER A 39 ? 0.2418 0.1929 0.2312 -0.0422 -0.0130 -0.0256 364  SER A OG  
299 N  N   . ALA A 40 ? 0.1198 0.1423 0.1199 -0.0109 0.0063  -0.0345 365  ALA A N   
300 C  CA  . ALA A 40 ? 0.1334 0.1325 0.1203 -0.0077 0.0077  -0.0422 365  ALA A CA  
301 C  C   . ALA A 40 ? 0.1211 0.1173 0.1187 0.0133  0.0037  -0.0155 365  ALA A C   
302 O  O   . ALA A 40 ? 0.1478 0.1376 0.1223 0.0214  0.0063  -0.0234 365  ALA A O   
303 C  CB  . ALA A 40 ? 0.1315 0.1336 0.1229 0.0181  0.0295  -0.0124 365  ALA A CB  
304 N  N   . TYR A 41 ? 0.1360 0.1318 0.1020 -0.0034 0.0010  -0.0308 366  TYR A N   
305 C  CA  . TYR A 41 ? 0.1358 0.1336 0.0984 0.0296  -0.0106 -0.0274 366  TYR A CA  
306 C  C   . TYR A 41 ? 0.1347 0.1263 0.0909 -0.0050 -0.0015 -0.0093 366  TYR A C   
307 O  O   . TYR A 41 ? 0.1404 0.1386 0.1296 0.0080  0.0096  -0.0199 366  TYR A O   
308 C  CB  . TYR A 41 ? 0.1444 0.1224 0.1104 0.0141  -0.0108 -0.0308 366  TYR A CB  
309 C  CG  . TYR A 41 ? 0.1240 0.1236 0.1070 0.0003  -0.0073 -0.0298 366  TYR A CG  
310 C  CD1 . TYR A 41 ? 0.1345 0.1125 0.1193 -0.0104 0.0012  -0.0282 366  TYR A CD1 
311 C  CD2 . TYR A 41 ? 0.1416 0.1584 0.1402 0.0062  0.0123  -0.0446 366  TYR A CD2 
312 C  CE1 . TYR A 41 ? 0.1687 0.1569 0.0961 -0.0091 0.0170  -0.0206 366  TYR A CE1 
313 C  CE2 . TYR A 41 ? 0.1332 0.1671 0.1231 0.0033  0.0091  -0.0239 366  TYR A CE2 
314 C  CZ  . TYR A 41 ? 0.1526 0.1567 0.0944 -0.0117 0.0026  -0.0272 366  TYR A CZ  
315 O  OH  . TYR A 41 ? 0.1551 0.1580 0.1122 0.0052  0.0113  -0.0400 366  TYR A OH  
316 N  N   . GLY A 42 ? 0.1198 0.1628 0.1180 0.0077  0.0220  -0.0194 367  GLY A N   
317 C  CA  . GLY A 42 ? 0.1049 0.2034 0.1418 0.0274  0.0225  0.0045  367  GLY A CA  
318 C  C   . GLY A 42 ? 0.1504 0.1506 0.1174 0.0192  -0.0002 -0.0174 367  GLY A C   
319 O  O   . GLY A 42 ? 0.1470 0.1901 0.1603 0.0393  0.0123  -0.0312 367  GLY A O   
320 N  N   . LEU A 43 ? 0.1323 0.1842 0.1219 0.0010  0.0062  -0.0278 368  LEU A N   
321 C  CA  . LEU A 43 ? 0.1498 0.1808 0.0975 -0.0068 0.0077  -0.0184 368  LEU A CA  
322 C  C   . LEU A 43 ? 0.1425 0.1500 0.1355 0.0132  -0.0180 -0.0158 368  LEU A C   
323 O  O   . LEU A 43 ? 0.1760 0.1720 0.1769 0.0382  -0.0503 -0.0095 368  LEU A O   
324 C  CB  . LEU A 43 ? 0.1499 0.1710 0.1212 0.0012  -0.0097 -0.0264 368  LEU A CB  
325 C  CG  . LEU A 43 ? 0.1389 0.1858 0.1505 -0.0145 -0.0009 -0.0374 368  LEU A CG  
326 C  CD1 . LEU A 43 ? 0.1604 0.2095 0.1714 0.0059  -0.0081 -0.0585 368  LEU A CD1 
327 C  CD2 . LEU A 43 ? 0.1482 0.2582 0.2640 -0.0226 -0.0101 -0.0515 368  LEU A CD2 
328 N  N   . LEU A 44 ? 0.1351 0.1480 0.1191 0.0037  -0.0235 -0.0210 369  LEU A N   
329 C  CA  . LEU A 44 ? 0.1214 0.1425 0.1492 0.0060  0.0011  -0.0258 369  LEU A CA  
330 C  C   . LEU A 44 ? 0.1317 0.1388 0.1430 0.0171  0.0004  -0.0102 369  LEU A C   
331 O  O   . LEU A 44 ? 0.1764 0.1345 0.1973 0.0073  -0.0024 -0.0035 369  LEU A O   
332 C  CB  . LEU A 44 ? 0.1245 0.1556 0.1406 0.0191  0.0156  -0.0257 369  LEU A CB  
333 C  CG  . LEU A 44 ? 0.1540 0.1530 0.1131 0.0252  0.0122  -0.0205 369  LEU A CG  
334 C  CD1 . LEU A 44 ? 0.1527 0.1461 0.1409 0.0070  -0.0073 -0.0396 369  LEU A CD1 
335 C  CD2 . LEU A 44 ? 0.1880 0.1914 0.1331 0.0002  0.0132  0.0112  369  LEU A CD2 
336 N  N   . THR A 45 ? 0.1576 0.1869 0.1307 0.0223  0.0101  -0.0408 370  THR A N   
337 C  CA  . THR A 45 ? 0.1994 0.2042 0.1383 0.0703  -0.0026 -0.0526 370  THR A CA  
338 C  C   . THR A 45 ? 0.1636 0.1426 0.2035 0.0134  0.0035  -0.0389 370  THR A C   
339 O  O   . THR A 45 ? 0.2203 0.1508 0.2729 0.0256  0.0027  -0.0790 370  THR A O   
340 C  CB  . THR A 45 ? 0.1682 0.2186 0.1128 0.0607  -0.0081 -0.0308 370  THR A CB  
341 O  OG1 . THR A 45 ? 0.1939 0.2250 0.1382 0.0653  -0.0253 -0.0480 370  THR A OG1 
342 C  CG2 . THR A 45 ? 0.2353 0.2576 0.1758 0.0962  0.0194  -0.0629 370  THR A CG2 
343 N  N   . THR A 46 ? 0.1249 0.1711 0.1734 0.0036  -0.0071 -0.0162 371  THR A N   
344 C  CA  . THR A 46 ? 0.1794 0.1623 0.2146 0.0157  -0.0142 0.0083  371  THR A CA  
345 C  C   . THR A 46 ? 0.1706 0.2165 0.2407 0.0080  -0.0113 0.0445  371  THR A C   
346 O  O   . THR A 46 ? 0.2120 0.2731 0.2975 0.0488  -0.0056 0.0985  371  THR A O   
347 C  CB  . THR A 46 ? 0.1834 0.2015 0.1913 0.0092  0.0376  -0.0374 371  THR A CB  
348 O  OG1 . THR A 46 ? 0.2057 0.2305 0.1867 -0.0135 0.0059  -0.0384 371  THR A OG1 
349 C  CG2 . THR A 46 ? 0.2147 0.2107 0.1767 0.0225  0.0286  -0.0367 371  THR A CG2 
350 N  N   . GLU A 47 ? 0.1812 0.2147 0.2113 -0.0183 0.0009  0.0247  372  GLU A N   
351 C  CA  . GLU A 47 ? 0.2255 0.2011 0.2078 -0.0075 0.0027  0.0225  372  GLU A CA  
352 C  C   . GLU A 47 ? 0.2442 0.1988 0.1800 0.0237  -0.0135 0.0182  372  GLU A C   
353 O  O   . GLU A 47 ? 0.2507 0.2421 0.1953 0.0044  -0.0262 0.0376  372  GLU A O   
354 C  CB  . GLU A 47 ? 0.2619 0.2363 0.1855 0.0265  -0.0024 0.0131  372  GLU A CB  
355 C  CG  . GLU A 47 ? 0.3428 0.4456 0.1908 0.0386  -0.0476 0.0639  372  GLU A CG  
356 C  CD  . GLU A 47 ? 0.3103 0.4382 0.5650 -0.0378 -0.1484 -0.0135 372  GLU A CD  
357 O  OE1 . GLU A 47 ? 0.3039 0.4650 0.2833 -0.0867 -0.0356 -0.0167 372  GLU A OE1 
358 O  OE2 . GLU A 47 ? 0.4316 0.6086 0.3486 -0.1373 -0.0082 -0.1412 372  GLU A OE2 
359 N  N   . ALA A 48 ? 0.2856 0.2293 0.2399 0.0620  0.0149  0.0145  373  ALA A N   
360 C  CA  . ALA A 48 ? 0.4008 0.2440 0.2820 0.0712  0.0133  0.0319  373  ALA A CA  
361 C  C   . ALA A 48 ? 0.3588 0.2089 0.2658 0.0317  -0.0151 0.0198  373  ALA A C   
362 O  O   . ALA A 48 ? 0.3972 0.2693 0.3707 -0.0387 -0.0414 0.0331  373  ALA A O   
363 C  CB  . ALA A 48 ? 0.4180 0.2856 0.3958 0.1262  0.0735  -0.0339 373  ALA A CB  
364 N  N   . SER A 49 ? 0.2731 0.2155 0.2340 0.0176  -0.0136 0.0286  374  SER A N   
365 C  CA  . SER A 49 ? 0.2995 0.2664 0.2801 -0.0070 -0.0241 0.0920  374  SER A CA  
366 C  C   . SER A 49 ? 0.2514 0.2480 0.2470 -0.0164 0.0255  0.0873  374  SER A C   
367 O  O   . SER A 49 ? 0.2983 0.3864 0.3383 0.0298  0.0552  0.1550  374  SER A O   
368 C  CB  . SER A 49 ? 0.3669 0.4634 0.1930 -0.1475 0.0256  0.0251  374  SER A CB  
369 O  OG  . SER A 49 ? 0.5171 0.4801 0.2743 -0.0045 -0.0823 -0.0110 374  SER A OG  
370 N  N   . ALA A 50 ? 0.2569 0.2467 0.1883 -0.0107 -0.0319 0.0663  375  ALA A N   
371 C  CA  . ALA A 50 ? 0.2199 0.2273 0.1885 -0.0291 -0.0426 0.0339  375  ALA A CA  
372 C  C   . ALA A 50 ? 0.2300 0.2139 0.1265 -0.0059 -0.0126 0.0202  375  ALA A C   
373 O  O   . ALA A 50 ? 0.2461 0.2684 0.1730 0.0363  0.0142  0.0091  375  ALA A O   
374 C  CB  . ALA A 50 ? 0.2675 0.2027 0.2204 -0.0321 -0.0083 0.0340  375  ALA A CB  
375 N  N   . VAL A 51 ? 0.2075 0.1991 0.1334 0.0052  -0.0092 0.0163  376  VAL A N   
376 C  CA  . VAL A 51 ? 0.1938 0.1816 0.1767 0.0170  -0.0298 0.0107  376  VAL A CA  
377 C  C   . VAL A 51 ? 0.2400 0.1557 0.1484 0.0089  0.0351  0.0141  376  VAL A C   
378 O  O   . VAL A 51 ? 0.2885 0.1809 0.1398 0.0291  0.0127  -0.0012 376  VAL A O   
379 C  CB  . VAL A 51 ? 0.2439 0.1683 0.2114 -0.0049 -0.0127 -0.0035 376  VAL A CB  
380 C  CG1 . VAL A 51 ? 0.3385 0.1876 0.2288 0.0549  -0.0153 -0.0151 376  VAL A CG1 
381 C  CG2 . VAL A 51 ? 0.3292 0.2317 0.2290 -0.0737 0.0172  0.0347  376  VAL A CG2 
382 N  N   . TRP A 52 ? 0.1945 0.1345 0.1378 -0.0100 0.0029  0.0169  377  TRP A N   
383 C  CA  . TRP A 52 ? 0.1695 0.1555 0.1753 -0.0040 0.0105  0.0177  377  TRP A CA  
384 C  C   . TRP A 52 ? 0.1817 0.1365 0.1361 -0.0256 -0.0034 -0.0011 377  TRP A C   
385 O  O   . TRP A 52 ? 0.2084 0.1528 0.1484 -0.0325 0.0015  -0.0062 377  TRP A O   
386 C  CB  . TRP A 52 ? 0.2027 0.1320 0.1636 0.0055  -0.0005 0.0147  377  TRP A CB  
387 C  CG  . TRP A 52 ? 0.1464 0.1116 0.1727 -0.0128 0.0143  0.0034  377  TRP A CG  
388 C  CD1 . TRP A 52 ? 0.1456 0.1478 0.1644 -0.0171 0.0165  -0.0150 377  TRP A CD1 
389 C  CD2 . TRP A 52 ? 0.1496 0.1365 0.1257 -0.0303 0.0108  -0.0104 377  TRP A CD2 
390 N  NE1 . TRP A 52 ? 0.1270 0.1375 0.1608 -0.0118 0.0098  -0.0188 377  TRP A NE1 
391 C  CE2 . TRP A 52 ? 0.1250 0.1512 0.1358 -0.0200 0.0196  -0.0059 377  TRP A CE2 
392 C  CE3 . TRP A 52 ? 0.1324 0.1626 0.1329 -0.0356 0.0074  -0.0268 377  TRP A CE3 
393 C  CZ2 . TRP A 52 ? 0.1376 0.1511 0.1355 -0.0027 0.0058  -0.0271 377  TRP A CZ2 
394 C  CZ3 . TRP A 52 ? 0.1443 0.1689 0.1650 -0.0065 0.0083  -0.0201 377  TRP A CZ3 
395 C  CH2 . TRP A 52 ? 0.1510 0.1451 0.1327 -0.0204 0.0152  -0.0268 377  TRP A CH2 
396 N  N   . ALA A 53 ? 0.1698 0.1814 0.1648 -0.0103 0.0114  0.0026  378  ALA A N   
397 C  CA  . ALA A 53 ? 0.1762 0.1804 0.1628 -0.0257 0.0130  0.0045  378  ALA A CA  
398 C  C   . ALA A 53 ? 0.1894 0.1624 0.1491 0.0040  0.0275  -0.0172 378  ALA A C   
399 O  O   . ALA A 53 ? 0.1634 0.1779 0.1907 -0.0081 0.0196  -0.0185 378  ALA A O   
400 C  CB  . ALA A 53 ? 0.2252 0.2680 0.1684 -0.0258 0.0430  0.0341  378  ALA A CB  
401 N  N   . CYS A 54 ? 0.1588 0.1717 0.1558 -0.0014 0.0090  -0.0098 379  CYS A N   
402 C  CA  . CYS A 54 ? 0.1286 0.2203 0.1581 0.0091  0.0160  -0.0168 379  CYS A CA  
403 C  C   . CYS A 54 ? 0.1271 0.2267 0.2222 0.0019  0.0137  -0.0215 379  CYS A C   
404 O  O   . CYS A 54 ? 0.1704 0.2701 0.2240 -0.0141 0.0574  -0.0346 379  CYS A O   
405 C  CB  . CYS A 54 ? 0.1244 0.2065 0.1820 -0.0153 -0.0190 -0.0140 379  CYS A CB  
406 S  SG  . CYS A 54 ? 0.1507 0.2317 0.2009 -0.0205 0.0115  -0.0216 379  CYS A SG  
407 N  N   . ASP A 55 ? 0.1217 0.2425 0.2791 -0.0011 0.0040  -0.0185 380  ASP A N   
408 C  CA  . ASP A 55 ? 0.1570 0.3464 0.3507 0.0319  0.0184  -0.0553 380  ASP A CA  
409 C  C   . ASP A 55 ? 0.1916 0.3006 0.3892 -0.0164 0.0386  -0.1013 380  ASP A C   
410 O  O   . ASP A 55 ? 0.2518 0.3867 0.5510 0.0316  0.1200  -0.1033 380  ASP A O   
411 C  CB  . ASP A 55 ? 0.2250 0.2639 0.5494 -0.0057 0.0456  -0.0340 380  ASP A CB  
412 C  CG  . ASP A 55 ? 0.3524 0.5894 0.4585 0.0862  -0.0434 -0.1810 380  ASP A CG  
413 O  OD1 . ASP A 55 ? 0.3704 0.9554 0.4375 -0.0523 -0.0571 -0.2287 380  ASP A OD1 
414 O  OD2 . ASP A 55 ? 0.4935 0.5882 0.7056 0.1984  -0.2163 -0.2457 380  ASP A OD2 
415 N  N   . LEU A 56 ? 0.1308 0.2764 0.3784 -0.0267 0.0576  -0.0521 381  LEU A N   
416 C  CA  . LEU A 56 ? 0.1090 0.4089 0.4370 -0.0392 0.0345  0.0129  381  LEU A CA  
417 C  C   . LEU A 56 ? 0.2361 0.3646 0.3914 -0.1005 0.1330  -0.0014 381  LEU A C   
418 O  O   . LEU A 56 ? 0.2568 0.4225 0.8659 -0.0569 0.2794  0.0280  381  LEU A O   
419 C  CB  . LEU A 56 ? 0.1589 0.3915 0.4877 -0.0496 -0.0368 -0.0326 381  LEU A CB  
420 C  CG  . LEU A 56 ? 0.3063 0.3330 0.4916 -0.0054 -0.1576 -0.0130 381  LEU A CG  
421 C  CD1 . LEU A 56 ? 0.5294 0.4153 0.5042 -0.0494 -0.2761 -0.0256 381  LEU A CD1 
422 C  CD2 . LEU A 56 ? 0.3268 0.4029 0.5739 0.0124  -0.0982 0.0206  381  LEU A CD2 
423 N  N   . CYS A 57 ? 0.2445 0.3536 0.3334 -0.0636 0.0881  -0.0111 382  CYS A N   
424 C  CA  . CYS A 57 ? 0.4259 0.3172 0.2733 0.0376  0.1091  -0.0396 382  CYS A CA  
425 C  C   . CYS A 57 ? 0.6230 0.3929 0.3291 -0.0249 0.0526  -0.1517 382  CYS A C   
426 O  O   . CYS A 57 ? 0.7942 0.6142 0.2553 -0.1178 0.0696  -0.0849 382  CYS A O   
427 C  CB  . CYS A 57 ? 0.3305 0.2630 0.3126 -0.0518 0.0938  -0.0328 382  CYS A CB  
428 S  SG  . CYS A 57 ? 0.2766 0.3011 0.2484 -0.0825 0.0594  -0.0034 382  CYS A SG  
429 N  N   . VAL A 71 ? 0.8570 0.2825 0.3675 -0.0415 0.0748  0.1442  1235 VAL A N   
430 C  CA  . VAL A 71 ? 0.5280 0.2796 0.2596 0.0394  0.0648  0.0214  1235 VAL A CA  
431 C  C   . VAL A 71 ? 0.3957 0.2163 0.2505 0.0087  0.0481  0.0705  1235 VAL A C   
432 O  O   . VAL A 71 ? 0.4932 0.2701 0.4455 -0.0234 0.1522  0.1076  1235 VAL A O   
433 C  CB  . VAL A 71 ? 0.6023 0.3647 0.4407 0.0529  -0.0396 -0.1202 1235 VAL A CB  
434 C  CG1 . VAL A 71 ? 0.6432 0.4939 0.4578 0.0158  -0.0134 0.0743  1235 VAL A CG1 
435 C  CG2 . VAL A 71 ? 0.6854 0.5215 0.5637 0.0455  0.0957  -0.1337 1235 VAL A CG2 
436 N  N   . TYR A 72 ? 0.3404 0.2183 0.1734 -0.0670 -0.0324 0.0370  1236 TYR A N   
437 C  CA  . TYR A 72 ? 0.4864 0.2035 0.2035 -0.0458 -0.0419 0.0271  1236 TYR A CA  
438 C  C   . TYR A 72 ? 0.4062 0.2225 0.1692 -0.0303 0.0520  0.0941  1236 TYR A C   
439 O  O   . TYR A 72 ? 0.3141 0.2378 0.1524 -0.0317 0.0205  0.0355  1236 TYR A O   
440 C  CB  . TYR A 72 ? 0.5485 0.2752 0.1796 -0.0757 -0.1174 0.0575  1236 TYR A CB  
441 C  CG  . TYR A 72 ? 0.2956 0.2285 0.2253 -0.0422 -0.0188 0.0200  1236 TYR A CG  
442 C  CD1 . TYR A 72 ? 0.5352 0.3057 0.2077 -0.0352 -0.0349 0.0638  1236 TYR A CD1 
443 C  CD2 . TYR A 72 ? 0.3661 0.3619 0.2229 0.0227  -0.0216 0.0644  1236 TYR A CD2 
444 C  CE1 . TYR A 72 ? 0.6039 0.3145 0.2165 0.0613  -0.0626 0.0504  1236 TYR A CE1 
445 C  CE2 . TYR A 72 ? 0.4365 0.4266 0.2166 0.0264  -0.0241 0.0678  1236 TYR A CE2 
446 C  CZ  . TYR A 72 ? 0.4065 0.5794 0.2151 0.0038  -0.1103 0.0682  1236 TYR A CZ  
447 O  OH  . TYR A 72 ? 0.5107 0.5057 0.2638 0.0641  -0.0582 0.0937  1236 TYR A OH  
448 N  N   . VAL A 73 ? 0.3679 0.1748 0.1927 -0.0046 0.0387  0.0222  1237 VAL A N   
449 C  CA  . VAL A 73 ? 0.2817 0.1753 0.2596 0.0131  0.0349  0.0018  1237 VAL A CA  
450 C  C   . VAL A 73 ? 0.3232 0.1635 0.1357 -0.0158 0.0532  0.0031  1237 VAL A C   
451 O  O   . VAL A 73 ? 0.5071 0.2021 0.1524 -0.0289 0.1023  -0.0082 1237 VAL A O   
452 C  CB  . VAL A 73 ? 0.3118 0.3031 0.2798 -0.0494 0.1283  0.0075  1237 VAL A CB  
453 C  CG1 . VAL A 73 ? 0.3425 0.2667 0.3812 -0.1103 0.0522  0.0890  1237 VAL A CG1 
454 C  CG2 . VAL A 73 ? 0.4061 0.2562 0.3661 -0.0860 0.0852  0.0827  1237 VAL A CG2 
455 N  N   . PHE A 74 ? 0.2239 0.1505 0.1231 -0.0171 0.0142  0.0100  1238 PHE A N   
456 C  CA  . PHE A 74 ? 0.1838 0.1337 0.1227 -0.0104 0.0118  -0.0056 1238 PHE A CA  
457 C  C   . PHE A 74 ? 0.1550 0.1764 0.1248 -0.0116 0.0198  -0.0040 1238 PHE A C   
458 O  O   . PHE A 74 ? 0.2056 0.2177 0.1503 0.0330  -0.0177 -0.0350 1238 PHE A O   
459 C  CB  . PHE A 74 ? 0.1485 0.2068 0.1385 -0.0061 -0.0083 0.0229  1238 PHE A CB  
460 C  CG  . PHE A 74 ? 0.1831 0.1529 0.1280 -0.0103 -0.0080 0.0253  1238 PHE A CG  
461 C  CD1 . PHE A 74 ? 0.2085 0.1640 0.1590 -0.0084 -0.0298 0.0263  1238 PHE A CD1 
462 C  CD2 . PHE A 74 ? 0.1975 0.1957 0.1099 -0.0467 -0.0101 0.0186  1238 PHE A CD2 
463 C  CE1 . PHE A 74 ? 0.2182 0.1732 0.1972 0.0038  -0.0388 0.0325  1238 PHE A CE1 
464 C  CE2 . PHE A 74 ? 0.2159 0.2094 0.1297 -0.0312 -0.0200 0.0022  1238 PHE A CE2 
465 C  CZ  . PHE A 74 ? 0.2657 0.2048 0.1889 -0.0324 -0.0343 0.0371  1238 PHE A CZ  
466 N  N   . THR A 75 ? 0.1742 0.1439 0.1609 -0.0142 0.0310  0.0096  1239 THR A N   
467 C  CA  . THR A 75 ? 0.1560 0.1507 0.1967 -0.0069 0.0349  0.0146  1239 THR A CA  
468 C  C   . THR A 75 ? 0.1532 0.1242 0.1497 -0.0100 -0.0151 -0.0123 1239 THR A C   
469 O  O   . THR A 75 ? 0.1410 0.1435 0.1515 -0.0094 -0.0065 -0.0041 1239 THR A O   
470 C  CB  . THR A 75 ? 0.1631 0.1868 0.2570 -0.0260 0.0456  -0.0231 1239 THR A CB  
471 O  OG1 . THR A 75 ? 0.1714 0.2405 0.2239 -0.0172 0.0488  -0.0331 1239 THR A OG1 
472 C  CG2 . THR A 75 ? 0.2154 0.3336 0.3319 -0.0466 0.0732  0.0684  1239 THR A CG2 
473 N  N   . THR A 76 ? 0.1279 0.1499 0.1453 -0.0097 0.0089  -0.0004 1240 THR A N   
474 C  CA  . THR A 76 ? 0.1505 0.1295 0.1423 -0.0241 0.0136  -0.0092 1240 THR A CA  
475 C  C   . THR A 76 ? 0.1425 0.1181 0.1705 -0.0023 0.0106  -0.0246 1240 THR A C   
476 O  O   . THR A 76 ? 0.1429 0.1410 0.1664 -0.0074 0.0096  -0.0086 1240 THR A O   
477 C  CB  . THR A 76 ? 0.1621 0.1326 0.1525 -0.0227 -0.0046 -0.0226 1240 THR A CB  
478 O  OG1 . THR A 76 ? 0.2105 0.1431 0.1750 -0.0020 -0.0260 -0.0326 1240 THR A OG1 
479 C  CG2 . THR A 76 ? 0.1782 0.1544 0.1679 -0.0162 0.0279  -0.0210 1240 THR A CG2 
480 N  N   . HIS A 77 ? 0.1574 0.1373 0.1812 -0.0033 0.0060  -0.0341 1241 HIS A N   
481 C  CA  . HIS A 77 ? 0.1467 0.1464 0.1995 0.0013  0.0184  -0.0580 1241 HIS A CA  
482 C  C   . HIS A 77 ? 0.1620 0.1532 0.1515 -0.0165 0.0329  -0.0219 1241 HIS A C   
483 O  O   . HIS A 77 ? 0.1605 0.1751 0.1728 -0.0100 0.0254  -0.0556 1241 HIS A O   
484 C  CB  . HIS A 77 ? 0.1367 0.2236 0.3835 0.0334  0.0431  -0.1202 1241 HIS A CB  
485 C  CG  . HIS A 77 ? 0.1994 0.3054 0.3662 0.0135  0.0169  -0.1675 1241 HIS A CG  
486 N  ND1 . HIS A 77 ? 0.2462 0.2863 0.3967 0.0528  -0.0952 -0.1148 1241 HIS A ND1 
487 C  CD2 . HIS A 77 ? 0.1737 0.3962 0.4273 0.1075  0.0246  -0.0735 1241 HIS A CD2 
488 C  CE1 . HIS A 77 ? 0.2733 0.2527 0.5106 0.0970  -0.0729 -0.1114 1241 HIS A CE1 
489 N  NE2 . HIS A 77 ? 0.2713 0.2993 0.6096 0.0480  -0.1230 -0.0168 1241 HIS A NE2 
490 N  N   . LEU A 78 ? 0.1481 0.1714 0.1339 -0.0156 0.0432  -0.0239 1242 LEU A N   
491 C  CA  . LEU A 78 ? 0.1737 0.1977 0.1516 -0.0306 0.0493  -0.0071 1242 LEU A CA  
492 C  C   . LEU A 78 ? 0.1556 0.1928 0.1164 -0.0018 0.0022  -0.0321 1242 LEU A C   
493 O  O   . LEU A 78 ? 0.1850 0.1974 0.1196 -0.0550 0.0098  -0.0162 1242 LEU A O   
494 C  CB  . LEU A 78 ? 0.2293 0.2399 0.1709 -0.0308 0.0998  0.0059  1242 LEU A CB  
495 C  CG  . LEU A 78 ? 0.3817 0.2271 0.2614 0.0009  -0.0229 0.0295  1242 LEU A CG  
496 C  CD1 . LEU A 78 ? 0.4912 0.3044 0.1546 -0.0528 -0.0154 -0.0217 1242 LEU A CD1 
497 C  CD2 . LEU A 78 ? 0.4185 0.2292 0.2361 -0.0020 -0.0027 0.0759  1242 LEU A CD2 
498 N  N   . ALA A 79 ? 0.1429 0.1467 0.1103 0.0014  0.0237  -0.0042 1243 ALA A N   
499 C  CA  . ALA A 79 ? 0.1364 0.1285 0.1051 -0.0137 0.0257  -0.0055 1243 ALA A CA  
500 C  C   . ALA A 79 ? 0.1201 0.1319 0.1048 0.0074  0.0178  -0.0145 1243 ALA A C   
501 O  O   . ALA A 79 ? 0.1291 0.1389 0.1101 -0.0017 -0.0007 -0.0064 1243 ALA A O   
502 C  CB  . ALA A 79 ? 0.1530 0.1559 0.1016 -0.0145 0.0282  -0.0192 1243 ALA A CB  
503 N  N   . ASN A 80 ? 0.1321 0.1059 0.1044 0.0030  0.0198  -0.0115 1244 ASN A N   
504 C  CA  . ASN A 80 ? 0.1397 0.0943 0.1117 -0.0007 -0.0038 -0.0190 1244 ASN A CA  
505 C  C   . ASN A 80 ? 0.1153 0.1337 0.1053 -0.0102 0.0180  -0.0212 1244 ASN A C   
506 O  O   . ASN A 80 ? 0.1277 0.1407 0.1267 -0.0170 -0.0019 -0.0264 1244 ASN A O   
507 C  CB  . ASN A 80 ? 0.1637 0.0991 0.1069 0.0112  0.0030  -0.0203 1244 ASN A CB  
508 C  CG  . ASN A 80 ? 0.1220 0.0986 0.1119 0.0085  0.0041  -0.0325 1244 ASN A CG  
509 O  OD1 . ASN A 80 ? 0.1395 0.1153 0.1145 0.0139  0.0230  -0.0201 1244 ASN A OD1 
510 N  ND2 . ASN A 80 ? 0.1526 0.1263 0.1154 0.0110  -0.0097 -0.0192 1244 ASN A ND2 
511 N  N   . THR A 81 ? 0.1550 0.1665 0.1096 -0.0255 0.0194  -0.0307 1245 THR A N   
512 C  CA  . THR A 81 ? 0.1992 0.2047 0.1323 -0.0095 -0.0099 -0.0447 1245 THR A CA  
513 C  C   . THR A 81 ? 0.1806 0.2067 0.1158 -0.0243 -0.0162 -0.0488 1245 THR A C   
514 O  O   . THR A 81 ? 0.1988 0.2330 0.1260 -0.0455 0.0006  -0.0565 1245 THR A O   
515 C  CB  . THR A 81 ? 0.2102 0.4228 0.0862 0.0673  0.0289  -0.0881 1245 THR A CB  
516 O  OG1 . THR A 81 ? 0.2646 0.3879 0.2173 0.0220  0.0195  -0.0532 1245 THR A OG1 
517 C  CG2 . THR A 81 ? 0.3055 0.5032 0.2157 -0.0872 0.0226  -0.1790 1245 THR A CG2 
518 N  N   . ALA A 82 ? 0.1542 0.1799 0.1051 -0.0184 0.0117  -0.0081 1246 ALA A N   
519 C  CA  . ALA A 82 ? 0.1617 0.1891 0.1284 -0.0223 -0.0119 -0.0071 1246 ALA A CA  
520 C  C   . ALA A 82 ? 0.1419 0.1875 0.1149 -0.0112 -0.0226 -0.0047 1246 ALA A C   
521 O  O   . ALA A 82 ? 0.1614 0.2172 0.1213 -0.0210 -0.0255 0.0023  1246 ALA A O   
522 C  CB  . ALA A 82 ? 0.2109 0.1909 0.1535 -0.0297 -0.0245 0.0155  1246 ALA A CB  
523 N  N   . ALA A 83 ? 0.1554 0.1458 0.1090 -0.0084 -0.0015 -0.0084 1247 ALA A N   
524 C  CA  . ALA A 83 ? 0.1305 0.1793 0.1099 -0.0179 -0.0216 -0.0255 1247 ALA A CA  
525 C  C   . ALA A 83 ? 0.1405 0.1740 0.1147 -0.0213 -0.0234 -0.0119 1247 ALA A C   
526 O  O   . ALA A 83 ? 0.1517 0.1784 0.1465 -0.0238 -0.0067 -0.0174 1247 ALA A O   
527 C  CB  . ALA A 83 ? 0.1762 0.1663 0.1120 -0.0016 -0.0232 -0.0170 1247 ALA A CB  
528 N  N   . GLU A 84 ? 0.1643 0.1577 0.1528 -0.0204 0.0022  -0.0037 1248 GLU A N   
529 C  CA  . GLU A 84 ? 0.1816 0.1594 0.1800 -0.0013 -0.0091 0.0004  1248 GLU A CA  
530 C  C   . GLU A 84 ? 0.1685 0.1878 0.1611 -0.0330 0.0146  -0.0127 1248 GLU A C   
531 O  O   . GLU A 84 ? 0.1659 0.2217 0.1837 -0.0377 0.0023  -0.0445 1248 GLU A O   
532 C  CB  . GLU A 84 ? 0.2167 0.2048 0.2367 0.0131  -0.0285 -0.0757 1248 GLU A CB  
533 C  CG  . GLU A 84 ? 0.2599 0.2121 0.3177 0.0288  -0.0814 -0.0670 1248 GLU A CG  
534 C  CD  . GLU A 84 ? 0.2377 0.2324 0.2574 -0.0069 -0.0629 -0.0090 1248 GLU A CD  
535 O  OE1 . GLU A 84 ? 0.2458 0.3948 0.2716 -0.0016 0.0276  -0.0412 1248 GLU A OE1 
536 O  OE2 . GLU A 84 ? 0.3662 0.1993 0.3665 0.0682  -0.0661 -0.0111 1248 GLU A OE2 
537 N  N   . ALA A 85 ? 0.1730 0.1727 0.1243 -0.0048 0.0078  -0.0233 1249 ALA A N   
538 C  CA  . ALA A 85 ? 0.1477 0.2320 0.1301 -0.0092 0.0096  -0.0408 1249 ALA A CA  
539 C  C   . ALA A 85 ? 0.1324 0.2121 0.1428 -0.0162 -0.0227 -0.0388 1249 ALA A C   
540 O  O   . ALA A 85 ? 0.1364 0.2721 0.1346 -0.0502 -0.0050 -0.0309 1249 ALA A O   
541 C  CB  . ALA A 85 ? 0.2044 0.2446 0.1309 -0.0239 0.0047  -0.0134 1249 ALA A CB  
542 N  N   . VAL A 86 ? 0.1621 0.1670 0.1350 -0.0139 0.0151  -0.0073 1250 VAL A N   
543 C  CA  . VAL A 86 ? 0.1566 0.2013 0.1467 -0.0231 0.0091  -0.0143 1250 VAL A CA  
544 C  C   . VAL A 86 ? 0.1560 0.2091 0.1181 -0.0427 -0.0252 -0.0198 1250 VAL A C   
545 O  O   . VAL A 86 ? 0.1540 0.2215 0.1550 -0.0189 -0.0152 -0.0206 1250 VAL A O   
546 C  CB  . VAL A 86 ? 0.1482 0.2023 0.1662 -0.0189 -0.0098 -0.0456 1250 VAL A CB  
547 C  CG1 . VAL A 86 ? 0.1851 0.2371 0.2197 0.0216  -0.0216 -0.0694 1250 VAL A CG1 
548 C  CG2 . VAL A 86 ? 0.2471 0.2094 0.1935 -0.0353 -0.0460 -0.0017 1250 VAL A CG2 
549 N  N   . LEU A 87 ? 0.1543 0.2347 0.1325 -0.0304 -0.0013 0.0136  1251 LEU A N   
550 C  CA  . LEU A 87 ? 0.2378 0.2454 0.1216 -0.0639 0.0101  0.0207  1251 LEU A CA  
551 C  C   . LEU A 87 ? 0.2218 0.2512 0.1420 -0.0435 -0.0046 0.0049  1251 LEU A C   
552 O  O   . LEU A 87 ? 0.2064 0.3080 0.2018 -0.0786 -0.0277 0.0236  1251 LEU A O   
553 C  CB  . LEU A 87 ? 0.3269 0.4225 0.1922 -0.1683 -0.0682 0.1005  1251 LEU A CB  
554 C  CG  . LEU A 87 ? 0.4073 0.5605 0.3147 -0.0779 -0.0599 0.0018  1251 LEU A CG  
555 C  CD1 . LEU A 87 ? 0.3130 0.6879 0.4972 -0.0603 0.0770  0.0389  1251 LEU A CD1 
556 C  CD2 . LEU A 87 ? 0.5742 0.6077 0.3445 -0.1442 -0.2836 0.1305  1251 LEU A CD2 
557 N  N   . GLN A 88 ? 0.2174 0.1881 0.1480 -0.0367 -0.0262 -0.0075 1252 GLN A N   
558 C  CA  . GLN A 88 ? 0.2103 0.2360 0.1890 -0.0200 -0.0471 -0.0538 1252 GLN A CA  
559 C  C   . GLN A 88 ? 0.1960 0.1966 0.1800 0.0080  -0.0138 -0.0521 1252 GLN A C   
560 O  O   . GLN A 88 ? 0.2873 0.2482 0.2381 -0.0609 -0.0249 -0.0696 1252 GLN A O   
561 C  CB  . GLN A 88 ? 0.2944 0.1698 0.2699 -0.0028 -0.0467 -0.0705 1252 GLN A CB  
562 C  CG  . GLN A 88 ? 0.4248 0.2223 0.3900 0.0758  -0.0906 -0.0309 1252 GLN A CG  
563 C  CD  . GLN A 88 ? 0.4525 0.1684 0.5772 -0.0006 -0.0804 -0.0465 1252 GLN A CD  
564 O  OE1 . GLN A 88 ? 0.3547 0.4850 0.4945 -0.0335 -0.0034 -0.1446 1252 GLN A OE1 
565 N  NE2 . GLN A 88 ? 0.7935 0.2906 0.5868 0.1133  -0.2557 -0.0591 1252 GLN A NE2 
566 N  N   . GLY A 89 ? 0.1679 0.2160 0.1288 -0.0079 0.0260  -0.0019 1253 GLY A N   
567 C  CA  . GLY A 89 ? 0.2069 0.2549 0.1301 -0.0250 -0.0189 0.0215  1253 GLY A CA  
568 C  C   . GLY A 89 ? 0.2010 0.2048 0.1459 -0.0427 -0.0222 -0.0032 1253 GLY A C   
569 O  O   . GLY A 89 ? 0.2080 0.3085 0.1643 -0.0229 -0.0408 -0.0360 1253 GLY A O   
570 N  N   . ARG A 90 ? 0.1909 0.2747 0.1353 -0.0362 0.0107  -0.0323 1254 ARG A N   
571 C  CA  . ARG A 90 ? 0.2344 0.3035 0.1657 -0.0816 0.0247  -0.0498 1254 ARG A CA  
572 C  C   . ARG A 90 ? 0.2724 0.3310 0.1708 -0.0853 0.0800  -0.0397 1254 ARG A C   
573 O  O   . ARG A 90 ? 0.4448 0.4225 0.1938 -0.1438 0.1377  -0.0159 1254 ARG A O   
574 C  CB  . ARG A 90 ? 0.2166 0.4162 0.1527 -0.0189 0.0122  -0.0433 1254 ARG A CB  
575 C  CG  . ARG A 90 ? 0.2217 0.4015 0.2668 -0.0054 -0.0061 -0.0474 1254 ARG A CG  
576 C  CD  . ARG A 90 ? 0.3273 0.4696 0.3120 0.0649  0.0354  0.0121  1254 ARG A CD  
577 N  NE  . ARG A 90 ? 0.4595 0.6428 0.4241 0.0299  -0.0510 0.0188  1254 ARG A NE  
578 C  CZ  . ARG A 90 ? 0.4398 0.4490 0.4383 0.0996  -0.0459 -0.1349 1254 ARG A CZ  
579 N  NH1 . ARG A 90 ? 0.7775 0.4171 0.4609 0.0788  0.1169  -0.0984 1254 ARG A NH1 
580 N  NH2 . ARG A 90 ? 0.3541 0.3770 0.5195 0.0454  -0.0849 -0.2049 1254 ARG A NH2 
581 N  N   . ALA A 91 ? 0.2583 0.2969 0.1704 -0.0773 0.0114  -0.0382 1255 ALA A N   
582 C  CA  . ALA A 91 ? 0.2512 0.3034 0.2133 -0.0821 -0.0013 0.0143  1255 ALA A CA  
583 C  C   . ALA A 91 ? 0.2267 0.3662 0.2742 -0.1118 -0.0349 -0.0143 1255 ALA A C   
584 O  O   . ALA A 91 ? 0.2612 0.3105 0.2112 -0.0553 -0.0335 -0.0130 1255 ALA A O   
585 C  CB  . ALA A 91 ? 0.2546 0.3170 0.2764 -0.0715 -0.0181 -0.0538 1255 ALA A CB  
586 N  N   . ASP A 92 ? 0.3161 0.3778 0.2255 -0.1234 -0.0852 0.0225  1256 ASP A N   
587 C  CA  . ASP A 92 ? 0.3174 0.2815 0.2646 -0.0544 -0.1184 0.0395  1256 ASP A CA  
588 C  C   . ASP A 92 ? 0.2599 0.2301 0.2429 -0.0219 -0.0496 0.0347  1256 ASP A C   
589 O  O   . ASP A 92 ? 0.2122 0.3732 0.3882 -0.0480 -0.0231 -0.0164 1256 ASP A O   
590 C  CB  . ASP A 92 ? 0.4872 0.4230 0.3882 -0.0266 -0.2117 0.1347  1256 ASP A CB  
591 C  CG  . ASP A 92 ? 0.5491 0.6754 0.6136 -0.1562 -0.3547 0.3060  1256 ASP A CG  
592 O  OD1 . ASP A 92 ? 0.7697 0.7626 0.8555 -0.2727 0.1097  0.4429  1256 ASP A OD1 
593 O  OD2 . ASP A 92 ? 1.2384 1.2623 0.6921 0.2165  -0.2628 0.5448  1256 ASP A OD2 
594 N  N   . SER A 93 ? 0.2287 0.2898 0.2022 -0.0719 -0.0616 0.0332  1257 SER A N   
595 C  CA  . SER A 93 ? 0.1842 0.2518 0.1974 -0.0042 -0.0300 -0.0010 1257 SER A CA  
596 C  C   . SER A 93 ? 0.1646 0.2238 0.1717 -0.0245 -0.0232 -0.0487 1257 SER A C   
597 O  O   . SER A 93 ? 0.2348 0.2455 0.1534 -0.0274 -0.0327 -0.0094 1257 SER A O   
598 C  CB  . SER A 93 ? 0.2316 0.2333 0.3780 -0.0259 -0.0305 0.0960  1257 SER A CB  
599 O  OG  . SER A 93 ? 0.2646 0.2615 0.3957 -0.0318 -0.0110 0.0763  1257 SER A OG  
600 N  N   . ILE A 94 ? 0.1744 0.1963 0.1552 -0.0322 -0.0092 -0.0160 1258 ILE A N   
601 C  CA  . ILE A 94 ? 0.1751 0.2278 0.1439 -0.0224 -0.0175 0.0114  1258 ILE A CA  
602 C  C   . ILE A 94 ? 0.2149 0.1826 0.1358 -0.0009 -0.0270 0.0030  1258 ILE A C   
603 O  O   . ILE A 94 ? 0.2001 0.2200 0.1531 -0.0175 -0.0237 0.0098  1258 ILE A O   
604 C  CB  . ILE A 94 ? 0.2358 0.1924 0.1446 -0.0190 -0.0176 -0.0069 1258 ILE A CB  
605 C  CG1 . ILE A 94 ? 0.2323 0.2147 0.1552 -0.0056 -0.0242 -0.0252 1258 ILE A CG1 
606 C  CG2 . ILE A 94 ? 0.2183 0.2219 0.1727 0.0021  0.0150  0.0163  1258 ILE A CG2 
607 C  CD1 . ILE A 94 ? 0.2676 0.2556 0.1661 -0.0153 -0.0310 -0.0105 1258 ILE A CD1 
608 N  N   . LEU A 95 ? 0.1799 0.1805 0.2030 -0.0183 -0.0123 0.0248  1259 LEU A N   
609 C  CA  . LEU A 95 ? 0.1921 0.1967 0.1860 -0.0064 -0.0167 0.0357  1259 LEU A CA  
610 C  C   . LEU A 95 ? 0.2323 0.2194 0.1755 0.0122  -0.0020 0.0583  1259 LEU A C   
611 O  O   . LEU A 95 ? 0.2810 0.2434 0.2601 0.0168  0.0844  0.0691  1259 LEU A O   
612 C  CB  . LEU A 95 ? 0.2102 0.2045 0.2519 0.0141  -0.0219 0.0034  1259 LEU A CB  
613 C  CG  . LEU A 95 ? 0.2500 0.2483 0.2243 0.0227  0.0125  0.0096  1259 LEU A CG  
614 C  CD1 . LEU A 95 ? 0.3854 0.2631 0.4101 0.0908  0.0485  0.0078  1259 LEU A CD1 
615 C  CD2 . LEU A 95 ? 0.3116 0.2301 0.2632 -0.0616 -0.0440 -0.0168 1259 LEU A CD2 
616 N  N   . ALA A 96 ? 0.2750 0.2818 0.1843 -0.0133 -0.0244 -0.0016 1260 ALA A N   
617 C  CA  . ALA A 96 ? 0.3926 0.2493 0.2187 -0.0200 0.0208  0.0247  1260 ALA A CA  
618 C  C   . ALA A 96 ? 0.4639 0.3972 0.1974 0.0863  0.0173  0.0110  1260 ALA A C   
619 O  O   . ALA A 96 ? 0.6918 0.4051 0.2289 -0.0080 0.1594  -0.0034 1260 ALA A O   
620 C  CB  . ALA A 96 ? 0.4704 0.3340 0.2626 -0.0995 -0.0780 0.0322  1260 ALA A CB  
621 N  N   . TYR A 97 ? 0.3405 0.2873 0.2200 0.0269  0.0427  0.0951  1261 TYR A N   
622 C  CA  . TYR A 97 ? 0.3152 0.2602 0.3035 0.0391  0.0978  0.0952  1261 TYR A CA  
623 C  C   . TYR A 97 ? 0.3285 0.2741 0.4229 0.0517  0.1358  0.1564  1261 TYR A C   
624 O  O   . TYR A 97 ? 0.3204 0.3054 0.6924 0.0847  0.1655  0.2018  1261 TYR A O   
625 C  CB  . TYR A 97 ? 0.3410 0.1910 0.2888 0.0319  0.0603  0.0486  1261 TYR A CB  
626 C  CG  . TYR A 97 ? 0.2753 0.3775 0.1666 -0.0362 0.0545  0.0289  1261 TYR A CG  
627 C  CD1 . TYR A 97 ? 0.2595 0.3768 0.3332 -0.0442 0.0078  0.1275  1261 TYR A CD1 
628 C  CD2 . TYR A 97 ? 0.4013 0.3343 0.3706 -0.0377 0.0213  -0.0591 1261 TYR A CD2 
629 C  CE1 . TYR A 97 ? 0.4140 0.4917 0.4008 -0.1286 -0.0787 0.0547  1261 TYR A CE1 
630 C  CE2 . TYR A 97 ? 0.4678 0.4995 0.3924 -0.1526 0.0041  -0.1444 1261 TYR A CE2 
631 C  CZ  . TYR A 97 ? 0.4330 0.4172 0.3760 -0.2307 0.0441  0.0029  1261 TYR A CZ  
632 O  OH  . TYR A 97 ? 0.5226 0.4869 0.3400 -0.2084 0.0124  -0.0645 1261 TYR A OH  
633 N  N   . HIS A 98 ? 0.3354 0.2345 0.3717 0.0667  0.1350  0.1256  1262 HIS A N   
634 C  CA  . HIS A 98 ? 0.3311 0.2520 0.4648 0.0602  0.1523  0.1553  1262 HIS A CA  
635 C  C   . HIS A 98 ? 0.5440 0.2837 0.6145 0.1009  0.3050  0.1846  1262 HIS A C   
636 O  O   . HIS A 98 ? 0.5345 0.2445 0.6443 0.1510  0.4592  0.1399  1262 HIS A O   
637 C  CB  . HIS A 98 ? 0.3403 0.2233 0.4206 0.0292  0.1086  0.1140  1262 HIS A CB  
638 C  CG  . HIS A 98 ? 0.3282 0.2865 0.3747 0.0181  0.1371  0.0860  1262 HIS A CG  
639 N  ND1 . HIS A 98 ? 0.4666 0.3149 0.2680 -0.0229 0.0785  0.0957  1262 HIS A ND1 
640 C  CD2 . HIS A 98 ? 0.2981 0.3136 0.4810 0.0828  0.1713  0.2462  1262 HIS A CD2 
641 C  CE1 . HIS A 98 ? 0.3847 0.2581 0.2961 0.0389  0.1039  0.1161  1262 HIS A CE1 
642 N  NE2 . HIS A 98 ? 0.3987 0.3547 0.4540 0.0795  0.1441  0.2004  1262 HIS A NE2 
643 N  N   . ALA B 1  ? 0.2266 0.2262 0.1604 -0.0302 -0.0270 0.0024  1    ALA F N   
644 C  CA  . ALA B 1  ? 0.2103 0.1796 0.1551 0.0007  -0.0055 -0.0314 1    ALA F CA  
645 C  C   . ALA B 1  ? 0.2009 0.1773 0.1732 -0.0094 0.0159  -0.0011 1    ALA F C   
646 O  O   . ALA B 1  ? 0.2304 0.2537 0.1874 -0.0620 -0.0257 0.0128  1    ALA F O   
647 C  CB  . ALA B 1  ? 0.2054 0.1498 0.2192 -0.0208 -0.0062 -0.0015 1    ALA F CB  
648 N  N   . ARG B 2  ? 0.2029 0.1787 0.1343 0.0234  -0.0081 0.0010  2    ARG F N   
649 C  CA  . ARG B 2  ? 0.1949 0.1480 0.1476 0.0125  0.0076  0.0090  2    ARG F CA  
650 C  C   . ARG B 2  ? 0.1322 0.1443 0.1522 0.0192  0.0115  0.0014  2    ARG F C   
651 O  O   . ARG B 2  ? 0.1259 0.1647 0.1586 0.0090  -0.0085 -0.0110 2    ARG F O   
652 C  CB  . ARG B 2  ? 0.2381 0.1515 0.2008 0.0194  -0.0137 0.0077  2    ARG F CB  
653 C  CG  . ARG B 2  ? 0.4861 0.2734 0.1488 -0.0422 -0.0558 -0.0401 2    ARG F CG  
654 C  CD  . ARG B 2  ? 0.8771 0.4035 0.6129 0.0244  0.0926  -0.1956 2    ARG F CD  
655 N  NE  . ARG B 2  ? 0.7980 0.8145 0.9486 0.1035  -0.2083 -0.2526 2    ARG F NE  
656 C  CZ  . ARG B 2  ? 1.1822 0.5392 0.9733 -0.0596 -0.1311 -0.3232 2    ARG F CZ  
657 N  NH1 . ARG B 2  ? 1.1608 0.4252 1.6481 0.0184  0.6543  -0.5471 2    ARG F NH1 
658 N  NH2 . ARG B 2  ? 1.4386 0.7639 0.8844 0.1256  -0.2861 -0.2420 2    ARG F NH2 
659 N  N   . THR B 3  ? 0.1647 0.1763 0.1484 0.0264  0.0399  0.0238  3    THR F N   
660 C  CA  . THR B 3  ? 0.1982 0.1628 0.1356 0.0058  0.0289  0.0174  3    THR F CA  
661 C  C   . THR B 3  ? 0.1700 0.1399 0.1420 0.0311  0.0140  -0.0046 3    THR F C   
662 O  O   . THR B 3  ? 0.1849 0.1476 0.1841 0.0282  0.0167  -0.0273 3    THR F O   
663 C  CB  . THR B 3  ? 0.1367 0.1624 0.1237 0.0237  0.0298  -0.0121 3    THR F CB  
664 O  OG1 . THR B 3  ? 0.1469 0.1868 0.1229 0.0303  0.0244  -0.0094 3    THR F OG1 
665 C  CG2 . THR B 3  ? 0.1608 0.2095 0.1076 0.0595  0.0246  0.0111  3    THR F CG2 
666 N  N   . MLY B 4  ? 0.1834 0.1563 0.1164 0.0062  0.0080  -0.0125 4    MLY F N   
667 C  CA  . MLY B 4  ? 0.1912 0.2119 0.1154 0.0062  0.0087  -0.0201 4    MLY F CA  
668 C  CB  . MLY B 4  ? 0.2141 0.1747 0.1268 -0.0140 0.0271  -0.0264 4    MLY F CB  
669 C  CG  . MLY B 4  ? 0.2068 0.1551 0.1297 0.0048  0.0056  -0.0160 4    MLY F CG  
670 C  CD  . MLY B 4  ? 0.2002 0.1744 0.1466 0.0038  -0.0411 -0.0346 4    MLY F CD  
671 C  CE  . MLY B 4  ? 0.1986 0.2606 0.1627 0.0327  -0.0115 -0.0699 4    MLY F CE  
672 N  NZ  . MLY B 4  ? 0.2364 0.2562 0.1813 0.0323  -0.0592 -0.0768 4    MLY F NZ  
673 C  CH1 . MLY B 4  ? 0.2633 0.5004 0.2214 0.0499  -0.0688 -0.1389 4    MLY F CH1 
674 C  CH2 . MLY B 4  ? 0.2735 0.2362 0.2382 -0.0511 0.0595  -0.0828 4    MLY F CH2 
675 C  C   . MLY B 4  ? 0.1735 0.2193 0.1420 -0.0182 0.0084  -0.0654 4    MLY F C   
676 O  O   . MLY B 4  ? 0.2018 0.3243 0.1604 -0.0330 0.0449  -0.1003 4    MLY F O   
677 N  N   . GLN B 5  ? 0.1902 0.1530 0.1328 -0.0299 -0.0008 -0.0318 5    GLN F N   
678 C  CA  . GLN B 5  ? 0.2118 0.1837 0.1100 -0.0145 0.0026  -0.0467 5    GLN F CA  
679 C  C   . GLN B 5  ? 0.1561 0.2133 0.1480 -0.0160 0.0356  -0.0292 5    GLN F C   
680 O  O   . GLN B 5  ? 0.1800 0.1923 0.2492 -0.0022 0.0574  -0.0308 5    GLN F O   
681 C  CB  . GLN B 5  ? 0.1878 0.1905 0.1526 -0.0015 -0.0015 -0.0749 5    GLN F CB  
682 C  CG  . GLN B 5  ? 0.2211 0.2260 0.2086 -0.0148 -0.0238 -0.0551 5    GLN F CG  
683 C  CD  . GLN B 5  ? 0.2410 0.3240 0.3160 -0.0531 0.0426  -0.0882 5    GLN F CD  
684 O  OE1 . GLN B 5  ? 0.3013 0.4486 0.2650 -0.0292 0.0606  -0.0257 5    GLN F OE1 
685 N  NE2 . GLN B 5  ? 0.2441 0.3458 0.6835 -0.0446 0.0331  -0.2342 5    GLN F NE2 
686 N  N   . THR B 6  ? 0.1922 0.1603 0.2631 0.0098  0.0729  -0.0178 6    THR F N   
687 C  CA  . THR B 6  ? 0.3052 0.1557 0.4550 0.0305  0.1709  0.0262  6    THR F CA  
688 C  C   . THR B 6  ? 0.2644 0.1546 0.3987 0.0642  0.1144  0.0015  6    THR F C   
689 O  O   . THR B 6  ? 0.2681 0.2892 0.6209 -0.0128 0.1352  0.0436  6    THR F O   
690 C  CB  . THR B 6  ? 0.2762 0.2651 0.5978 0.0570  0.2203  0.1568  6    THR F CB  
691 O  OG1 . THR B 6  ? 0.2426 0.4692 0.4486 0.1398  0.1652  0.2471  6    THR F OG1 
692 C  CG2 . THR B 6  ? 0.3722 0.2831 0.5081 0.0582  0.1529  0.1527  6    THR F CG2 
693 ZN ZN  . ZN  C .  ? 0.1611 0.1495 0.1405 0.0049  -0.0203 -0.0192 1383 ZN  A ZN  
694 ZN ZN  . ZN  D .  ? 0.1875 0.2229 0.2040 -0.0487 0.0203  -0.0079 1384 ZN  A ZN  
695 O  O   . HOH E .  ? 0.3602 0.6512 0.4770 -0.0173 -0.0144 -0.1964 2001 HOH A O   
696 O  O   . HOH E .  ? 0.6739 0.5844 0.5959 -0.1338 -0.1580 -0.0031 2002 HOH A O   
697 O  O   . HOH E .  ? 0.3701 0.4684 0.5121 -0.1357 -0.1181 0.1236  2003 HOH A O   
698 O  O   . HOH E .  ? 0.3062 0.5888 0.5511 0.0261  0.1076  0.0865  2004 HOH A O   
699 O  O   . HOH E .  ? 0.6624 0.6105 0.4234 -0.0712 0.0665  0.1686  2005 HOH A O   
700 O  O   . HOH E .  ? 0.5049 0.3489 0.7017 -0.0568 0.0222  -0.0223 2006 HOH A O   
701 O  O   . HOH E .  ? 0.3257 0.7724 0.6873 0.0622  -0.1694 -0.1759 2007 HOH A O   
702 O  O   . HOH E .  ? 0.7541 0.4800 0.7807 -0.0535 -0.3892 -0.0004 2008 HOH A O   
703 O  O   . HOH E .  ? 0.7644 0.5350 0.6464 0.1766  0.3112  -0.0374 2009 HOH A O   
704 O  O   . HOH E .  ? 0.6193 0.6534 0.5850 -0.0531 -0.1507 0.0772  2010 HOH A O   
705 O  O   . HOH E .  ? 0.6590 0.5278 0.5194 -0.0876 0.0699  0.0594  2011 HOH A O   
706 O  O   . HOH E .  ? 0.6861 0.5590 0.7361 -0.0232 0.0106  -0.1689 2012 HOH A O   
707 O  O   . HOH E .  ? 0.2175 0.5731 0.2477 -0.0440 -0.0026 -0.0907 2013 HOH A O   
708 O  O   . HOH E .  ? 0.3530 0.2139 0.3511 0.0345  -0.1386 -0.0132 2014 HOH A O   
709 O  O   . HOH E .  ? 0.3914 0.4912 0.7247 0.2049  -0.0613 0.0483  2015 HOH A O   
710 O  O   . HOH E .  ? 0.2847 0.3328 0.4543 0.0653  0.0764  0.1427  2016 HOH A O   
711 O  O   . HOH E .  ? 0.3705 0.7043 0.5136 -0.0060 0.0015  -0.2500 2017 HOH A O   
712 O  O   . HOH E .  ? 0.3598 0.3328 0.2188 -0.0852 0.0797  -0.0718 2018 HOH A O   
713 O  O   . HOH E .  ? 0.5120 0.3639 0.4176 -0.2046 0.1542  -0.0520 2019 HOH A O   
714 O  O   . HOH E .  ? 0.3601 0.5336 0.9586 0.0550  0.0392  -0.3460 2020 HOH A O   
715 O  O   . HOH E .  ? 0.3251 0.8936 0.8092 0.0315  0.0859  -0.4197 2021 HOH A O   
716 O  O   . HOH E .  ? 0.5355 0.6960 0.7531 -0.0080 -0.2954 -0.0567 2022 HOH A O   
717 O  O   . HOH E .  ? 0.6420 0.4455 0.4692 -0.1440 0.0992  0.1548  2023 HOH A O   
718 O  O   . HOH E .  ? 0.7924 0.3665 0.5471 0.0313  -0.1270 -0.0312 2024 HOH A O   
719 O  O   . HOH E .  ? 0.5358 0.5657 0.2161 0.0751  0.0980  -0.0010 2025 HOH A O   
720 O  O   . HOH E .  ? 0.8154 0.2129 0.3333 -0.0847 0.0442  0.1052  2026 HOH A O   
721 O  O   . HOH E .  ? 0.5211 0.5982 0.4825 -0.0004 -0.1202 -0.1205 2027 HOH A O   
722 O  O   . HOH E .  ? 0.6505 0.3815 0.4042 -0.0901 0.0341  0.1169  2028 HOH A O   
723 O  O   . HOH E .  ? 0.4906 0.4447 0.3180 0.0791  -0.0492 -0.1895 2029 HOH A O   
724 O  O   . HOH E .  ? 0.5376 0.7830 0.3558 -0.1359 0.1359  -0.1928 2030 HOH A O   
725 O  O   . HOH E .  ? 0.4455 0.3041 0.1999 -0.1038 0.0749  -0.0625 2031 HOH A O   
726 O  O   . HOH E .  ? 0.3367 0.4971 0.3174 0.0103  0.0579  -0.1268 2032 HOH A O   
727 O  O   . HOH E .  ? 0.4574 1.0206 0.3611 -0.3960 0.2168  -0.3332 2033 HOH A O   
728 O  O   . HOH E .  ? 0.6126 0.5134 0.3427 0.0589  0.0068  -0.1008 2034 HOH A O   
729 O  O   . HOH E .  ? 0.8171 0.3945 0.4344 0.0963  -0.0367 0.0332  2035 HOH A O   
730 O  O   . HOH E .  ? 0.5791 0.2432 0.3289 0.0808  0.0822  0.0651  2036 HOH A O   
731 O  O   . HOH E .  ? 0.2911 0.2722 0.1939 0.0232  0.0368  0.0251  2037 HOH A O   
732 O  O   . HOH E .  ? 0.3072 0.6243 0.7105 -0.1292 0.0372  -0.1070 2038 HOH A O   
733 O  O   . HOH E .  ? 0.1855 0.2738 0.1368 -0.0143 0.0221  -0.0290 2039 HOH A O   
734 O  O   . HOH E .  ? 0.3940 0.5277 0.5148 -0.1253 -0.0380 -0.1496 2040 HOH A O   
735 O  O   . HOH E .  ? 0.2338 0.1728 0.1632 0.0104  -0.0199 -0.0137 2041 HOH A O   
736 O  O   . HOH E .  ? 0.6693 0.4082 0.6088 0.0032  0.0611  -0.0683 2042 HOH A O   
737 O  O   . HOH E .  ? 0.4516 0.4447 0.5992 0.0324  -0.0744 0.1150  2043 HOH A O   
738 O  O   . HOH E .  ? 0.5689 0.5151 0.6907 -0.2224 -0.0154 -0.0163 2044 HOH A O   
739 O  O   . HOH E .  ? 0.4130 0.6460 0.5608 0.0174  0.0489  -0.0593 2045 HOH A O   
740 O  O   . HOH E .  ? 0.4448 0.4504 0.7384 -0.0322 -0.1339 -0.1118 2046 HOH A O   
741 O  O   . HOH E .  ? 0.6823 0.5975 0.6699 -0.0884 -0.1717 -0.2842 2047 HOH A O   
742 O  O   . HOH E .  ? 0.4328 0.5153 0.4020 0.2438  -0.0254 -0.0546 2048 HOH A O   
743 O  O   . HOH E .  ? 0.5806 0.6170 0.4987 -0.0542 -0.0434 -0.1469 2049 HOH A O   
744 O  O   . HOH E .  ? 0.3949 0.5314 0.6999 0.1847  0.1161  0.1884  2050 HOH A O   
745 O  O   . HOH E .  ? 0.2753 0.2720 0.2142 0.0302  -0.0021 -0.0392 2051 HOH A O   
746 O  O   . HOH E .  ? 0.2975 0.4886 0.2841 -0.0063 -0.0280 -0.0518 2052 HOH A O   
747 O  O   . HOH E .  ? 0.5113 0.5831 0.5138 0.1451  -0.0968 -0.1347 2053 HOH A O   
748 O  O   . HOH E .  ? 0.4174 0.4804 0.4420 -0.1515 -0.0651 0.1317  2054 HOH A O   
749 O  O   . HOH E .  ? 0.2201 0.4434 0.2588 0.0217  -0.0308 -0.0538 2056 HOH A O   
750 O  O   . HOH E .  ? 0.1884 0.1556 0.1301 -0.0065 -0.0052 -0.0359 2057 HOH A O   
751 O  O   . HOH E .  ? 0.3206 0.4333 0.2439 0.0217  0.0570  -0.0561 2058 HOH A O   
752 O  O   . HOH E .  ? 0.2119 0.2543 0.2044 0.0013  -0.0515 -0.0156 2059 HOH A O   
753 O  O   . HOH E .  ? 0.3942 0.4083 0.3463 -0.0061 -0.0281 0.0005  2060 HOH A O   
754 O  O   . HOH E .  ? 0.7108 0.5050 0.4430 -0.2140 0.1159  0.0143  2061 HOH A O   
755 O  O   . HOH E .  ? 0.3124 0.4932 0.3927 0.0422  -0.0845 0.0504  2062 HOH A O   
756 O  O   . HOH E .  ? 0.3306 0.5013 0.5006 0.0959  -0.0026 0.1471  2063 HOH A O   
757 O  O   . HOH E .  ? 0.1842 0.2103 0.2767 -0.0481 -0.0262 -0.0408 2064 HOH A O   
758 O  O   . HOH E .  ? 0.8033 0.6055 0.4162 0.0696  -0.1721 0.0607  2065 HOH A O   
759 O  O   . HOH E .  ? 0.2588 0.2519 0.2655 -0.0479 0.0281  -0.0343 2066 HOH A O   
760 O  O   . HOH E .  ? 0.5305 0.7924 0.4550 -0.0260 0.1038  0.0867  2067 HOH A O   
761 O  O   . HOH E .  ? 0.3129 0.6843 0.4834 0.0003  -0.1186 -0.0960 2068 HOH A O   
762 O  O   . HOH E .  ? 0.5237 0.5420 0.7650 -0.0050 0.1702  -0.2337 2069 HOH A O   
763 O  O   . HOH E .  ? 0.8276 0.4259 0.2116 0.1646  0.2014  0.1555  2070 HOH A O   
764 O  O   . HOH E .  ? 0.4248 0.8469 0.4933 -0.0529 0.1229  -0.0358 2071 HOH A O   
765 O  O   . HOH E .  ? 0.3235 0.3616 0.3529 0.0880  0.0867  -0.0456 2072 HOH A O   
766 O  O   . HOH E .  ? 0.1549 0.2135 0.3946 -0.0118 -0.0044 -0.0556 2073 HOH A O   
767 O  O   . HOH E .  ? 0.3041 0.4627 0.4946 -0.1358 0.1023  -0.3277 2074 HOH A O   
768 O  O   . HOH E .  ? 0.2144 0.1429 0.2766 0.0374  -0.0249 -0.0428 2075 HOH A O   
769 O  O   . HOH E .  ? 0.2468 0.3063 0.1987 0.0326  -0.0246 -0.0056 2076 HOH A O   
770 O  O   . HOH E .  ? 0.5126 0.3683 0.3678 -0.1931 -0.0336 0.0394  2077 HOH A O   
771 O  O   . HOH E .  ? 1.4756 0.7507 0.4288 0.0381  0.3928  0.0078  2078 HOH A O   
772 O  O   . HOH E .  ? 0.6700 0.5597 0.4952 -0.1064 -0.0454 -0.1736 2079 HOH A O   
773 O  O   . HOH E .  ? 0.5334 0.6147 0.6358 0.0053  -0.0002 -0.1213 2080 HOH A O   
774 O  O   . HOH E .  ? 0.2704 0.4281 0.4783 0.0095  0.0152  -0.1733 2081 HOH A O   
775 O  O   . HOH E .  ? 0.2719 0.3269 0.2831 0.0141  -0.0293 -0.0272 2082 HOH A O   
776 O  O   . HOH E .  ? 0.3500 0.5129 0.6819 -0.0481 -0.0711 -0.3170 2083 HOH A O   
777 O  O   . HOH E .  ? 0.2149 0.2846 0.2089 0.0058  0.0303  -0.0102 2084 HOH A O   
778 O  O   . HOH E .  ? 0.6471 0.5032 0.6549 0.1431  0.2396  0.0416  2085 HOH A O   
779 O  O   . HOH E .  ? 0.3905 0.5561 0.4598 -0.0199 0.1345  -0.0024 2086 HOH A O   
780 O  O   . HOH F .  ? 0.4212 0.3257 0.4158 0.0766  -0.0381 -0.0436 2001 HOH F O   
781 O  O   . HOH F .  ? 0.3355 0.3176 0.6093 0.1090  0.1500  -0.0632 2002 HOH F O   
782 O  O   . HOH F .  ? 0.3977 0.4377 0.4031 0.0077  0.1345  -0.1018 2003 HOH F O   
783 O  O   . HOH F .  ? 0.5808 0.6187 0.5708 0.1035  -0.1392 -0.1200 2004 HOH F O   
784 O  O   . HOH F .  ? 0.9073 1.7553 2.4501 -0.4357 0.6042  -1.4657 2005 HOH F O   
785 O  O   . HOH F .  ? 0.3827 0.4500 0.4569 0.0587  0.1123  0.0425  2006 HOH F O   
786 O  O   . HOH F .  ? 0.3236 0.6327 0.5631 -0.0015 -0.0387 -0.1949 2007 HOH F O   
787 O  O   . HOH F .  ? 0.5572 0.5381 0.7653 0.0558  -0.0644 0.0564  2008 HOH F O   
788 O  O   . HOH F .  ? 0.3956 0.7543 0.4406 -0.0454 -0.0243 0.1789  2009 HOH F O   
# 
